data_5N90
#
_entry.id   5N90
#
_cell.length_a   307.025
_cell.length_b   50.993
_cell.length_c   165.266
_cell.angle_alpha   90.00
_cell.angle_beta   115.38
_cell.angle_gamma   90.00
#
_symmetry.space_group_name_H-M   'C 1 2 1'
#
loop_
_entity.id
_entity.type
_entity.pdbx_description
1 polymer 'CG9323, isoform A'
2 polymer "DNA (5'-D(P*TP*TP*GP*TP*GP*GP*TP*GP*T)-3')"
3 non-polymer 'PHOSPHATE ION'
#
loop_
_entity_poly.entity_id
_entity_poly.type
_entity_poly.pdbx_seq_one_letter_code
_entity_poly.pdbx_strand_id
1 'polypeptide(L)'
;MQRDRDSSGSNARKGNRPPGLRGKDIGLYYRNLARQQKKDRGENAESKEPQIRLGCNVSAPSGVLERVKELMEDYSRAPS
RQNVDDKNVDAKFQQQFRHLLSVNFEEFVAETKERNADLDWVNPKLDERLQLELGQRQLEENAKKRLEARKKLPTMKYAD
DIIQAVRENQVILIVGSTGCGKTTQVPQILLDDAISRGCASSCRIICTQPRRISAIAIAEWVSYERCESLGNSVGYQIRL
ESRKARERASITYCTTGVLLQQLQSDPLMHNLSVLILDEIHERSVETDLLMGLLKVILPHRPDLKVILMSATVREQDFCD
YFNNCPMFRIEGVMFPVKMLYLEDVLSKTNYEFQKFRDRRPKRDPPERRMKHEAMIEPYLRRIRNSYDSRVLDKLRLPES
EGCEDIDFIADLVYYICENEPEGAILVFLPGYDKISQLYNILDKPKTSKGQRWRDHMAVFPLHSLMQSGEQQAVFRRPPA
GQRKVIISTIIAETSVTIDDVVYVINSGRTKATNYDIETNIQSLDEVWVTKANTQQRRGRAGRVRPGICYNLFSRAREDR
MDDIPTPEILRSKLESIILSLKLLHIDDPYRFLQTLINAPNPEAIKMGVELLKRIEALDQTGTLTPLGMHLAKLPIDPQM
GKMILMSALFCCLDPITSAAAALSFKSPFYSPLGKESRVDEIKRRMARNMRSDHLMVHNTIIAYRDSRYSHAERDFCYKN
FLSSMTLQQLERMKNQFSELLYNYKFLASSNCKDAASNKNSEKIPLLRAIIGAGLYPNMAHLRKSRQIKNRVRAIHTMAT
DDGRRVNFHPSSVNSGESGFDSAYFVYFQRQKSTDLFLLDSTMVFPMALIIFGDGVEAGVTQNTPYLCVAKTYYFKCNRE
TADVVIQLRSNLEKLLLKKALYPAPIEENGYEKQLIKAIELLLSLDERLGEDYISSDEIDDIVD
;
A,B
2 'polydeoxyribonucleotide' (DT)(DT)(DG)(DT)(DG)(DG)(DT)(DG)(DT) C,D
#
# COMPACT_ATOMS: atom_id res chain seq x y z
N ILE A 52 12.61 -31.49 -54.40
CA ILE A 52 13.30 -31.05 -53.18
C ILE A 52 14.79 -30.79 -53.42
N ARG A 53 15.27 -29.64 -52.97
CA ARG A 53 16.66 -29.22 -53.04
C ARG A 53 17.29 -29.27 -51.64
N LEU A 54 18.49 -29.82 -51.54
CA LEU A 54 19.14 -30.03 -50.26
C LEU A 54 20.25 -29.01 -50.01
N GLY A 55 20.20 -28.39 -48.82
CA GLY A 55 21.17 -27.41 -48.43
C GLY A 55 22.26 -28.00 -47.55
N CYS A 56 23.04 -27.12 -46.94
CA CYS A 56 24.29 -27.48 -46.30
C CYS A 56 24.08 -28.35 -45.07
N ASN A 57 25.17 -29.00 -44.65
CA ASN A 57 25.16 -29.97 -43.55
C ASN A 57 25.19 -29.28 -42.21
N VAL A 58 24.19 -29.58 -41.37
CA VAL A 58 24.06 -29.07 -40.00
C VAL A 58 24.50 -30.07 -38.94
N SER A 59 25.02 -31.24 -39.32
CA SER A 59 25.33 -32.27 -38.32
C SER A 59 26.40 -31.78 -37.35
N ALA A 60 26.35 -32.30 -36.11
CA ALA A 60 27.23 -31.84 -35.04
C ALA A 60 28.22 -32.93 -34.62
N PRO A 61 29.44 -32.53 -34.22
CA PRO A 61 30.44 -33.51 -33.74
C PRO A 61 30.00 -34.30 -32.51
N SER A 62 30.49 -35.55 -32.45
CA SER A 62 30.09 -36.48 -31.40
C SER A 62 30.30 -35.89 -30.01
N GLY A 63 31.43 -35.20 -29.83
CA GLY A 63 31.71 -34.65 -28.52
C GLY A 63 30.66 -33.66 -28.07
N VAL A 64 30.09 -32.91 -29.02
CA VAL A 64 29.08 -31.91 -28.70
C VAL A 64 27.73 -32.58 -28.42
N LEU A 65 27.28 -33.45 -29.32
CA LEU A 65 26.04 -34.20 -29.08
C LEU A 65 26.08 -34.95 -27.75
N GLU A 66 27.26 -35.48 -27.38
CA GLU A 66 27.40 -36.15 -26.08
C GLU A 66 27.09 -35.19 -24.95
N ARG A 67 27.57 -33.95 -25.07
CA ARG A 67 27.37 -33.00 -23.98
C ARG A 67 25.96 -32.45 -23.99
N VAL A 68 25.41 -32.16 -25.17
CA VAL A 68 24.02 -31.76 -25.25
C VAL A 68 23.15 -32.79 -24.54
N LYS A 69 23.40 -34.08 -24.80
CA LYS A 69 22.58 -35.12 -24.18
C LYS A 69 22.76 -35.16 -22.67
N GLU A 70 23.99 -34.98 -22.16
CA GLU A 70 24.19 -34.96 -20.72
C GLU A 70 23.40 -33.81 -20.08
N LEU A 71 23.35 -32.66 -20.77
CA LEU A 71 22.69 -31.46 -20.24
C LEU A 71 21.18 -31.62 -20.24
N MET A 72 20.61 -32.12 -21.34
CA MET A 72 19.18 -32.41 -21.35
C MET A 72 18.79 -33.37 -20.24
N GLU A 73 19.67 -34.30 -19.89
CA GLU A 73 19.29 -35.24 -18.85
C GLU A 73 19.31 -34.58 -17.47
N ASP A 74 20.23 -33.63 -17.25
CA ASP A 74 20.19 -32.84 -16.02
C ASP A 74 18.89 -32.06 -15.96
N TYR A 75 18.52 -31.40 -17.07
CA TYR A 75 17.31 -30.60 -17.07
C TYR A 75 16.09 -31.45 -16.79
N SER A 76 16.02 -32.62 -17.40
CA SER A 76 14.84 -33.46 -17.30
C SER A 76 14.68 -34.10 -15.92
N ARG A 77 15.67 -33.98 -15.04
CA ARG A 77 15.64 -34.55 -13.69
C ARG A 77 15.04 -33.61 -12.64
N ALA A 78 14.49 -32.44 -13.04
CA ALA A 78 13.90 -31.51 -12.08
C ALA A 78 12.49 -31.97 -11.65
N PRO A 79 12.11 -31.71 -10.38
CA PRO A 79 10.75 -31.99 -9.88
C PRO A 79 9.62 -31.29 -10.65
N ASP A 90 6.35 -18.84 -5.81
CA ASP A 90 4.89 -18.87 -5.66
C ASP A 90 4.29 -18.20 -6.90
N ALA A 91 3.17 -18.72 -7.40
CA ALA A 91 2.61 -18.17 -8.61
C ALA A 91 1.28 -17.52 -8.30
N LYS A 92 1.33 -16.19 -8.20
CA LYS A 92 0.13 -15.39 -8.27
C LYS A 92 -0.37 -15.36 -9.69
N PHE A 93 0.56 -15.46 -10.64
CA PHE A 93 0.22 -15.32 -12.05
C PHE A 93 -0.62 -16.48 -12.53
N GLN A 94 -0.38 -17.68 -12.04
CA GLN A 94 -1.23 -18.80 -12.43
C GLN A 94 -2.67 -18.54 -11.97
N GLN A 95 -2.81 -17.96 -10.79
CA GLN A 95 -4.12 -17.60 -10.28
C GLN A 95 -4.75 -16.47 -11.10
N GLN A 96 -3.98 -15.41 -11.40
CA GLN A 96 -4.50 -14.35 -12.28
C GLN A 96 -4.91 -14.90 -13.63
N PHE A 97 -4.09 -15.77 -14.21
CA PHE A 97 -4.41 -16.29 -15.53
C PHE A 97 -5.63 -17.18 -15.49
N ARG A 98 -5.73 -18.05 -14.48
CA ARG A 98 -6.91 -18.92 -14.39
C ARG A 98 -8.16 -18.12 -14.08
N HIS A 99 -8.06 -17.09 -13.23
CA HIS A 99 -9.22 -16.26 -12.91
C HIS A 99 -9.73 -15.48 -14.12
N LEU A 100 -8.85 -15.03 -15.00
CA LEU A 100 -9.33 -14.33 -16.18
C LEU A 100 -10.19 -15.24 -17.04
N LEU A 101 -9.76 -16.49 -17.20
CA LEU A 101 -10.44 -17.43 -18.09
C LEU A 101 -11.70 -18.01 -17.47
N SER A 102 -11.81 -17.99 -16.14
CA SER A 102 -12.98 -18.57 -15.48
C SER A 102 -14.19 -17.63 -15.47
N VAL A 103 -14.00 -16.31 -15.44
CA VAL A 103 -15.13 -15.38 -15.36
C VAL A 103 -15.75 -15.18 -16.73
N ASN A 104 -17.09 -15.08 -16.78
CA ASN A 104 -17.77 -14.62 -17.98
C ASN A 104 -17.88 -13.10 -17.91
N PHE A 105 -18.41 -12.49 -18.98
CA PHE A 105 -18.35 -11.03 -19.08
C PHE A 105 -19.13 -10.37 -17.96
N GLU A 106 -20.22 -10.99 -17.54
CA GLU A 106 -21.07 -10.41 -16.50
C GLU A 106 -20.31 -10.25 -15.19
N GLU A 107 -19.61 -11.30 -14.77
CA GLU A 107 -18.80 -11.27 -13.57
C GLU A 107 -17.60 -10.33 -13.71
N PHE A 108 -17.03 -10.24 -14.93
CA PHE A 108 -15.91 -9.32 -15.21
C PHE A 108 -16.29 -7.88 -14.92
N VAL A 109 -17.49 -7.48 -15.34
CA VAL A 109 -17.96 -6.11 -15.13
C VAL A 109 -18.17 -5.82 -13.64
N ALA A 110 -18.77 -6.77 -12.91
CA ALA A 110 -18.96 -6.60 -11.47
C ALA A 110 -17.63 -6.40 -10.74
N GLU A 111 -16.66 -7.27 -10.98
CA GLU A 111 -15.42 -7.27 -10.20
C GLU A 111 -14.63 -5.98 -10.42
N THR A 112 -14.57 -5.51 -11.66
CA THR A 112 -13.80 -4.29 -11.92
C THR A 112 -14.44 -3.08 -11.26
N LYS A 113 -15.77 -3.12 -11.07
CA LYS A 113 -16.43 -2.04 -10.36
C LYS A 113 -15.90 -1.89 -8.93
N GLU A 114 -15.57 -3.00 -8.28
CA GLU A 114 -15.12 -2.97 -6.89
C GLU A 114 -13.71 -2.40 -6.77
N ARG A 115 -12.78 -2.89 -7.61
CA ARG A 115 -11.39 -2.47 -7.46
C ARG A 115 -11.20 -1.01 -7.82
N ASN A 116 -11.97 -0.49 -8.79
CA ASN A 116 -11.88 0.94 -9.10
C ASN A 116 -13.17 1.55 -8.59
N ALA A 117 -13.14 1.92 -7.30
CA ALA A 117 -14.22 2.60 -6.61
C ALA A 117 -13.84 4.02 -6.21
N ASP A 118 -12.60 4.44 -6.46
CA ASP A 118 -12.08 5.65 -5.82
C ASP A 118 -12.98 6.85 -6.02
N LEU A 119 -13.62 6.94 -7.19
CA LEU A 119 -14.38 8.13 -7.54
C LEU A 119 -15.80 8.12 -6.97
N ASP A 120 -16.19 7.06 -6.23
CA ASP A 120 -17.33 7.09 -5.32
C ASP A 120 -17.12 7.99 -4.10
N TRP A 121 -15.92 8.51 -3.91
CA TRP A 121 -15.55 9.28 -2.72
C TRP A 121 -15.27 10.70 -3.15
N VAL A 122 -15.85 11.66 -2.42
CA VAL A 122 -15.61 13.09 -2.65
C VAL A 122 -15.18 13.75 -1.34
N ASN A 123 -14.55 14.92 -1.49
CA ASN A 123 -13.90 15.64 -0.39
C ASN A 123 -14.51 17.04 -0.25
N PRO A 124 -15.58 17.20 0.55
CA PRO A 124 -16.24 18.51 0.66
C PRO A 124 -15.34 19.62 1.13
N LYS A 125 -14.34 19.32 1.94
CA LYS A 125 -13.40 20.37 2.33
C LYS A 125 -12.60 20.82 1.12
N LEU A 126 -12.35 19.90 0.18
CA LEU A 126 -11.64 20.24 -1.05
C LEU A 126 -12.58 20.86 -2.07
N ASP A 127 -13.80 20.34 -2.19
CA ASP A 127 -14.83 20.97 -3.00
C ASP A 127 -14.89 22.46 -2.66
N GLU A 128 -15.14 22.74 -1.38
CA GLU A 128 -15.31 24.12 -0.93
C GLU A 128 -14.05 24.94 -1.15
N ARG A 129 -12.90 24.41 -0.77
CA ARG A 129 -11.69 25.23 -0.81
C ARG A 129 -11.38 25.69 -2.23
N LEU A 130 -11.72 24.86 -3.22
CA LEU A 130 -11.45 25.22 -4.60
C LEU A 130 -12.54 26.12 -5.16
N GLN A 131 -13.81 25.82 -4.84
CA GLN A 131 -14.90 26.76 -5.15
C GLN A 131 -14.55 28.15 -4.70
N LEU A 132 -13.93 28.23 -3.53
CA LEU A 132 -13.59 29.51 -2.94
C LEU A 132 -12.40 30.15 -3.64
N GLU A 133 -11.36 29.38 -3.97
CA GLU A 133 -10.19 29.96 -4.62
C GLU A 133 -10.46 30.35 -6.06
N LEU A 134 -11.49 29.79 -6.70
CA LEU A 134 -11.83 30.19 -8.07
C LEU A 134 -12.46 31.59 -8.06
N GLY A 135 -13.54 31.75 -7.29
CA GLY A 135 -14.19 33.05 -7.18
C GLY A 135 -13.23 34.13 -6.70
N GLN A 136 -12.31 33.76 -5.81
CA GLN A 136 -11.34 34.71 -5.28
C GLN A 136 -10.35 35.15 -6.35
N ARG A 137 -9.78 34.21 -7.09
CA ARG A 137 -8.75 34.57 -8.06
C ARG A 137 -9.33 35.12 -9.35
N GLN A 138 -10.65 35.11 -9.50
CA GLN A 138 -11.26 35.76 -10.67
C GLN A 138 -11.27 37.28 -10.58
N LEU A 139 -10.99 37.86 -9.41
CA LEU A 139 -10.93 39.31 -9.26
C LEU A 139 -9.50 39.86 -9.40
N GLU A 140 -8.49 38.99 -9.39
CA GLU A 140 -7.10 39.37 -9.48
C GLU A 140 -6.78 39.91 -10.86
N GLU A 141 -5.65 40.60 -10.98
CA GLU A 141 -5.17 40.95 -12.32
C GLU A 141 -3.97 40.07 -12.63
N ASN A 142 -4.30 38.88 -13.12
CA ASN A 142 -3.56 37.95 -13.98
C ASN A 142 -4.64 37.37 -14.88
N ALA A 143 -5.65 36.81 -14.21
CA ALA A 143 -7.01 36.55 -14.71
C ALA A 143 -7.81 37.84 -14.95
N LYS A 144 -8.93 37.65 -15.64
CA LYS A 144 -9.93 38.65 -16.08
C LYS A 144 -9.44 39.41 -17.31
N LYS A 145 -8.13 39.43 -17.54
CA LYS A 145 -7.64 39.62 -18.90
C LYS A 145 -7.58 38.28 -19.62
N ARG A 146 -7.08 37.25 -18.94
CA ARG A 146 -7.07 35.92 -19.52
C ARG A 146 -8.45 35.29 -19.58
N LEU A 147 -9.38 35.68 -18.71
CA LEU A 147 -10.76 35.31 -18.99
C LEU A 147 -11.28 36.08 -20.20
N GLU A 148 -10.85 37.33 -20.37
CA GLU A 148 -11.41 38.16 -21.43
C GLU A 148 -10.89 37.76 -22.80
N ALA A 149 -9.60 37.46 -22.90
CA ALA A 149 -9.05 36.98 -24.18
C ALA A 149 -9.51 35.55 -24.46
N ARG A 150 -9.86 34.78 -23.42
CA ARG A 150 -10.50 33.50 -23.67
C ARG A 150 -11.90 33.68 -24.23
N LYS A 151 -12.61 34.73 -23.81
CA LYS A 151 -13.95 34.99 -24.34
C LYS A 151 -13.92 35.34 -25.82
N LYS A 152 -12.76 35.71 -26.37
CA LYS A 152 -12.63 35.93 -27.81
C LYS A 152 -12.72 34.63 -28.62
N LEU A 153 -12.37 33.49 -28.04
CA LEU A 153 -12.45 32.23 -28.78
C LEU A 153 -13.91 31.82 -29.01
N PRO A 154 -14.26 31.38 -30.22
CA PRO A 154 -15.66 30.99 -30.50
C PRO A 154 -16.27 29.99 -29.51
N THR A 155 -15.47 29.03 -29.04
CA THR A 155 -16.00 27.97 -28.19
C THR A 155 -16.69 28.54 -26.95
N MET A 156 -16.11 29.61 -26.38
CA MET A 156 -16.58 30.15 -25.11
C MET A 156 -18.00 30.71 -25.21
N LYS A 157 -18.38 31.21 -26.39
CA LYS A 157 -19.76 31.64 -26.63
C LYS A 157 -20.77 30.55 -26.28
N TYR A 158 -20.38 29.29 -26.46
CA TYR A 158 -21.29 28.18 -26.28
C TYR A 158 -21.20 27.52 -24.90
N ALA A 159 -20.35 28.04 -24.00
CA ALA A 159 -20.05 27.32 -22.77
C ALA A 159 -21.31 26.81 -22.08
N ASP A 160 -22.30 27.68 -21.88
CA ASP A 160 -23.47 27.26 -21.11
C ASP A 160 -24.32 26.27 -21.90
N ASP A 161 -24.33 26.41 -23.22
CA ASP A 161 -25.06 25.45 -24.03
C ASP A 161 -24.34 24.11 -24.05
N ILE A 162 -22.98 24.12 -23.96
CA ILE A 162 -22.21 22.87 -23.88
C ILE A 162 -22.41 22.18 -22.53
N ILE A 163 -22.35 22.94 -21.45
CA ILE A 163 -22.56 22.37 -20.12
C ILE A 163 -23.91 21.67 -20.07
N GLN A 164 -24.94 22.31 -20.63
CA GLN A 164 -26.29 21.75 -20.58
C GLN A 164 -26.40 20.47 -21.40
N ALA A 165 -25.74 20.43 -22.56
CA ALA A 165 -25.78 19.25 -23.42
C ALA A 165 -25.13 18.05 -22.77
N VAL A 166 -24.02 18.28 -22.04
CA VAL A 166 -23.37 17.21 -21.29
C VAL A 166 -24.27 16.75 -20.16
N ARG A 167 -24.83 17.69 -19.39
CA ARG A 167 -25.74 17.34 -18.30
C ARG A 167 -26.90 16.47 -18.79
N GLU A 168 -27.47 16.78 -19.96
CA GLU A 168 -28.63 16.03 -20.43
C GLU A 168 -28.25 14.82 -21.28
N ASN A 169 -26.98 14.67 -21.69
CA ASN A 169 -26.63 13.56 -22.56
C ASN A 169 -25.31 12.90 -22.20
N GLN A 170 -25.29 11.58 -22.35
CA GLN A 170 -24.09 10.80 -22.10
C GLN A 170 -23.01 11.06 -23.14
N VAL A 171 -23.38 11.00 -24.43
CA VAL A 171 -22.45 11.25 -25.52
C VAL A 171 -22.93 12.48 -26.27
N ILE A 172 -22.02 13.42 -26.53
CA ILE A 172 -22.27 14.53 -27.45
C ILE A 172 -21.03 14.71 -28.31
N LEU A 173 -21.21 15.43 -29.40
CA LEU A 173 -20.19 15.67 -30.41
C LEU A 173 -20.00 17.16 -30.60
N ILE A 174 -18.76 17.62 -30.63
CA ILE A 174 -18.42 19.02 -30.87
C ILE A 174 -17.56 19.08 -32.11
N VAL A 175 -18.02 19.81 -33.12
CA VAL A 175 -17.40 19.86 -34.44
C VAL A 175 -16.88 21.27 -34.66
N GLY A 176 -15.60 21.40 -34.96
CA GLY A 176 -15.02 22.70 -35.21
C GLY A 176 -13.63 22.61 -35.81
N SER A 177 -13.21 23.64 -36.55
CA SER A 177 -11.91 23.63 -37.19
C SER A 177 -10.91 24.41 -36.36
N THR A 178 -9.68 24.49 -36.86
CA THR A 178 -8.56 25.07 -36.14
C THR A 178 -8.89 26.48 -35.67
N GLY A 179 -8.49 26.79 -34.44
CA GLY A 179 -8.72 28.10 -33.89
C GLY A 179 -10.07 28.28 -33.24
N CYS A 180 -10.98 27.32 -33.34
CA CYS A 180 -12.22 27.51 -32.60
C CYS A 180 -11.99 27.37 -31.09
N GLY A 181 -10.83 26.82 -30.70
CA GLY A 181 -10.42 26.68 -29.32
C GLY A 181 -10.98 25.48 -28.58
N LYS A 182 -11.76 24.62 -29.25
CA LYS A 182 -12.51 23.55 -28.57
C LYS A 182 -11.58 22.68 -27.71
N THR A 183 -10.40 22.37 -28.22
CA THR A 183 -9.48 21.49 -27.50
C THR A 183 -8.99 22.12 -26.19
N THR A 184 -8.57 23.37 -26.24
CA THR A 184 -8.13 24.05 -25.03
C THR A 184 -9.30 24.43 -24.12
N GLN A 185 -10.42 24.88 -24.69
CA GLN A 185 -11.52 25.46 -23.93
C GLN A 185 -12.51 24.45 -23.36
N VAL A 186 -12.90 23.40 -24.09
CA VAL A 186 -14.00 22.54 -23.62
C VAL A 186 -13.68 21.85 -22.31
N PRO A 187 -12.45 21.37 -22.06
CA PRO A 187 -12.15 20.85 -20.72
C PRO A 187 -12.28 21.89 -19.62
N GLN A 188 -11.70 23.08 -19.82
CA GLN A 188 -11.79 24.15 -18.82
C GLN A 188 -13.24 24.50 -18.50
N ILE A 189 -14.12 24.51 -19.50
CA ILE A 189 -15.51 24.83 -19.25
C ILE A 189 -16.13 23.82 -18.29
N LEU A 190 -15.99 22.53 -18.60
CA LEU A 190 -16.60 21.49 -17.79
C LEU A 190 -16.00 21.44 -16.38
N LEU A 191 -14.71 21.79 -16.27
CA LEU A 191 -14.02 21.80 -14.99
C LEU A 191 -14.40 22.99 -14.13
N ASP A 192 -14.26 24.22 -14.67
CA ASP A 192 -14.68 25.39 -13.89
C ASP A 192 -16.15 25.31 -13.52
N ASP A 193 -16.98 24.62 -14.33
CA ASP A 193 -18.37 24.46 -13.93
C ASP A 193 -18.47 23.67 -12.65
N ALA A 194 -17.88 22.47 -12.65
CA ALA A 194 -17.96 21.58 -11.48
C ALA A 194 -17.31 22.20 -10.25
N ILE A 195 -16.21 22.94 -10.43
CA ILE A 195 -15.64 23.67 -9.30
C ILE A 195 -16.67 24.64 -8.74
N SER A 196 -17.24 25.48 -9.61
CA SER A 196 -18.16 26.55 -9.22
C SER A 196 -19.40 26.03 -8.51
N ARG A 197 -20.00 24.96 -9.03
CA ARG A 197 -21.09 24.32 -8.29
C ARG A 197 -20.61 23.69 -6.99
N GLY A 198 -19.30 23.69 -6.71
CA GLY A 198 -18.75 23.03 -5.53
C GLY A 198 -18.71 21.51 -5.61
N CYS A 199 -18.42 20.97 -6.80
CA CYS A 199 -18.13 19.55 -7.07
C CYS A 199 -16.67 19.21 -7.34
N ALA A 200 -15.73 20.15 -7.25
CA ALA A 200 -14.42 19.99 -7.88
C ALA A 200 -13.81 18.60 -7.68
N SER A 201 -14.00 18.02 -6.49
CA SER A 201 -13.38 16.74 -6.21
C SER A 201 -14.04 15.60 -6.97
N SER A 202 -15.24 15.80 -7.54
CA SER A 202 -15.84 14.74 -8.33
C SER A 202 -15.44 14.79 -9.80
N CYS A 203 -14.74 15.83 -10.23
CA CYS A 203 -14.44 16.08 -11.64
C CYS A 203 -13.02 15.64 -11.95
N ARG A 204 -12.90 14.63 -12.81
CA ARG A 204 -11.62 14.18 -13.35
C ARG A 204 -11.80 14.04 -14.85
N ILE A 205 -11.10 14.87 -15.62
CA ILE A 205 -11.27 14.93 -17.08
C ILE A 205 -10.02 14.39 -17.78
N ILE A 206 -10.23 13.45 -18.69
CA ILE A 206 -9.19 12.93 -19.57
C ILE A 206 -9.48 13.35 -20.99
N CYS A 207 -8.49 13.94 -21.66
CA CYS A 207 -8.63 14.35 -23.04
C CYS A 207 -7.52 13.70 -23.87
N THR A 208 -7.90 12.78 -24.77
CA THR A 208 -6.94 12.02 -25.58
C THR A 208 -6.53 12.79 -26.83
N GLN A 209 -5.28 12.61 -27.25
CA GLN A 209 -4.73 13.28 -28.43
C GLN A 209 -4.03 12.27 -29.33
N PRO A 210 -4.06 12.48 -30.65
CA PRO A 210 -3.41 11.50 -31.53
C PRO A 210 -1.91 11.50 -31.37
N ARG A 211 -1.31 12.65 -31.11
CA ARG A 211 0.11 12.88 -31.25
C ARG A 211 0.74 13.31 -29.93
N ARG A 212 1.97 12.87 -29.68
CA ARG A 212 2.64 13.15 -28.41
C ARG A 212 2.86 14.65 -28.21
N ILE A 213 3.47 15.31 -29.21
CA ILE A 213 3.70 16.76 -29.17
C ILE A 213 2.42 17.54 -28.89
N SER A 214 1.29 17.13 -29.50
CA SER A 214 0.05 17.84 -29.22
C SER A 214 -0.26 17.80 -27.74
N ALA A 215 -0.14 16.62 -27.14
CA ALA A 215 -0.60 16.44 -25.77
C ALA A 215 0.17 17.34 -24.81
N ILE A 216 1.48 17.43 -24.98
CA ILE A 216 2.30 18.26 -24.11
C ILE A 216 1.95 19.73 -24.32
N ALA A 217 2.11 20.20 -25.57
CA ALA A 217 1.96 21.61 -25.88
C ALA A 217 0.59 22.14 -25.51
N ILE A 218 -0.47 21.37 -25.82
CA ILE A 218 -1.79 21.77 -25.39
C ILE A 218 -1.88 21.83 -23.87
N ALA A 219 -1.17 20.93 -23.18
CA ALA A 219 -1.24 20.94 -21.72
C ALA A 219 -0.43 22.07 -21.12
N GLU A 220 0.73 22.39 -21.71
CA GLU A 220 1.44 23.56 -21.25
C GLU A 220 0.63 24.82 -21.46
N TRP A 221 -0.02 24.94 -22.61
CA TRP A 221 -0.84 26.12 -22.91
C TRP A 221 -1.98 26.25 -21.93
N VAL A 222 -2.84 25.24 -21.82
CA VAL A 222 -4.00 25.34 -20.94
C VAL A 222 -3.55 25.66 -19.53
N SER A 223 -2.33 25.25 -19.18
CA SER A 223 -1.82 25.55 -17.84
C SER A 223 -1.47 27.04 -17.72
N TYR A 224 -0.72 27.56 -18.69
CA TYR A 224 -0.46 29.00 -18.74
C TYR A 224 -1.75 29.83 -18.66
N GLU A 225 -2.79 29.44 -19.40
CA GLU A 225 -4.05 30.18 -19.37
C GLU A 225 -4.71 30.21 -17.99
N ARG A 226 -4.32 29.29 -17.11
CA ARG A 226 -4.84 29.22 -15.75
C ARG A 226 -3.89 29.78 -14.69
N CYS A 227 -2.75 30.35 -15.09
CA CYS A 227 -1.77 30.96 -14.18
C CYS A 227 -1.19 29.93 -13.22
N GLU A 228 -1.01 28.71 -13.71
CA GLU A 228 -0.45 27.62 -12.93
C GLU A 228 0.75 27.03 -13.67
N SER A 229 1.67 26.44 -12.91
CA SER A 229 2.68 25.60 -13.50
C SER A 229 2.03 24.26 -13.87
N LEU A 230 2.68 23.53 -14.78
CA LEU A 230 2.22 22.20 -15.12
C LEU A 230 2.24 21.30 -13.90
N GLY A 231 1.25 20.44 -13.80
CA GLY A 231 1.20 19.52 -12.68
C GLY A 231 0.16 19.85 -11.64
N ASN A 232 -0.63 20.93 -11.81
CA ASN A 232 -1.65 21.22 -10.79
C ASN A 232 -3.06 20.82 -11.19
N SER A 233 -3.76 21.67 -11.94
CA SER A 233 -5.08 21.31 -12.47
C SER A 233 -5.01 20.77 -13.89
N VAL A 234 -3.86 20.97 -14.55
CA VAL A 234 -3.57 20.50 -15.90
C VAL A 234 -2.30 19.66 -15.86
N GLY A 235 -2.35 18.48 -16.47
CA GLY A 235 -1.16 17.68 -16.68
C GLY A 235 -1.29 16.87 -17.95
N TYR A 236 -0.15 16.31 -18.38
CA TYR A 236 -0.12 15.38 -19.51
C TYR A 236 0.61 14.10 -19.15
N GLN A 237 0.16 13.03 -19.80
CA GLN A 237 0.79 11.72 -19.68
C GLN A 237 0.89 11.14 -21.08
N ILE A 238 2.11 10.84 -21.51
CA ILE A 238 2.36 10.12 -22.74
C ILE A 238 3.28 8.96 -22.39
N ARG A 239 3.65 8.18 -23.38
CA ARG A 239 4.48 7.02 -23.12
C ARG A 239 5.85 7.46 -22.59
N LEU A 240 6.19 6.95 -21.41
CA LEU A 240 7.48 7.17 -20.75
C LEU A 240 7.77 8.64 -20.43
N GLU A 241 6.77 9.50 -20.39
CA GLU A 241 6.94 10.84 -19.86
C GLU A 241 5.61 11.33 -19.34
N SER A 242 5.60 11.93 -18.15
CA SER A 242 4.36 12.56 -17.71
C SER A 242 4.66 13.69 -16.75
N ARG A 243 3.88 14.78 -16.82
CA ARG A 243 3.73 15.68 -15.67
C ARG A 243 2.29 15.54 -15.24
N LYS A 244 2.04 14.74 -14.21
CA LYS A 244 0.66 14.42 -13.90
C LYS A 244 0.00 15.56 -13.17
N ALA A 245 -1.27 15.76 -13.44
CA ALA A 245 -2.00 16.75 -12.67
C ALA A 245 -2.39 16.15 -11.33
N ARG A 246 -2.98 16.99 -10.47
CA ARG A 246 -3.47 16.55 -9.18
C ARG A 246 -4.60 15.53 -9.36
N GLU A 247 -4.88 14.78 -8.30
CA GLU A 247 -5.76 13.62 -8.44
C GLU A 247 -7.19 14.05 -8.77
N ARG A 248 -7.70 15.07 -8.11
CA ARG A 248 -9.08 15.51 -8.34
C ARG A 248 -9.12 16.93 -8.87
N ALA A 249 -10.27 17.28 -9.48
CA ALA A 249 -10.50 18.59 -10.07
C ALA A 249 -9.40 18.94 -11.06
N SER A 250 -9.23 18.07 -12.07
CA SER A 250 -8.08 18.23 -12.97
C SER A 250 -8.41 17.83 -14.39
N ILE A 251 -7.60 18.35 -15.32
CA ILE A 251 -7.63 18.03 -16.74
C ILE A 251 -6.31 17.36 -17.12
N THR A 252 -6.41 16.24 -17.85
CA THR A 252 -5.24 15.48 -18.24
C THR A 252 -5.29 15.24 -19.74
N TYR A 253 -4.28 15.73 -20.47
CA TYR A 253 -4.12 15.43 -21.89
C TYR A 253 -3.18 14.23 -22.04
N CYS A 254 -3.56 13.27 -22.89
CA CYS A 254 -2.71 12.10 -23.07
C CYS A 254 -2.82 11.63 -24.52
N THR A 255 -1.86 10.81 -24.95
CA THR A 255 -2.01 10.17 -26.25
C THR A 255 -3.08 9.09 -26.14
N THR A 256 -3.74 8.82 -27.27
CA THR A 256 -4.85 7.88 -27.26
C THR A 256 -4.39 6.51 -26.79
N GLY A 257 -3.16 6.14 -27.15
CA GLY A 257 -2.65 4.84 -26.74
C GLY A 257 -2.55 4.66 -25.24
N VAL A 258 -2.15 5.72 -24.50
CA VAL A 258 -2.07 5.60 -23.06
C VAL A 258 -3.40 5.19 -22.48
N LEU A 259 -4.49 5.82 -22.94
CA LEU A 259 -5.81 5.52 -22.40
C LEU A 259 -6.19 4.07 -22.66
N LEU A 260 -5.81 3.53 -23.82
CA LEU A 260 -6.09 2.13 -24.11
C LEU A 260 -5.35 1.22 -23.13
N GLN A 261 -4.05 1.46 -22.89
CA GLN A 261 -3.33 0.57 -22.00
C GLN A 261 -3.91 0.62 -20.60
N GLN A 262 -4.31 1.79 -20.13
CA GLN A 262 -4.90 1.92 -18.80
C GLN A 262 -6.22 1.19 -18.68
N LEU A 263 -6.80 0.73 -19.80
CA LEU A 263 -8.04 -0.04 -19.76
C LEU A 263 -7.83 -1.42 -19.16
N GLN A 264 -6.62 -1.97 -19.26
CA GLN A 264 -6.37 -3.26 -18.66
C GLN A 264 -6.66 -3.24 -17.17
N SER A 265 -6.17 -2.22 -16.47
CA SER A 265 -6.47 -2.08 -15.05
C SER A 265 -7.87 -1.56 -14.77
N ASP A 266 -8.46 -0.82 -15.70
CA ASP A 266 -9.70 -0.09 -15.47
C ASP A 266 -10.55 -0.17 -16.74
N PRO A 267 -11.02 -1.36 -17.10
CA PRO A 267 -11.65 -1.53 -18.42
C PRO A 267 -12.97 -0.81 -18.59
N LEU A 268 -13.64 -0.42 -17.51
CA LEU A 268 -14.88 0.34 -17.59
C LEU A 268 -14.70 1.81 -17.23
N MET A 269 -13.48 2.29 -17.12
CA MET A 269 -13.23 3.74 -17.01
C MET A 269 -13.85 4.31 -15.74
N HIS A 270 -13.73 3.59 -14.63
CA HIS A 270 -14.27 4.11 -13.38
C HIS A 270 -13.40 5.22 -12.78
N ASN A 271 -12.20 5.42 -13.28
CA ASN A 271 -11.29 6.36 -12.67
C ASN A 271 -11.36 7.73 -13.32
N LEU A 272 -12.36 7.98 -14.18
CA LEU A 272 -12.58 9.27 -14.84
C LEU A 272 -14.06 9.63 -14.88
N SER A 273 -14.37 10.94 -14.73
CA SER A 273 -15.75 11.39 -14.92
C SER A 273 -16.06 11.93 -16.32
N VAL A 274 -15.06 12.33 -17.11
CA VAL A 274 -15.29 12.90 -18.43
C VAL A 274 -14.20 12.38 -19.37
N LEU A 275 -14.61 11.74 -20.45
CA LEU A 275 -13.70 11.32 -21.50
C LEU A 275 -13.88 12.25 -22.69
N ILE A 276 -12.78 12.81 -23.19
CA ILE A 276 -12.80 13.66 -24.38
C ILE A 276 -11.89 13.04 -25.44
N LEU A 277 -12.46 12.48 -26.52
CA LEU A 277 -11.67 12.03 -27.66
C LEU A 277 -11.50 13.15 -28.67
N ASP A 278 -10.28 13.51 -28.99
CA ASP A 278 -10.06 14.57 -29.95
C ASP A 278 -9.47 14.02 -31.26
N GLU A 279 -9.78 14.73 -32.35
CA GLU A 279 -9.30 14.43 -33.70
C GLU A 279 -9.75 13.05 -34.16
N ILE A 280 -10.97 12.68 -33.82
CA ILE A 280 -11.47 11.39 -34.23
C ILE A 280 -11.66 11.32 -35.74
N HIS A 281 -11.73 12.46 -36.43
CA HIS A 281 -11.89 12.48 -37.89
C HIS A 281 -10.66 11.95 -38.60
N GLU A 282 -9.48 12.05 -37.98
CA GLU A 282 -8.26 11.53 -38.56
C GLU A 282 -8.26 10.01 -38.63
N ARG A 283 -9.18 9.35 -37.91
CA ARG A 283 -9.42 7.90 -37.99
C ARG A 283 -8.21 7.06 -37.61
N SER A 284 -7.46 7.50 -36.59
CA SER A 284 -6.38 6.66 -36.10
C SER A 284 -6.97 5.38 -35.55
N VAL A 285 -6.16 4.32 -35.57
CA VAL A 285 -6.61 3.02 -35.07
C VAL A 285 -7.16 3.16 -33.65
N GLU A 286 -6.48 3.95 -32.83
CA GLU A 286 -6.81 4.04 -31.41
C GLU A 286 -8.19 4.70 -31.19
N THR A 287 -8.48 5.80 -31.87
CA THR A 287 -9.79 6.41 -31.65
C THR A 287 -10.94 5.58 -32.25
N ASP A 288 -10.72 4.89 -33.37
CA ASP A 288 -11.73 3.95 -33.87
C ASP A 288 -12.00 2.86 -32.84
N LEU A 289 -10.94 2.20 -32.36
CA LEU A 289 -11.08 1.21 -31.28
C LEU A 289 -11.81 1.76 -30.07
N LEU A 290 -11.31 2.89 -29.53
CA LEU A 290 -11.94 3.46 -28.35
C LEU A 290 -13.43 3.69 -28.54
N MET A 291 -13.85 4.16 -29.73
CA MET A 291 -15.28 4.39 -29.97
C MET A 291 -16.07 3.06 -30.03
N GLY A 292 -15.50 2.04 -30.65
CA GLY A 292 -16.10 0.72 -30.52
C GLY A 292 -16.22 0.28 -29.06
N LEU A 293 -15.12 0.39 -28.31
CA LEU A 293 -15.13 -0.07 -26.92
C LEU A 293 -16.12 0.72 -26.06
N LEU A 294 -16.33 2.02 -26.36
CA LEU A 294 -17.33 2.80 -25.63
C LEU A 294 -18.73 2.26 -25.84
N LYS A 295 -19.01 1.65 -27.00
CA LYS A 295 -20.31 1.02 -27.18
C LYS A 295 -20.51 -0.12 -26.18
N VAL A 296 -19.41 -0.81 -25.79
CA VAL A 296 -19.47 -1.87 -24.77
C VAL A 296 -19.48 -1.28 -23.36
N ILE A 297 -18.67 -0.26 -23.13
CA ILE A 297 -18.52 0.31 -21.79
C ILE A 297 -19.77 1.11 -21.39
N LEU A 298 -20.22 2.02 -22.26
CA LEU A 298 -21.20 3.03 -21.85
C LEU A 298 -22.51 2.48 -21.28
N PRO A 299 -23.05 1.34 -21.73
CA PRO A 299 -24.20 0.75 -21.04
C PRO A 299 -23.99 0.48 -19.56
N HIS A 300 -22.77 0.14 -19.16
CA HIS A 300 -22.49 -0.12 -17.76
C HIS A 300 -22.02 1.12 -17.01
N ARG A 301 -22.00 2.28 -17.62
CA ARG A 301 -21.44 3.48 -16.99
C ARG A 301 -22.38 4.67 -17.22
N PRO A 302 -23.55 4.66 -16.59
CA PRO A 302 -24.54 5.72 -16.86
C PRO A 302 -24.07 7.12 -16.50
N ASP A 303 -23.25 7.26 -15.45
CA ASP A 303 -22.76 8.55 -14.99
C ASP A 303 -21.58 9.06 -15.81
N LEU A 304 -21.04 8.24 -16.72
CA LEU A 304 -19.88 8.62 -17.51
C LEU A 304 -20.28 9.59 -18.60
N LYS A 305 -19.53 10.68 -18.72
CA LYS A 305 -19.78 11.69 -19.75
C LYS A 305 -18.71 11.59 -20.84
N VAL A 306 -19.16 11.47 -22.09
CA VAL A 306 -18.28 11.48 -23.27
C VAL A 306 -18.51 12.74 -24.08
N ILE A 307 -17.43 13.40 -24.48
CA ILE A 307 -17.44 14.44 -25.50
C ILE A 307 -16.56 13.96 -26.65
N LEU A 308 -17.17 13.68 -27.81
CA LEU A 308 -16.43 13.45 -29.04
C LEU A 308 -16.06 14.78 -29.68
N MET A 309 -14.93 14.82 -30.36
CA MET A 309 -14.47 16.07 -30.97
C MET A 309 -13.86 15.81 -32.34
N SER A 310 -14.18 16.68 -33.29
CA SER A 310 -13.88 16.41 -34.69
C SER A 310 -13.66 17.70 -35.44
N ALA A 311 -12.83 17.64 -36.49
CA ALA A 311 -12.87 18.67 -37.51
C ALA A 311 -14.15 18.50 -38.32
N THR A 312 -14.37 19.35 -39.32
CA THR A 312 -15.55 19.09 -40.16
C THR A 312 -15.04 18.28 -41.33
N VAL A 313 -14.96 16.96 -41.09
CA VAL A 313 -14.50 15.98 -42.06
C VAL A 313 -15.36 14.75 -41.80
N ARG A 314 -16.29 14.47 -42.68
CA ARG A 314 -17.25 13.39 -42.47
C ARG A 314 -17.75 13.38 -41.04
N GLU A 315 -17.99 14.58 -40.48
CA GLU A 315 -18.44 14.65 -39.09
C GLU A 315 -19.73 13.87 -38.88
N GLN A 316 -20.56 13.72 -39.91
CA GLN A 316 -21.80 12.99 -39.66
C GLN A 316 -21.55 11.53 -39.28
N ASP A 317 -20.47 10.93 -39.80
CA ASP A 317 -20.15 9.52 -39.52
C ASP A 317 -20.20 9.22 -38.03
N PHE A 318 -19.69 10.16 -37.22
CA PHE A 318 -19.60 9.99 -35.77
C PHE A 318 -20.92 10.30 -35.10
N CYS A 319 -21.57 11.37 -35.53
CA CYS A 319 -22.92 11.63 -35.06
C CYS A 319 -23.84 10.45 -35.35
N ASP A 320 -23.72 9.83 -36.54
CA ASP A 320 -24.47 8.61 -36.85
C ASP A 320 -24.07 7.47 -35.91
N TYR A 321 -22.75 7.25 -35.75
CA TYR A 321 -22.27 6.06 -35.06
C TYR A 321 -22.78 6.00 -33.63
N PHE A 322 -22.87 7.16 -32.95
CA PHE A 322 -23.42 7.16 -31.58
C PHE A 322 -24.84 7.66 -31.64
N ASN A 323 -25.78 6.72 -31.83
CA ASN A 323 -27.18 7.05 -32.06
C ASN A 323 -27.23 8.28 -32.97
N ASN A 324 -28.07 9.27 -32.70
CA ASN A 324 -28.06 10.52 -33.44
C ASN A 324 -27.61 11.73 -32.63
N CYS A 325 -26.79 11.51 -31.63
CA CYS A 325 -26.41 12.38 -30.53
C CYS A 325 -26.15 13.86 -30.83
N PRO A 326 -26.41 14.75 -29.87
CA PRO A 326 -26.26 16.19 -30.10
C PRO A 326 -24.93 16.55 -30.75
N MET A 327 -24.97 17.54 -31.65
CA MET A 327 -23.77 17.94 -32.38
C MET A 327 -23.65 19.45 -32.38
N PHE A 328 -22.59 19.93 -31.75
CA PHE A 328 -22.21 21.34 -31.78
C PHE A 328 -21.26 21.61 -32.92
N ARG A 329 -21.59 22.60 -33.74
CA ARG A 329 -20.68 23.15 -34.74
C ARG A 329 -20.18 24.49 -34.26
N ILE A 330 -18.87 24.68 -34.27
CA ILE A 330 -18.26 25.89 -33.74
C ILE A 330 -17.39 26.53 -34.83
N GLU A 331 -17.70 27.79 -35.15
CA GLU A 331 -17.06 28.51 -36.26
C GLU A 331 -15.57 28.74 -36.03
N GLY A 332 -14.78 28.67 -37.10
CA GLY A 332 -13.34 28.74 -36.98
C GLY A 332 -12.77 30.13 -36.84
N VAL A 333 -11.48 30.18 -36.53
CA VAL A 333 -10.70 31.42 -36.47
C VAL A 333 -9.46 31.19 -37.31
N MET A 334 -9.38 31.85 -38.43
CA MET A 334 -8.22 31.64 -39.27
C MET A 334 -8.09 32.78 -40.26
N PHE A 335 -6.93 32.94 -40.74
CA PHE A 335 -6.92 33.92 -41.80
C PHE A 335 -7.38 33.22 -43.08
N PRO A 336 -8.20 33.89 -43.88
CA PRO A 336 -8.70 33.24 -45.09
C PRO A 336 -7.54 32.83 -46.00
N VAL A 337 -7.64 31.65 -46.59
CA VAL A 337 -6.65 31.20 -47.55
C VAL A 337 -7.37 30.98 -48.88
N LYS A 338 -7.02 31.82 -49.86
CA LYS A 338 -7.60 31.76 -51.19
C LYS A 338 -7.20 30.44 -51.85
N MET A 339 -8.17 29.71 -52.38
CA MET A 339 -7.90 28.47 -53.10
C MET A 339 -7.79 28.71 -54.59
N LEU A 340 -6.66 28.34 -55.19
CA LEU A 340 -6.50 28.30 -56.64
C LEU A 340 -6.26 26.87 -57.08
N TYR A 341 -6.57 26.60 -58.35
CA TYR A 341 -6.39 25.28 -58.95
C TYR A 341 -5.43 25.37 -60.14
N LEU A 342 -5.27 24.25 -60.86
CA LEU A 342 -4.30 24.18 -61.94
C LEU A 342 -4.61 25.20 -63.03
N GLU A 343 -5.90 25.35 -63.36
CA GLU A 343 -6.32 26.39 -64.29
C GLU A 343 -5.91 27.77 -63.78
N ASP A 344 -6.11 28.03 -62.49
CA ASP A 344 -5.72 29.32 -61.94
C ASP A 344 -4.20 29.51 -61.93
N VAL A 345 -3.41 28.45 -61.75
CA VAL A 345 -1.95 28.61 -61.74
C VAL A 345 -1.43 28.87 -63.15
N LEU A 346 -1.81 28.02 -64.11
CA LEU A 346 -1.37 28.19 -65.49
C LEU A 346 -1.92 29.48 -66.10
N SER A 347 -3.00 30.01 -65.54
CA SER A 347 -3.46 31.34 -65.93
C SER A 347 -2.50 32.43 -65.48
N LYS A 348 -1.92 32.30 -64.27
CA LYS A 348 -1.01 33.34 -63.78
C LYS A 348 0.41 33.22 -64.34
N THR A 349 1.02 32.03 -64.29
CA THR A 349 2.43 31.89 -64.61
C THR A 349 2.71 31.54 -66.06
N ASN A 350 1.69 31.17 -66.83
CA ASN A 350 1.79 30.82 -68.26
C ASN A 350 2.92 29.81 -68.54
N TYR A 351 3.12 28.88 -67.61
CA TYR A 351 4.21 27.93 -67.75
C TYR A 351 3.97 27.00 -68.94
N GLU A 352 5.05 26.67 -69.66
CA GLU A 352 5.04 25.81 -70.86
C GLU A 352 5.71 24.47 -70.57
N PHE A 353 5.01 23.37 -70.86
CA PHE A 353 5.54 22.03 -70.60
C PHE A 353 6.27 21.44 -71.81
N GLN A 354 7.50 20.91 -71.59
CA GLN A 354 8.10 19.83 -72.39
C GLN A 354 9.55 19.52 -71.98
N LYS A 355 10.06 18.34 -72.37
CA LYS A 355 11.42 17.84 -72.04
C LYS A 355 12.29 17.54 -73.29
N ARG A 369 -1.96 6.74 -69.04
CA ARG A 369 -2.87 6.53 -70.17
C ARG A 369 -3.85 7.68 -70.35
N MET A 370 -4.79 7.50 -71.27
CA MET A 370 -6.00 8.31 -71.22
C MET A 370 -7.23 7.40 -71.43
N LYS A 371 -8.08 7.12 -70.43
CA LYS A 371 -8.03 7.61 -69.04
C LYS A 371 -8.07 9.13 -68.98
N HIS A 372 -6.94 9.77 -68.64
CA HIS A 372 -6.90 11.21 -68.34
C HIS A 372 -7.67 12.07 -69.34
N GLU A 373 -7.74 11.66 -70.60
CA GLU A 373 -8.55 12.42 -71.54
C GLU A 373 -10.04 12.33 -71.17
N ALA A 374 -10.49 11.17 -70.67
CA ALA A 374 -11.90 10.99 -70.31
C ALA A 374 -12.33 11.88 -69.15
N MET A 375 -11.43 12.14 -68.19
CA MET A 375 -11.80 12.95 -67.03
C MET A 375 -11.90 14.43 -67.36
N ILE A 376 -10.87 14.97 -67.99
CA ILE A 376 -10.72 16.43 -68.06
C ILE A 376 -11.65 17.07 -69.10
N GLU A 377 -11.86 16.43 -70.25
CA GLU A 377 -12.56 17.10 -71.35
C GLU A 377 -13.95 17.60 -70.94
N PRO A 378 -14.78 16.85 -70.22
CA PRO A 378 -16.10 17.39 -69.82
C PRO A 378 -16.04 18.63 -68.95
N TYR A 379 -14.98 18.76 -68.14
CA TYR A 379 -14.80 19.96 -67.32
C TYR A 379 -14.42 21.16 -68.17
N LEU A 380 -13.49 20.96 -69.10
CA LEU A 380 -13.09 22.01 -70.01
C LEU A 380 -14.27 22.68 -70.70
N ARG A 381 -15.33 21.90 -71.02
CA ARG A 381 -16.49 22.44 -71.71
C ARG A 381 -17.24 23.44 -70.84
N ARG A 382 -17.54 23.09 -69.59
CA ARG A 382 -18.30 24.00 -68.72
C ARG A 382 -17.60 25.35 -68.54
N ILE A 383 -16.26 25.35 -68.50
CA ILE A 383 -15.47 26.55 -68.15
C ILE A 383 -14.89 27.27 -69.37
N ARG A 384 -15.20 26.84 -70.61
CA ARG A 384 -14.46 27.31 -71.80
C ARG A 384 -14.38 28.83 -71.93
N ASN A 385 -15.34 29.58 -71.42
CA ASN A 385 -15.28 31.04 -71.44
C ASN A 385 -14.81 31.68 -70.15
N SER A 386 -14.40 30.90 -69.15
CA SER A 386 -13.76 31.49 -67.98
C SER A 386 -12.24 31.48 -68.04
N TYR A 387 -11.61 30.73 -68.96
CA TYR A 387 -10.17 30.62 -69.07
C TYR A 387 -9.74 30.60 -70.53
N ASP A 388 -8.54 31.12 -70.78
CA ASP A 388 -7.97 31.15 -72.12
C ASP A 388 -7.91 29.76 -72.75
N SER A 389 -7.94 29.73 -74.09
CA SER A 389 -7.90 28.45 -74.81
C SER A 389 -6.54 27.75 -74.69
N ARG A 390 -5.46 28.50 -74.49
CA ARG A 390 -4.16 27.84 -74.30
C ARG A 390 -4.01 27.32 -72.86
N VAL A 391 -4.64 27.98 -71.88
CA VAL A 391 -4.76 27.41 -70.55
C VAL A 391 -5.57 26.11 -70.58
N LEU A 392 -6.79 26.15 -71.14
CA LEU A 392 -7.57 24.92 -71.20
C LEU A 392 -6.88 23.82 -71.98
N ASP A 393 -6.02 24.17 -72.94
CA ASP A 393 -5.33 23.11 -73.68
C ASP A 393 -4.22 22.48 -72.84
N LYS A 394 -3.64 23.24 -71.89
CA LYS A 394 -2.59 22.67 -71.03
C LYS A 394 -3.15 21.64 -70.05
N LEU A 395 -4.33 21.91 -69.46
CA LEU A 395 -5.02 20.98 -68.57
C LEU A 395 -5.33 19.65 -69.25
N ARG A 396 -5.29 19.59 -70.58
CA ARG A 396 -5.46 18.34 -71.30
C ARG A 396 -4.19 17.48 -71.27
N LEU A 397 -3.06 18.09 -70.98
CA LEU A 397 -1.83 17.33 -70.86
C LEU A 397 -1.87 16.50 -69.59
N PRO A 398 -1.58 15.19 -69.65
CA PRO A 398 -1.60 14.40 -68.41
C PRO A 398 -0.60 14.91 -67.39
N GLU A 399 0.53 15.43 -67.85
CA GLU A 399 1.61 15.82 -66.97
C GLU A 399 1.41 17.21 -66.37
N SER A 400 0.28 17.87 -66.68
CA SER A 400 0.00 19.16 -66.07
C SER A 400 -0.44 19.02 -64.60
N GLU A 401 -0.92 17.84 -64.21
CA GLU A 401 -1.42 17.62 -62.87
C GLU A 401 -0.42 16.82 -62.04
N GLY A 402 -0.30 17.20 -60.77
CA GLY A 402 0.62 16.57 -59.86
C GLY A 402 2.00 17.17 -59.93
N CYS A 403 2.98 16.37 -59.52
CA CYS A 403 4.40 16.71 -59.52
C CYS A 403 5.17 16.12 -60.70
N GLU A 404 4.49 15.63 -61.76
CA GLU A 404 5.22 14.98 -62.85
C GLU A 404 6.30 15.89 -63.45
N ASP A 405 6.01 17.19 -63.58
CA ASP A 405 6.99 18.18 -64.04
C ASP A 405 7.48 18.98 -62.84
N ILE A 406 8.71 18.74 -62.41
CA ILE A 406 9.19 19.49 -61.25
C ILE A 406 9.49 20.93 -61.65
N ASP A 407 10.00 21.13 -62.87
CA ASP A 407 10.34 22.47 -63.31
C ASP A 407 9.12 23.38 -63.26
N PHE A 408 7.94 22.81 -63.52
CA PHE A 408 6.68 23.56 -63.35
C PHE A 408 6.55 24.10 -61.93
N ILE A 409 6.76 23.23 -60.94
CA ILE A 409 6.65 23.65 -59.55
C ILE A 409 7.72 24.67 -59.23
N ALA A 410 8.92 24.46 -59.77
CA ALA A 410 10.01 25.41 -59.59
C ALA A 410 9.58 26.81 -60.04
N ASP A 411 8.95 26.90 -61.21
CA ASP A 411 8.51 28.20 -61.72
C ASP A 411 7.48 28.85 -60.79
N LEU A 412 6.59 28.04 -60.20
CA LEU A 412 5.60 28.59 -59.27
C LEU A 412 6.26 29.18 -58.04
N VAL A 413 7.35 28.56 -57.58
CA VAL A 413 8.06 29.09 -56.42
C VAL A 413 8.74 30.39 -56.80
N TYR A 414 9.35 30.44 -57.98
CA TYR A 414 9.96 31.66 -58.47
C TYR A 414 8.92 32.76 -58.62
N TYR A 415 7.78 32.42 -59.20
CA TYR A 415 6.70 33.38 -59.38
C TYR A 415 6.28 34.00 -58.06
N ILE A 416 6.04 33.18 -57.04
CA ILE A 416 5.58 33.73 -55.77
C ILE A 416 6.66 34.62 -55.16
N CYS A 417 7.92 34.34 -55.47
CA CYS A 417 9.01 35.18 -55.00
C CYS A 417 8.95 36.56 -55.63
N GLU A 418 8.55 36.62 -56.92
CA GLU A 418 8.47 37.86 -57.70
C GLU A 418 7.28 38.69 -57.27
N ASN A 419 6.07 38.26 -57.60
CA ASN A 419 4.87 38.91 -57.09
C ASN A 419 4.69 38.53 -55.63
N GLU A 420 3.55 38.89 -55.06
CA GLU A 420 3.07 38.45 -53.74
C GLU A 420 3.90 39.04 -52.60
N PRO A 421 3.27 39.27 -51.45
CA PRO A 421 3.98 39.80 -50.28
C PRO A 421 4.90 38.75 -49.67
N GLU A 422 5.72 39.21 -48.74
CA GLU A 422 6.59 38.29 -48.01
C GLU A 422 5.79 37.24 -47.24
N GLY A 423 6.29 36.01 -47.27
CA GLY A 423 5.72 34.89 -46.56
C GLY A 423 6.42 33.61 -46.98
N ALA A 424 6.33 32.55 -46.19
CA ALA A 424 7.01 31.31 -46.51
C ALA A 424 6.20 30.45 -47.47
N ILE A 425 6.89 29.69 -48.31
CA ILE A 425 6.23 28.73 -49.19
C ILE A 425 6.45 27.33 -48.62
N LEU A 426 5.36 26.60 -48.44
CA LEU A 426 5.39 25.20 -48.06
C LEU A 426 4.96 24.38 -49.27
N VAL A 427 5.86 23.56 -49.79
CA VAL A 427 5.61 22.78 -51.01
C VAL A 427 5.42 21.31 -50.64
N PHE A 428 4.24 20.77 -50.91
CA PHE A 428 3.94 19.40 -50.58
C PHE A 428 4.22 18.50 -51.79
N LEU A 429 5.22 17.66 -51.66
CA LEU A 429 5.54 16.65 -52.66
C LEU A 429 5.41 15.28 -52.02
N PRO A 430 5.21 14.22 -52.82
CA PRO A 430 4.94 12.91 -52.22
C PRO A 430 6.10 12.29 -51.43
N GLY A 431 7.35 12.36 -51.88
CA GLY A 431 8.34 11.52 -51.24
C GLY A 431 9.74 12.10 -51.24
N TYR A 432 10.67 11.29 -50.72
CA TYR A 432 12.08 11.66 -50.69
C TYR A 432 12.58 11.95 -52.08
N ASP A 433 12.23 11.10 -53.05
CA ASP A 433 12.67 11.25 -54.43
C ASP A 433 12.30 12.62 -54.98
N LYS A 434 11.03 12.98 -54.93
CA LYS A 434 10.59 14.26 -55.48
C LYS A 434 11.12 15.45 -54.68
N ILE A 435 11.36 15.29 -53.38
CA ILE A 435 11.90 16.40 -52.60
C ILE A 435 13.32 16.71 -53.04
N SER A 436 14.13 15.68 -53.30
CA SER A 436 15.48 15.91 -53.80
C SER A 436 15.45 16.65 -55.13
N GLN A 437 14.52 16.28 -56.01
CA GLN A 437 14.51 16.86 -57.34
C GLN A 437 14.30 18.36 -57.28
N LEU A 438 13.21 18.79 -56.63
CA LEU A 438 12.95 20.22 -56.46
C LEU A 438 14.08 20.92 -55.70
N TYR A 439 14.65 20.25 -54.69
CA TYR A 439 15.75 20.85 -53.96
C TYR A 439 16.93 21.14 -54.89
N ASN A 440 17.27 20.19 -55.75
CA ASN A 440 18.43 20.37 -56.60
C ASN A 440 18.16 21.45 -57.64
N ILE A 441 16.94 21.47 -58.17
CA ILE A 441 16.55 22.50 -59.13
C ILE A 441 16.57 23.88 -58.48
N LEU A 442 16.06 24.01 -57.26
CA LEU A 442 16.11 25.30 -56.59
C LEU A 442 17.52 25.68 -56.15
N ASP A 443 18.34 24.70 -55.75
CA ASP A 443 19.67 24.97 -55.16
C ASP A 443 20.75 25.16 -56.21
N LYS A 444 20.71 24.38 -57.28
CA LYS A 444 21.69 24.42 -58.36
C LYS A 444 20.93 24.69 -59.65
N PRO A 445 20.37 25.90 -59.77
CA PRO A 445 19.42 26.16 -60.86
C PRO A 445 20.11 26.22 -62.21
N LYS A 446 19.53 25.52 -63.19
CA LYS A 446 19.97 25.58 -64.58
C LYS A 446 19.34 26.75 -65.34
N THR A 447 18.08 27.09 -65.04
CA THR A 447 17.44 28.22 -65.70
C THR A 447 18.00 29.54 -65.18
N SER A 448 17.78 30.59 -65.99
CA SER A 448 18.28 31.93 -65.65
C SER A 448 17.47 32.56 -64.52
N LYS A 449 16.14 32.42 -64.57
CA LYS A 449 15.28 32.91 -63.49
C LYS A 449 15.62 32.27 -62.15
N GLY A 450 15.99 31.00 -62.16
CA GLY A 450 16.38 30.35 -60.92
C GLY A 450 17.69 30.88 -60.36
N GLN A 451 18.67 31.10 -61.25
CA GLN A 451 19.92 31.70 -60.82
C GLN A 451 19.70 33.09 -60.25
N ARG A 452 18.71 33.82 -60.77
CA ARG A 452 18.35 35.11 -60.20
C ARG A 452 17.94 34.95 -58.74
N TRP A 453 17.08 33.96 -58.47
CA TRP A 453 16.46 33.81 -57.16
C TRP A 453 17.30 32.98 -56.18
N ARG A 454 18.30 32.25 -56.66
CA ARG A 454 18.90 31.19 -55.86
C ARG A 454 19.31 31.71 -54.48
N ASP A 455 20.15 32.75 -54.44
CA ASP A 455 20.63 33.21 -53.14
C ASP A 455 19.57 33.94 -52.33
N HIS A 456 18.37 34.17 -52.89
CA HIS A 456 17.32 34.86 -52.16
C HIS A 456 16.29 33.92 -51.53
N MET A 457 16.49 32.60 -51.63
CA MET A 457 15.65 31.61 -50.98
C MET A 457 16.44 30.89 -49.88
N ALA A 458 15.80 30.70 -48.73
CA ALA A 458 16.31 29.81 -47.70
C ALA A 458 15.50 28.52 -47.77
N VAL A 459 16.15 27.45 -48.25
CA VAL A 459 15.48 26.22 -48.66
C VAL A 459 15.71 25.13 -47.62
N PHE A 460 14.62 24.63 -47.03
CA PHE A 460 14.63 23.52 -46.09
C PHE A 460 13.90 22.33 -46.69
N PRO A 461 14.53 21.17 -46.95
CA PRO A 461 13.77 19.95 -47.19
C PRO A 461 13.28 19.40 -45.87
N LEU A 462 12.04 18.93 -45.84
CA LEU A 462 11.39 18.46 -44.61
C LEU A 462 10.83 17.06 -44.82
N HIS A 463 11.40 16.08 -44.11
CA HIS A 463 11.07 14.67 -44.28
C HIS A 463 11.35 13.96 -42.97
N SER A 464 10.56 12.93 -42.66
CA SER A 464 10.70 12.28 -41.36
C SER A 464 12.11 11.72 -41.13
N LEU A 465 12.87 11.48 -42.20
CA LEU A 465 14.22 10.95 -42.20
C LEU A 465 15.30 12.02 -42.25
N MET A 466 14.94 13.30 -42.29
CA MET A 466 15.91 14.36 -42.47
C MET A 466 16.02 15.16 -41.18
N GLN A 467 17.17 15.81 -40.99
CA GLN A 467 17.38 16.41 -39.68
C GLN A 467 16.56 17.67 -39.46
N SER A 468 16.17 18.38 -40.53
CA SER A 468 15.58 19.72 -40.38
C SER A 468 14.39 19.74 -39.41
N GLY A 469 13.57 18.69 -39.38
CA GLY A 469 12.46 18.68 -38.44
C GLY A 469 12.89 18.79 -36.98
N GLU A 470 14.09 18.29 -36.66
CA GLU A 470 14.61 18.21 -35.30
C GLU A 470 15.56 19.36 -34.92
N GLN A 471 15.74 20.33 -35.80
CA GLN A 471 16.49 21.55 -35.52
C GLN A 471 15.56 22.75 -35.51
N GLN A 472 16.12 23.91 -35.13
CA GLN A 472 15.36 25.13 -34.89
C GLN A 472 15.17 25.99 -36.12
N ALA A 473 15.89 25.74 -37.21
CA ALA A 473 15.95 26.71 -38.29
C ALA A 473 14.62 26.83 -39.01
N VAL A 474 14.09 25.71 -39.50
CA VAL A 474 12.94 25.74 -40.40
C VAL A 474 11.75 26.40 -39.75
N PHE A 475 11.72 26.47 -38.42
CA PHE A 475 10.59 27.10 -37.73
C PHE A 475 10.70 28.63 -37.63
N ARG A 476 11.93 29.18 -37.54
CA ARG A 476 12.16 30.61 -37.38
C ARG A 476 12.02 31.33 -38.73
N ARG A 477 11.71 32.63 -38.68
CA ARG A 477 11.57 33.41 -39.93
C ARG A 477 12.96 33.65 -40.54
N PRO A 478 13.06 33.62 -41.87
CA PRO A 478 14.38 33.56 -42.54
C PRO A 478 15.14 34.88 -42.45
N PRO A 479 16.44 34.88 -42.78
CA PRO A 479 17.20 36.13 -42.85
C PRO A 479 16.53 37.16 -43.75
N ALA A 480 16.65 38.44 -43.36
CA ALA A 480 16.02 39.52 -44.11
C ALA A 480 16.49 39.50 -45.56
N GLY A 481 15.54 39.73 -46.48
CA GLY A 481 15.82 39.65 -47.90
C GLY A 481 15.83 38.24 -48.46
N GLN A 482 15.57 37.23 -47.64
CA GLN A 482 15.43 35.85 -48.07
C GLN A 482 14.03 35.34 -47.74
N ARG A 483 13.42 34.62 -48.69
CA ARG A 483 12.11 34.02 -48.52
C ARG A 483 12.26 32.53 -48.29
N LYS A 484 11.70 32.04 -47.19
CA LYS A 484 11.85 30.63 -46.79
C LYS A 484 10.97 29.72 -47.64
N VAL A 485 11.59 28.74 -48.30
CA VAL A 485 10.87 27.76 -49.13
C VAL A 485 11.10 26.38 -48.56
N ILE A 486 10.04 25.77 -48.01
CA ILE A 486 10.08 24.45 -47.40
C ILE A 486 9.52 23.45 -48.39
N ILE A 487 10.30 22.41 -48.68
CA ILE A 487 9.91 21.33 -49.59
C ILE A 487 9.65 20.12 -48.71
N SER A 488 8.39 19.72 -48.56
CA SER A 488 8.00 18.82 -47.49
C SER A 488 7.21 17.64 -48.02
N THR A 489 7.11 16.60 -47.20
CA THR A 489 6.14 15.54 -47.37
C THR A 489 4.91 15.83 -46.53
N ILE A 490 4.00 14.86 -46.48
CA ILE A 490 2.76 15.00 -45.73
C ILE A 490 3.03 15.25 -44.27
N ILE A 491 4.28 15.18 -43.85
CA ILE A 491 4.62 15.46 -42.46
C ILE A 491 4.20 16.87 -42.07
N ALA A 492 4.24 17.82 -43.02
CA ALA A 492 3.89 19.21 -42.71
C ALA A 492 2.39 19.45 -42.70
N GLU A 493 1.59 18.40 -42.88
CA GLU A 493 0.13 18.49 -42.87
C GLU A 493 -0.40 18.63 -41.44
N THR A 494 0.09 17.82 -40.50
CA THR A 494 -0.24 17.95 -39.07
C THR A 494 0.98 17.87 -38.17
N SER A 495 1.70 16.73 -38.20
CA SER A 495 2.73 16.40 -37.21
C SER A 495 3.75 17.51 -37.02
N VAL A 496 4.12 18.19 -38.10
CA VAL A 496 5.07 19.28 -38.05
C VAL A 496 4.37 20.51 -38.60
N THR A 497 4.38 21.61 -37.83
CA THR A 497 3.75 22.86 -38.24
C THR A 497 4.76 24.00 -38.21
N ILE A 498 4.82 24.77 -39.30
CA ILE A 498 5.65 25.97 -39.39
C ILE A 498 4.73 27.18 -39.42
N ASP A 499 4.96 28.14 -38.52
CA ASP A 499 3.96 29.18 -38.31
C ASP A 499 3.99 30.30 -39.36
N ASP A 500 5.12 30.58 -39.99
CA ASP A 500 5.19 31.71 -40.91
C ASP A 500 4.84 31.34 -42.35
N VAL A 501 4.32 30.14 -42.59
CA VAL A 501 3.96 29.78 -43.96
C VAL A 501 2.76 30.65 -44.37
N VAL A 502 2.93 31.45 -45.42
CA VAL A 502 1.81 32.13 -46.05
C VAL A 502 1.31 31.51 -47.37
N TYR A 503 2.10 30.64 -48.02
CA TYR A 503 1.76 30.16 -49.36
C TYR A 503 2.00 28.66 -49.45
N VAL A 504 0.98 27.92 -49.88
CA VAL A 504 1.07 26.45 -49.89
C VAL A 504 0.91 25.98 -51.32
N ILE A 505 1.93 25.30 -51.84
CA ILE A 505 1.83 24.63 -53.13
C ILE A 505 1.49 23.17 -52.87
N ASN A 506 0.30 22.76 -53.23
CA ASN A 506 -0.14 21.40 -52.99
C ASN A 506 -0.08 20.63 -54.30
N SER A 507 0.94 19.79 -54.46
CA SER A 507 1.02 18.97 -55.65
C SER A 507 -0.11 17.96 -55.75
N GLY A 508 -0.78 17.65 -54.65
CA GLY A 508 -1.84 16.66 -54.66
C GLY A 508 -1.40 15.21 -54.69
N ARG A 509 -0.09 14.95 -54.67
CA ARG A 509 0.45 13.59 -54.64
C ARG A 509 1.11 13.32 -53.29
N THR A 510 0.82 12.16 -52.72
CA THR A 510 1.44 11.62 -51.52
C THR A 510 1.77 10.17 -51.84
N LYS A 511 2.38 9.47 -50.88
CA LYS A 511 2.58 8.04 -51.00
C LYS A 511 1.72 7.34 -49.96
N ALA A 512 1.41 6.08 -50.24
CA ALA A 512 0.56 5.26 -49.39
C ALA A 512 1.18 3.88 -49.19
N THR A 513 0.94 3.29 -48.02
CA THR A 513 1.19 1.86 -47.82
C THR A 513 -0.11 1.11 -47.97
N ASN A 514 -0.11 0.17 -48.91
CA ASN A 514 -1.24 -0.70 -49.09
C ASN A 514 -0.73 -2.12 -48.83
N TYR A 515 -1.62 -2.95 -48.30
CA TYR A 515 -1.34 -4.36 -48.09
C TYR A 515 -2.39 -5.15 -48.85
N ASP A 516 -1.94 -6.00 -49.77
CA ASP A 516 -2.84 -6.90 -50.48
C ASP A 516 -2.90 -8.20 -49.68
N ILE A 517 -4.05 -8.47 -49.08
CA ILE A 517 -4.19 -9.65 -48.23
C ILE A 517 -4.03 -10.91 -49.07
N GLU A 518 -4.36 -10.84 -50.35
CA GLU A 518 -4.38 -12.03 -51.17
C GLU A 518 -2.96 -12.51 -51.46
N THR A 519 -2.09 -11.62 -51.92
CA THR A 519 -0.71 -12.00 -52.26
C THR A 519 0.28 -11.77 -51.12
N ASN A 520 -0.17 -11.22 -49.99
CA ASN A 520 0.70 -10.92 -48.84
C ASN A 520 1.89 -10.03 -49.23
N ILE A 521 1.64 -9.03 -50.07
CA ILE A 521 2.66 -8.06 -50.45
C ILE A 521 2.22 -6.70 -49.96
N GLN A 522 3.08 -6.03 -49.20
CA GLN A 522 2.89 -4.63 -48.91
C GLN A 522 3.65 -3.83 -49.96
N SER A 523 3.00 -2.77 -50.45
CA SER A 523 3.58 -1.92 -51.47
C SER A 523 3.54 -0.48 -50.98
N LEU A 524 4.42 0.33 -51.54
CA LEU A 524 4.46 1.76 -51.30
C LEU A 524 4.23 2.47 -52.64
N ASP A 525 3.07 3.09 -52.81
CA ASP A 525 2.62 3.61 -54.10
C ASP A 525 2.33 5.11 -54.04
N GLU A 526 2.66 5.82 -55.12
CA GLU A 526 2.27 7.21 -55.27
C GLU A 526 0.79 7.28 -55.63
N VAL A 527 0.06 8.11 -54.91
CA VAL A 527 -1.38 8.18 -55.09
C VAL A 527 -1.82 9.63 -55.02
N TRP A 528 -3.06 9.88 -55.43
CA TRP A 528 -3.65 11.19 -55.21
C TRP A 528 -4.04 11.33 -53.75
N VAL A 529 -3.97 12.56 -53.23
CA VAL A 529 -4.42 12.81 -51.87
C VAL A 529 -5.93 12.75 -51.84
N THR A 530 -6.53 12.91 -50.68
CA THR A 530 -7.97 12.93 -50.59
C THR A 530 -8.42 14.36 -50.37
N LYS A 531 -9.75 14.57 -50.38
CA LYS A 531 -10.27 15.91 -50.17
C LYS A 531 -9.87 16.44 -48.81
N ALA A 532 -9.83 15.56 -47.80
CA ALA A 532 -9.48 16.00 -46.45
C ALA A 532 -8.04 16.48 -46.41
N ASN A 533 -7.14 15.78 -47.11
CA ASN A 533 -5.76 16.23 -47.15
C ASN A 533 -5.66 17.67 -47.64
N THR A 534 -6.30 17.96 -48.79
CA THR A 534 -6.23 19.29 -49.38
C THR A 534 -6.81 20.33 -48.45
N GLN A 535 -7.96 20.03 -47.85
CA GLN A 535 -8.58 20.92 -46.88
C GLN A 535 -7.60 21.29 -45.78
N GLN A 536 -6.90 20.29 -45.26
CA GLN A 536 -5.98 20.53 -44.16
C GLN A 536 -4.80 21.37 -44.62
N ARG A 537 -4.24 21.04 -45.79
CA ARG A 537 -3.06 21.72 -46.29
C ARG A 537 -3.33 23.20 -46.56
N ARG A 538 -4.59 23.55 -46.84
CA ARG A 538 -4.96 24.93 -47.09
C ARG A 538 -4.75 25.80 -45.85
N GLY A 539 -5.19 25.33 -44.68
CA GLY A 539 -5.01 26.07 -43.44
C GLY A 539 -3.57 26.27 -43.06
N ARG A 540 -2.67 25.47 -43.62
CA ARG A 540 -1.28 25.64 -43.29
C ARG A 540 -0.73 26.97 -43.79
N ALA A 541 -1.46 27.61 -44.72
CA ALA A 541 -1.16 28.95 -45.21
C ALA A 541 -1.82 30.06 -44.40
N GLY A 542 -2.79 29.73 -43.57
CA GLY A 542 -3.60 30.69 -42.87
C GLY A 542 -3.33 30.89 -41.40
N ARG A 543 -2.11 30.57 -40.93
CA ARG A 543 -1.83 30.69 -39.50
C ARG A 543 -1.52 32.12 -39.06
N VAL A 544 -0.80 32.89 -39.88
CA VAL A 544 -0.30 34.22 -39.48
C VAL A 544 -1.06 35.37 -40.19
N ARG A 545 -1.02 35.41 -41.51
CA ARG A 545 -1.78 36.39 -42.28
C ARG A 545 -2.55 35.65 -43.36
N PRO A 546 -3.42 36.35 -44.10
CA PRO A 546 -4.13 35.68 -45.19
C PRO A 546 -3.17 35.17 -46.24
N GLY A 547 -3.28 33.86 -46.53
CA GLY A 547 -2.42 33.18 -47.46
C GLY A 547 -3.15 32.70 -48.70
N ILE A 548 -2.40 31.96 -49.52
CA ILE A 548 -2.94 31.36 -50.74
C ILE A 548 -2.49 29.90 -50.79
N CYS A 549 -3.37 29.02 -51.24
CA CYS A 549 -3.04 27.61 -51.47
C CYS A 549 -3.16 27.31 -52.96
N TYR A 550 -2.03 26.96 -53.59
CA TYR A 550 -1.96 26.65 -55.02
C TYR A 550 -2.06 25.14 -55.22
N ASN A 551 -3.17 24.67 -55.77
CA ASN A 551 -3.37 23.24 -55.99
C ASN A 551 -3.03 22.92 -57.44
N LEU A 552 -2.09 22.01 -57.63
CA LEU A 552 -1.52 21.65 -58.92
C LEU A 552 -2.34 20.57 -59.63
N PHE A 553 -3.63 20.47 -59.33
CA PHE A 553 -4.56 19.65 -60.08
C PHE A 553 -5.80 20.46 -60.47
N SER A 554 -6.52 19.98 -61.49
CA SER A 554 -7.74 20.64 -61.92
C SER A 554 -8.83 20.53 -60.86
N ARG A 555 -9.88 21.34 -60.98
CA ARG A 555 -11.04 21.13 -60.11
C ARG A 555 -11.77 19.86 -60.46
N ALA A 556 -11.54 19.30 -61.65
CA ALA A 556 -12.19 18.06 -62.02
C ALA A 556 -11.59 16.90 -61.25
N ARG A 557 -10.28 16.93 -61.04
CA ARG A 557 -9.60 15.89 -60.29
C ARG A 557 -10.12 15.84 -58.86
N GLU A 558 -10.26 17.00 -58.23
CA GLU A 558 -10.80 17.08 -56.88
C GLU A 558 -12.10 16.28 -56.75
N ASP A 559 -13.01 16.39 -57.71
CA ASP A 559 -14.25 15.65 -57.61
C ASP A 559 -14.06 14.15 -57.76
N ARG A 560 -12.97 13.70 -58.38
CA ARG A 560 -12.71 12.27 -58.43
C ARG A 560 -11.99 11.76 -57.19
N MET A 561 -11.48 12.67 -56.34
CA MET A 561 -10.75 12.30 -55.15
C MET A 561 -11.70 11.79 -54.07
N ASP A 562 -11.19 10.88 -53.23
CA ASP A 562 -11.95 10.32 -52.12
C ASP A 562 -12.16 11.37 -51.03
N ASP A 563 -13.16 11.14 -50.17
CA ASP A 563 -13.41 12.06 -49.05
C ASP A 563 -12.25 12.10 -48.08
N ILE A 564 -11.92 10.95 -47.53
CA ILE A 564 -10.91 10.81 -46.49
C ILE A 564 -9.99 9.69 -46.94
N PRO A 565 -8.81 9.58 -46.35
CA PRO A 565 -7.97 8.43 -46.67
C PRO A 565 -8.58 7.19 -46.05
N THR A 566 -8.19 6.04 -46.58
CA THR A 566 -8.63 4.78 -46.01
C THR A 566 -8.32 4.77 -44.53
N PRO A 567 -9.31 4.58 -43.66
CA PRO A 567 -9.06 4.55 -42.21
C PRO A 567 -7.96 3.56 -41.86
N GLU A 568 -7.07 3.96 -40.94
CA GLU A 568 -5.86 3.19 -40.71
C GLU A 568 -6.15 1.72 -40.36
N ILE A 569 -7.25 1.42 -39.66
CA ILE A 569 -7.48 0.04 -39.21
C ILE A 569 -7.74 -0.90 -40.38
N LEU A 570 -8.26 -0.41 -41.50
CA LEU A 570 -8.48 -1.29 -42.64
C LEU A 570 -7.17 -1.73 -43.28
N ARG A 571 -6.08 -1.02 -43.04
CA ARG A 571 -4.77 -1.30 -43.62
C ARG A 571 -3.81 -2.02 -42.67
N SER A 572 -4.19 -2.29 -41.42
CA SER A 572 -3.26 -2.61 -40.35
C SER A 572 -3.27 -4.08 -39.97
N LYS A 573 -2.09 -4.56 -39.52
CA LYS A 573 -1.99 -5.89 -38.93
C LYS A 573 -2.75 -5.96 -37.61
N LEU A 574 -3.57 -6.98 -37.44
CA LEU A 574 -4.47 -7.03 -36.29
C LEU A 574 -3.97 -7.88 -35.12
N GLU A 575 -2.78 -8.50 -35.21
CA GLU A 575 -2.31 -9.33 -34.09
C GLU A 575 -2.42 -8.60 -32.79
N SER A 576 -1.84 -7.40 -32.72
CA SER A 576 -1.71 -6.76 -31.43
C SER A 576 -3.09 -6.44 -30.86
N ILE A 577 -4.01 -5.97 -31.70
CA ILE A 577 -5.34 -5.57 -31.23
C ILE A 577 -6.10 -6.77 -30.72
N ILE A 578 -6.13 -7.83 -31.54
CA ILE A 578 -6.86 -9.05 -31.15
C ILE A 578 -6.43 -9.52 -29.78
N LEU A 579 -5.12 -9.62 -29.57
CA LEU A 579 -4.62 -10.10 -28.29
C LEU A 579 -5.03 -9.15 -27.17
N SER A 580 -4.93 -7.85 -27.42
CA SER A 580 -5.22 -6.83 -26.41
C SER A 580 -6.67 -6.91 -25.95
N LEU A 581 -7.58 -7.19 -26.89
CA LEU A 581 -8.98 -7.37 -26.53
C LEU A 581 -9.17 -8.48 -25.50
N LYS A 582 -8.38 -9.56 -25.59
CA LYS A 582 -8.54 -10.67 -24.65
C LYS A 582 -8.38 -10.20 -23.20
N LEU A 583 -7.44 -9.27 -22.95
CA LEU A 583 -7.28 -8.77 -21.58
C LEU A 583 -8.47 -7.93 -21.15
N LEU A 584 -9.26 -7.44 -22.08
CA LEU A 584 -10.48 -6.70 -21.76
C LEU A 584 -11.70 -7.60 -21.71
N HIS A 585 -11.50 -8.91 -21.81
CA HIS A 585 -12.61 -9.88 -21.84
C HIS A 585 -13.52 -9.65 -23.06
N ILE A 586 -12.93 -9.17 -24.13
CA ILE A 586 -13.54 -9.23 -25.44
C ILE A 586 -12.84 -10.38 -26.14
N ASP A 587 -13.49 -11.54 -26.11
CA ASP A 587 -12.92 -12.81 -26.56
C ASP A 587 -13.22 -13.13 -28.00
N ASP A 588 -14.17 -12.43 -28.62
CA ASP A 588 -14.47 -12.70 -30.03
C ASP A 588 -14.08 -11.50 -30.86
N PRO A 589 -12.94 -11.53 -31.55
CA PRO A 589 -12.54 -10.37 -32.34
C PRO A 589 -13.42 -10.15 -33.54
N TYR A 590 -13.92 -11.23 -34.16
CA TYR A 590 -14.85 -11.06 -35.27
C TYR A 590 -16.11 -10.34 -34.82
N ARG A 591 -16.71 -10.79 -33.71
CA ARG A 591 -17.91 -10.16 -33.20
C ARG A 591 -17.65 -8.68 -32.89
N PHE A 592 -16.55 -8.39 -32.20
CA PHE A 592 -16.29 -7.02 -31.77
C PHE A 592 -15.81 -6.13 -32.90
N LEU A 593 -14.75 -6.55 -33.62
CA LEU A 593 -14.18 -5.66 -34.62
C LEU A 593 -15.17 -5.30 -35.71
N GLN A 594 -16.20 -6.12 -35.90
CA GLN A 594 -17.26 -5.83 -36.85
C GLN A 594 -18.10 -4.62 -36.44
N THR A 595 -18.05 -4.20 -35.16
CA THR A 595 -18.95 -3.13 -34.68
C THR A 595 -18.34 -1.73 -34.80
N LEU A 596 -17.12 -1.63 -35.29
CA LEU A 596 -16.47 -0.37 -35.54
C LEU A 596 -17.13 0.38 -36.69
N ILE A 597 -16.85 1.68 -36.77
CA ILE A 597 -17.28 2.50 -37.92
C ILE A 597 -16.92 1.84 -39.24
N ASN A 598 -15.67 1.40 -39.37
CA ASN A 598 -15.31 0.60 -40.54
C ASN A 598 -14.81 -0.73 -40.01
N ALA A 599 -15.57 -1.78 -40.32
CA ALA A 599 -15.19 -3.12 -39.92
C ALA A 599 -14.04 -3.62 -40.77
N PRO A 600 -12.99 -4.17 -40.16
CA PRO A 600 -11.89 -4.74 -40.94
C PRO A 600 -12.28 -6.01 -41.68
N ASN A 601 -11.56 -6.28 -42.76
CA ASN A 601 -11.73 -7.51 -43.51
C ASN A 601 -11.56 -8.69 -42.56
N PRO A 602 -12.60 -9.51 -42.35
CA PRO A 602 -12.43 -10.67 -41.46
C PRO A 602 -11.33 -11.59 -41.89
N GLU A 603 -10.95 -11.56 -43.16
CA GLU A 603 -9.80 -12.32 -43.59
C GLU A 603 -8.53 -11.80 -42.91
N ALA A 604 -8.50 -10.50 -42.57
CA ALA A 604 -7.39 -9.94 -41.82
C ALA A 604 -7.44 -10.35 -40.35
N ILE A 605 -8.63 -10.46 -39.79
CA ILE A 605 -8.78 -10.96 -38.43
C ILE A 605 -8.32 -12.40 -38.32
N LYS A 606 -8.84 -13.27 -39.20
CA LYS A 606 -8.42 -14.68 -39.20
C LYS A 606 -6.90 -14.76 -39.30
N MET A 607 -6.33 -14.00 -40.22
CA MET A 607 -4.88 -14.08 -40.43
C MET A 607 -4.13 -13.58 -39.20
N GLY A 608 -4.75 -12.69 -38.43
CA GLY A 608 -4.17 -12.27 -37.17
C GLY A 608 -4.25 -13.35 -36.11
N VAL A 609 -5.42 -13.98 -35.99
CA VAL A 609 -5.56 -15.08 -35.03
C VAL A 609 -4.57 -16.17 -35.34
N GLU A 610 -4.36 -16.45 -36.63
CA GLU A 610 -3.45 -17.53 -37.00
C GLU A 610 -2.01 -17.22 -36.61
N LEU A 611 -1.56 -15.97 -36.80
CA LEU A 611 -0.24 -15.60 -36.33
C LEU A 611 -0.12 -15.81 -34.82
N LEU A 612 -1.15 -15.43 -34.07
CA LEU A 612 -1.06 -15.57 -32.63
C LEU A 612 -1.05 -17.04 -32.22
N LYS A 613 -1.74 -17.88 -32.98
CA LYS A 613 -1.69 -19.32 -32.74
C LYS A 613 -0.32 -19.88 -33.09
N ARG A 614 0.32 -19.31 -34.11
CA ARG A 614 1.60 -19.85 -34.56
C ARG A 614 2.69 -19.67 -33.51
N ILE A 615 2.73 -18.51 -32.86
CA ILE A 615 3.68 -18.20 -31.78
C ILE A 615 3.16 -18.64 -30.42
N GLU A 616 2.01 -19.31 -30.42
CA GLU A 616 1.48 -19.97 -29.22
C GLU A 616 1.14 -18.96 -28.14
N ALA A 617 0.65 -17.79 -28.56
CA ALA A 617 -0.02 -16.82 -27.71
C ALA A 617 -1.50 -17.11 -27.52
N LEU A 618 -2.09 -17.83 -28.47
CA LEU A 618 -3.41 -18.43 -28.36
C LEU A 618 -3.26 -19.92 -28.63
N ASP A 619 -4.04 -20.74 -27.95
CA ASP A 619 -4.00 -22.17 -28.23
C ASP A 619 -4.92 -22.48 -29.42
N GLN A 620 -5.03 -23.76 -29.77
CA GLN A 620 -5.71 -24.13 -31.02
C GLN A 620 -7.18 -23.67 -31.03
N THR A 621 -7.85 -23.69 -29.87
CA THR A 621 -9.23 -23.23 -29.80
C THR A 621 -9.34 -21.71 -29.74
N GLY A 622 -8.20 -21.00 -29.78
CA GLY A 622 -8.16 -19.56 -29.81
C GLY A 622 -8.15 -18.82 -28.48
N THR A 623 -8.13 -19.54 -27.36
CA THR A 623 -8.10 -18.93 -26.04
C THR A 623 -6.68 -18.40 -25.72
N LEU A 624 -6.64 -17.42 -24.82
CA LEU A 624 -5.34 -16.87 -24.39
C LEU A 624 -4.52 -17.95 -23.68
N THR A 625 -3.25 -18.04 -24.03
CA THR A 625 -2.28 -18.87 -23.30
C THR A 625 -1.55 -18.05 -22.26
N PRO A 626 -0.91 -18.69 -21.26
CA PRO A 626 -0.08 -17.91 -20.33
C PRO A 626 0.98 -17.05 -21.00
N LEU A 627 1.70 -17.60 -22.00
CA LEU A 627 2.59 -16.76 -22.79
C LEU A 627 1.84 -15.58 -23.41
N GLY A 628 0.67 -15.83 -23.98
CA GLY A 628 -0.09 -14.76 -24.62
C GLY A 628 -0.58 -13.68 -23.68
N MET A 629 -0.85 -14.02 -22.42
CA MET A 629 -1.20 -12.97 -21.48
C MET A 629 0.00 -12.07 -21.21
N HIS A 630 1.19 -12.66 -21.12
CA HIS A 630 2.38 -11.84 -20.97
C HIS A 630 2.54 -10.88 -22.16
N LEU A 631 2.51 -11.42 -23.37
CA LEU A 631 2.66 -10.61 -24.58
C LEU A 631 1.60 -9.50 -24.64
N ALA A 632 0.36 -9.82 -24.29
CA ALA A 632 -0.70 -8.83 -24.27
C ALA A 632 -0.40 -7.67 -23.36
N LYS A 633 0.46 -7.89 -22.36
CA LYS A 633 0.88 -6.92 -21.37
C LYS A 633 2.20 -6.21 -21.72
N LEU A 634 2.69 -6.34 -22.95
CA LEU A 634 3.86 -5.54 -23.25
C LEU A 634 3.55 -4.52 -24.33
N PRO A 635 4.04 -3.36 -24.24
CA PRO A 635 3.70 -2.32 -25.21
C PRO A 635 4.46 -2.48 -26.52
N ILE A 636 4.32 -3.65 -27.14
CA ILE A 636 5.00 -3.93 -28.39
C ILE A 636 4.22 -5.03 -29.07
N ASP A 637 4.44 -5.21 -30.37
CA ASP A 637 3.79 -6.29 -31.10
C ASP A 637 4.15 -7.66 -30.53
N PRO A 638 3.24 -8.63 -30.60
CA PRO A 638 3.45 -9.89 -29.85
C PRO A 638 4.67 -10.66 -30.32
N GLN A 639 5.04 -10.62 -31.60
CA GLN A 639 6.28 -11.28 -31.99
C GLN A 639 7.47 -10.68 -31.27
N MET A 640 7.56 -9.36 -31.20
CA MET A 640 8.73 -8.79 -30.55
C MET A 640 8.63 -8.85 -29.05
N GLY A 641 7.42 -8.86 -28.49
CA GLY A 641 7.29 -9.18 -27.09
C GLY A 641 7.88 -10.54 -26.78
N LYS A 642 7.63 -11.50 -27.66
CA LYS A 642 8.17 -12.84 -27.43
C LYS A 642 9.70 -12.86 -27.52
N MET A 643 10.25 -12.16 -28.52
CA MET A 643 11.71 -12.01 -28.65
C MET A 643 12.33 -11.49 -27.35
N ILE A 644 11.72 -10.45 -26.78
CA ILE A 644 12.24 -9.86 -25.55
C ILE A 644 12.19 -10.87 -24.40
N LEU A 645 11.08 -11.62 -24.26
CA LEU A 645 11.06 -12.67 -23.26
C LEU A 645 12.19 -13.64 -23.45
N MET A 646 12.33 -14.17 -24.68
CA MET A 646 13.41 -15.11 -24.95
C MET A 646 14.72 -14.51 -24.47
N SER A 647 14.93 -13.23 -24.75
CA SER A 647 16.21 -12.60 -24.40
C SER A 647 16.43 -12.58 -22.89
N ALA A 648 15.36 -12.49 -22.10
CA ALA A 648 15.53 -12.61 -20.66
C ALA A 648 15.97 -14.02 -20.31
N LEU A 649 15.30 -15.01 -20.87
CA LEU A 649 15.63 -16.37 -20.52
C LEU A 649 17.02 -16.77 -21.02
N PHE A 650 17.44 -16.23 -22.15
CA PHE A 650 18.72 -16.58 -22.75
C PHE A 650 19.82 -15.57 -22.45
N CYS A 651 19.56 -14.55 -21.63
CA CYS A 651 20.58 -13.62 -21.09
C CYS A 651 21.23 -12.71 -22.14
N CYS A 652 20.53 -12.33 -23.20
CA CYS A 652 20.98 -11.31 -24.15
C CYS A 652 20.18 -9.99 -24.08
N LEU A 653 19.58 -9.69 -22.92
CA LEU A 653 18.61 -8.60 -22.79
C LEU A 653 18.99 -7.28 -23.45
N ASP A 654 20.25 -6.81 -23.32
CA ASP A 654 20.55 -5.49 -23.87
C ASP A 654 20.49 -5.50 -25.40
N PRO A 655 21.22 -6.35 -26.13
CA PRO A 655 21.13 -6.29 -27.60
C PRO A 655 19.74 -6.59 -28.15
N ILE A 656 19.00 -7.51 -27.54
CA ILE A 656 17.73 -7.92 -28.13
C ILE A 656 16.71 -6.80 -27.97
N THR A 657 16.67 -6.16 -26.78
CA THR A 657 15.77 -5.02 -26.61
C THR A 657 16.13 -3.85 -27.53
N SER A 658 17.41 -3.65 -27.85
CA SER A 658 17.75 -2.63 -28.83
C SER A 658 17.13 -2.96 -30.18
N ALA A 659 17.38 -4.18 -30.70
CA ALA A 659 16.75 -4.60 -31.95
C ALA A 659 15.23 -4.50 -31.86
N ALA A 660 14.64 -4.95 -30.74
CA ALA A 660 13.18 -4.87 -30.59
C ALA A 660 12.71 -3.42 -30.63
N ALA A 661 13.36 -2.53 -29.87
CA ALA A 661 12.91 -1.16 -29.78
C ALA A 661 13.02 -0.45 -31.11
N ALA A 662 14.04 -0.78 -31.89
CA ALA A 662 14.24 -0.08 -33.15
C ALA A 662 13.21 -0.51 -34.18
N LEU A 663 12.80 -1.77 -34.17
CA LEU A 663 11.79 -2.20 -35.12
C LEU A 663 10.43 -1.63 -34.75
N SER A 664 10.17 -1.47 -33.46
CA SER A 664 8.89 -0.89 -33.07
C SER A 664 8.87 0.59 -33.38
N PHE A 665 9.96 1.30 -33.08
CA PHE A 665 9.94 2.73 -33.33
C PHE A 665 10.65 3.06 -34.63
N LYS A 666 11.95 3.33 -34.63
CA LYS A 666 12.61 3.61 -35.91
C LYS A 666 14.13 3.58 -35.78
N SER A 667 14.79 3.53 -36.92
CA SER A 667 16.25 3.61 -36.92
C SER A 667 16.68 5.00 -36.50
N PRO A 668 17.80 5.12 -35.76
CA PRO A 668 18.31 6.45 -35.38
C PRO A 668 18.94 7.24 -36.53
N PHE A 669 19.24 6.61 -37.66
CA PHE A 669 19.97 7.27 -38.73
C PHE A 669 19.10 8.24 -39.55
N TYR A 670 19.54 9.50 -39.62
CA TYR A 670 19.07 10.41 -40.65
C TYR A 670 19.53 9.90 -42.00
N SER A 671 18.93 10.42 -43.07
CA SER A 671 19.42 10.23 -44.43
C SER A 671 19.39 11.57 -45.16
N PRO A 672 20.32 12.46 -44.86
CA PRO A 672 20.26 13.80 -45.46
C PRO A 672 20.53 13.76 -46.96
N LEU A 673 20.10 14.84 -47.62
CA LEU A 673 20.21 14.94 -49.07
C LEU A 673 21.68 14.95 -49.49
N GLY A 674 22.00 14.11 -50.47
CA GLY A 674 23.32 14.06 -51.03
C GLY A 674 24.33 13.29 -50.21
N LYS A 675 24.04 13.03 -48.95
CA LYS A 675 24.96 12.31 -48.08
C LYS A 675 24.74 10.80 -48.12
N GLU A 676 23.92 10.30 -49.05
CA GLU A 676 23.49 8.89 -49.06
C GLU A 676 24.66 7.94 -48.88
N SER A 677 25.65 8.00 -49.77
CA SER A 677 26.73 7.01 -49.71
C SER A 677 27.63 7.22 -48.49
N ARG A 678 27.79 8.46 -48.05
CA ARG A 678 28.47 8.69 -46.77
C ARG A 678 27.73 7.97 -45.67
N VAL A 679 26.41 7.94 -45.74
CA VAL A 679 25.58 7.26 -44.74
C VAL A 679 25.65 5.73 -44.88
N ASP A 680 25.60 5.22 -46.12
CA ASP A 680 25.81 3.78 -46.32
C ASP A 680 27.13 3.31 -45.74
N GLU A 681 28.12 4.21 -45.70
CA GLU A 681 29.43 3.89 -45.14
C GLU A 681 29.35 3.78 -43.63
N ILE A 682 28.71 4.76 -42.98
CA ILE A 682 28.59 4.81 -41.53
C ILE A 682 27.84 3.60 -41.00
N LYS A 683 26.75 3.22 -41.69
CA LYS A 683 25.98 2.06 -41.26
C LYS A 683 26.83 0.80 -41.32
N ARG A 684 27.47 0.57 -42.47
CA ARG A 684 28.33 -0.58 -42.67
C ARG A 684 29.41 -0.64 -41.60
N ARG A 685 29.93 0.51 -41.19
CA ARG A 685 30.96 0.59 -40.16
C ARG A 685 30.40 0.20 -38.79
N MET A 686 29.30 0.83 -38.37
CA MET A 686 28.68 0.47 -37.10
C MET A 686 28.24 -0.99 -37.07
N ALA A 687 27.85 -1.53 -38.23
CA ALA A 687 27.39 -2.91 -38.28
C ALA A 687 28.49 -3.84 -37.85
N ARG A 688 29.74 -3.41 -37.97
CA ARG A 688 30.90 -4.17 -37.52
C ARG A 688 30.91 -5.54 -38.17
N ASN A 689 30.58 -5.57 -39.46
CA ASN A 689 30.72 -6.76 -40.28
C ASN A 689 29.88 -7.94 -39.77
N MET A 690 28.85 -7.67 -38.98
CA MET A 690 28.00 -8.69 -38.41
C MET A 690 26.81 -9.01 -39.31
N ARG A 691 26.70 -8.33 -40.45
CA ARG A 691 25.65 -8.58 -41.46
C ARG A 691 24.23 -8.53 -40.89
N SER A 692 23.96 -7.66 -39.91
CA SER A 692 22.61 -7.49 -39.34
C SER A 692 22.25 -6.02 -39.20
N ASP A 693 21.12 -5.60 -39.79
CA ASP A 693 20.60 -4.26 -39.50
C ASP A 693 20.28 -4.09 -38.02
N HIS A 694 19.77 -5.15 -37.37
CA HIS A 694 19.26 -5.05 -36.01
C HIS A 694 20.40 -4.97 -34.99
N LEU A 695 21.37 -5.86 -35.09
CA LEU A 695 22.57 -5.73 -34.27
C LEU A 695 23.26 -4.39 -34.54
N MET A 696 23.28 -3.96 -35.81
CA MET A 696 23.87 -2.68 -36.14
C MET A 696 23.31 -1.54 -35.29
N VAL A 697 21.98 -1.53 -35.07
CA VAL A 697 21.42 -0.47 -34.25
C VAL A 697 21.94 -0.58 -32.83
N HIS A 698 21.96 -1.80 -32.28
CA HIS A 698 22.46 -1.97 -30.91
C HIS A 698 23.89 -1.47 -30.79
N ASN A 699 24.75 -1.80 -31.76
CA ASN A 699 26.11 -1.26 -31.80
C ASN A 699 26.09 0.27 -31.76
N THR A 700 25.14 0.87 -32.46
CA THR A 700 25.03 2.33 -32.45
C THR A 700 24.68 2.83 -31.06
N ILE A 701 23.81 2.10 -30.36
CA ILE A 701 23.41 2.52 -29.02
C ILE A 701 24.55 2.33 -28.04
N ILE A 702 25.35 1.27 -28.22
CA ILE A 702 26.57 1.10 -27.44
C ILE A 702 27.51 2.29 -27.67
N ALA A 703 27.76 2.62 -28.95
CA ALA A 703 28.60 3.76 -29.24
C ALA A 703 28.01 5.05 -28.68
N TYR A 704 26.69 5.20 -28.76
CA TYR A 704 26.08 6.42 -28.24
C TYR A 704 26.33 6.55 -26.75
N ARG A 705 26.09 5.47 -25.98
CA ARG A 705 26.28 5.52 -24.53
C ARG A 705 27.71 5.93 -24.19
N ASP A 706 28.70 5.32 -24.86
CA ASP A 706 30.11 5.59 -24.60
C ASP A 706 30.45 7.06 -24.85
N SER A 707 29.80 7.68 -25.85
CA SER A 707 30.00 9.10 -26.13
C SER A 707 29.43 10.02 -25.05
N ARG A 708 28.38 9.61 -24.35
CA ARG A 708 27.92 10.46 -23.25
C ARG A 708 28.86 10.37 -22.06
N TYR A 709 29.33 9.16 -21.74
CA TYR A 709 30.38 8.97 -20.75
C TYR A 709 31.62 9.78 -21.09
N SER A 710 31.85 10.04 -22.38
CA SER A 710 32.99 10.80 -22.87
C SER A 710 32.68 12.28 -23.09
N HIS A 711 31.46 12.74 -22.78
CA HIS A 711 31.01 14.09 -23.10
C HIS A 711 31.29 14.46 -24.56
N ALA A 712 31.35 13.46 -25.43
CA ALA A 712 31.52 13.63 -26.87
C ALA A 712 30.20 13.60 -27.64
N GLU A 713 29.06 13.62 -26.93
CA GLU A 713 27.78 13.22 -27.52
C GLU A 713 27.45 13.94 -28.82
N ARG A 714 27.45 15.28 -28.80
CA ARG A 714 26.99 16.04 -29.96
C ARG A 714 27.90 15.84 -31.17
N ASP A 715 29.21 15.90 -30.97
CA ASP A 715 30.14 15.55 -32.04
C ASP A 715 29.86 14.16 -32.60
N PHE A 716 29.67 13.17 -31.71
CA PHE A 716 29.33 11.81 -32.13
C PHE A 716 28.10 11.77 -33.02
N CYS A 717 27.01 12.45 -32.65
CA CYS A 717 25.85 12.41 -33.52
C CYS A 717 26.06 13.11 -34.87
N TYR A 718 26.89 14.16 -34.92
CA TYR A 718 27.13 14.83 -36.19
C TYR A 718 27.95 13.96 -37.14
N LYS A 719 29.07 13.39 -36.63
CA LYS A 719 29.94 12.58 -37.48
C LYS A 719 29.19 11.42 -38.14
N ASN A 720 28.26 10.80 -37.40
CA ASN A 720 27.57 9.58 -37.82
C ASN A 720 26.15 9.79 -38.31
N PHE A 721 25.69 11.04 -38.44
CA PHE A 721 24.36 11.34 -38.98
C PHE A 721 23.26 10.67 -38.18
N LEU A 722 23.30 10.85 -36.87
CA LEU A 722 22.38 10.19 -35.95
C LEU A 722 21.55 11.20 -35.17
N SER A 723 20.28 10.85 -34.95
CA SER A 723 19.36 11.69 -34.19
C SER A 723 19.47 11.37 -32.71
N SER A 724 19.93 12.34 -31.92
CA SER A 724 19.99 12.10 -30.48
C SER A 724 18.60 11.99 -29.86
N MET A 725 17.60 12.65 -30.45
CA MET A 725 16.25 12.54 -29.94
C MET A 725 15.76 11.10 -30.09
N THR A 726 16.01 10.49 -31.24
CA THR A 726 15.63 9.10 -31.46
C THR A 726 16.39 8.17 -30.53
N LEU A 727 17.72 8.34 -30.44
CA LEU A 727 18.53 7.45 -29.62
C LEU A 727 18.11 7.47 -28.17
N GLN A 728 17.84 8.67 -27.61
CA GLN A 728 17.38 8.72 -26.23
C GLN A 728 16.04 8.03 -26.08
N GLN A 729 15.22 8.07 -27.14
CA GLN A 729 13.92 7.42 -27.05
C GLN A 729 14.06 5.91 -27.06
N LEU A 730 14.94 5.37 -27.91
CA LEU A 730 15.26 3.95 -27.89
C LEU A 730 15.70 3.51 -26.50
N GLU A 731 16.59 4.28 -25.89
CA GLU A 731 17.04 3.97 -24.54
C GLU A 731 15.88 3.95 -23.55
N ARG A 732 14.93 4.88 -23.69
CA ARG A 732 13.78 4.86 -22.78
C ARG A 732 12.91 3.63 -23.00
N MET A 733 12.66 3.26 -24.25
CA MET A 733 11.86 2.08 -24.54
C MET A 733 12.50 0.84 -23.95
N LYS A 734 13.81 0.69 -24.13
CA LYS A 734 14.54 -0.45 -23.60
C LYS A 734 14.37 -0.55 -22.10
N ASN A 735 14.57 0.56 -21.39
CA ASN A 735 14.42 0.50 -19.94
C ASN A 735 12.99 0.21 -19.53
N GLN A 736 12.02 0.56 -20.39
CA GLN A 736 10.63 0.24 -20.09
C GLN A 736 10.38 -1.26 -20.18
N PHE A 737 10.93 -1.89 -21.23
CA PHE A 737 10.90 -3.34 -21.36
C PHE A 737 11.64 -4.03 -20.20
N SER A 738 12.75 -3.44 -19.72
CA SER A 738 13.49 -4.00 -18.59
C SER A 738 12.62 -4.08 -17.35
N GLU A 739 12.00 -2.95 -16.99
CA GLU A 739 11.23 -2.86 -15.77
C GLU A 739 9.99 -3.74 -15.83
N LEU A 740 9.29 -3.75 -16.96
CA LEU A 740 8.12 -4.60 -17.09
C LEU A 740 8.47 -6.07 -16.89
N LEU A 741 9.55 -6.52 -17.51
CA LEU A 741 9.98 -7.90 -17.35
C LEU A 741 10.40 -8.18 -15.90
N TYR A 742 11.17 -7.26 -15.30
CA TYR A 742 11.49 -7.36 -13.88
C TYR A 742 10.21 -7.35 -13.03
N ASN A 743 9.21 -6.52 -13.39
CA ASN A 743 7.97 -6.56 -12.62
C ASN A 743 7.26 -7.88 -12.77
N TYR A 744 7.38 -8.52 -13.94
CA TYR A 744 6.74 -9.80 -14.23
C TYR A 744 7.56 -10.98 -13.73
N LYS A 745 8.69 -10.72 -13.07
CA LYS A 745 9.54 -11.74 -12.48
C LYS A 745 10.28 -12.57 -13.55
N PHE A 746 10.52 -12.03 -14.75
CA PHE A 746 11.42 -12.69 -15.69
C PHE A 746 12.88 -12.25 -15.51
N LEU A 747 13.12 -11.17 -14.79
CA LEU A 747 14.48 -10.69 -14.58
C LEU A 747 14.67 -10.38 -13.10
N ALA A 748 15.92 -10.55 -12.66
CA ALA A 748 16.31 -10.22 -11.30
C ALA A 748 16.63 -8.74 -11.14
N SER A 749 16.82 -8.04 -12.23
CA SER A 749 17.15 -6.62 -12.20
C SER A 749 16.48 -5.93 -13.37
N SER A 750 15.94 -4.73 -13.10
CA SER A 750 15.27 -3.89 -14.08
C SER A 750 16.24 -3.05 -14.91
N ASN A 751 17.54 -3.23 -14.75
CA ASN A 751 18.53 -2.54 -15.57
C ASN A 751 18.79 -3.40 -16.82
N CYS A 752 18.57 -2.84 -18.02
CA CYS A 752 18.80 -3.70 -19.18
C CYS A 752 20.26 -3.91 -19.47
N LYS A 753 21.12 -3.17 -18.78
CA LYS A 753 22.56 -3.35 -18.85
C LYS A 753 23.09 -4.26 -17.75
N ASP A 754 22.22 -4.76 -16.87
CA ASP A 754 22.68 -5.57 -15.73
C ASP A 754 23.48 -6.80 -16.14
N ALA A 755 24.53 -7.09 -15.35
CA ALA A 755 25.48 -8.13 -15.74
C ALA A 755 24.83 -9.51 -15.81
N ALA A 756 23.96 -9.86 -14.86
CA ALA A 756 23.36 -11.18 -14.92
C ALA A 756 22.56 -11.33 -16.20
N SER A 757 21.77 -10.30 -16.53
CA SER A 757 20.91 -10.37 -17.70
C SER A 757 21.70 -10.44 -18.99
N ASN A 758 22.97 -10.06 -18.97
CA ASN A 758 23.74 -9.96 -20.21
C ASN A 758 24.86 -10.95 -20.41
N LYS A 759 25.00 -11.98 -19.57
CA LYS A 759 26.12 -12.92 -19.71
C LYS A 759 26.28 -13.44 -21.14
N ASN A 760 25.20 -13.57 -21.88
CA ASN A 760 25.31 -14.00 -23.27
C ASN A 760 25.39 -12.87 -24.27
N SER A 761 25.26 -11.61 -23.87
CA SER A 761 25.01 -10.58 -24.86
C SER A 761 26.15 -10.40 -25.88
N GLU A 762 27.31 -11.00 -25.62
CA GLU A 762 28.45 -10.93 -26.53
C GLU A 762 28.45 -12.04 -27.57
N LYS A 763 27.62 -13.07 -27.42
CA LYS A 763 27.74 -14.27 -28.27
C LYS A 763 26.83 -14.11 -29.47
N ILE A 764 27.40 -13.76 -30.61
CA ILE A 764 26.63 -13.28 -31.76
C ILE A 764 25.74 -14.37 -32.34
N PRO A 765 26.16 -15.64 -32.39
CA PRO A 765 25.23 -16.66 -32.88
C PRO A 765 24.01 -16.80 -31.99
N LEU A 766 24.17 -16.62 -30.69
CA LEU A 766 23.02 -16.66 -29.80
C LEU A 766 22.07 -15.51 -30.09
N LEU A 767 22.65 -14.33 -30.36
CA LEU A 767 21.85 -13.16 -30.69
C LEU A 767 21.05 -13.41 -31.97
N ARG A 768 21.71 -13.89 -33.04
CA ARG A 768 21.00 -14.17 -34.28
C ARG A 768 19.89 -15.19 -34.06
N ALA A 769 20.12 -16.15 -33.16
CA ALA A 769 19.10 -17.15 -32.88
C ALA A 769 17.88 -16.48 -32.27
N ILE A 770 18.10 -15.63 -31.25
CA ILE A 770 16.99 -14.97 -30.58
C ILE A 770 16.33 -13.94 -31.49
N ILE A 771 17.12 -13.17 -32.24
CA ILE A 771 16.55 -12.25 -33.22
C ILE A 771 15.66 -13.01 -34.18
N GLY A 772 16.16 -14.15 -34.68
CA GLY A 772 15.35 -14.98 -35.56
C GLY A 772 14.10 -15.52 -34.90
N ALA A 773 14.20 -15.89 -33.62
CA ALA A 773 13.02 -16.40 -32.91
C ALA A 773 11.88 -15.40 -32.93
N GLY A 774 12.19 -14.11 -32.94
CA GLY A 774 11.18 -13.09 -33.03
C GLY A 774 10.67 -12.90 -34.43
N LEU A 775 11.56 -12.86 -35.42
CA LEU A 775 11.17 -12.54 -36.80
C LEU A 775 10.72 -13.76 -37.61
N TYR A 776 10.95 -14.97 -37.10
CA TYR A 776 10.43 -16.17 -37.75
C TYR A 776 8.89 -16.04 -37.79
N PRO A 777 8.25 -16.49 -38.90
CA PRO A 777 8.90 -17.13 -40.03
C PRO A 777 9.29 -16.27 -41.25
N ASN A 778 9.85 -15.09 -41.11
CA ASN A 778 10.22 -14.33 -42.30
C ASN A 778 11.65 -14.70 -42.65
N MET A 779 11.82 -15.48 -43.71
CA MET A 779 13.13 -16.02 -44.06
C MET A 779 13.39 -15.79 -45.53
N ALA A 780 14.67 -15.73 -45.88
CA ALA A 780 15.11 -15.54 -47.24
C ALA A 780 16.34 -16.40 -47.49
N HIS A 781 16.53 -16.78 -48.74
CA HIS A 781 17.64 -17.64 -49.15
C HIS A 781 18.36 -16.99 -50.33
N LEU A 782 19.69 -16.91 -50.25
CA LEU A 782 20.53 -16.22 -51.23
C LEU A 782 21.35 -17.23 -52.03
N ARG A 783 21.15 -17.27 -53.37
CA ARG A 783 21.86 -18.16 -54.28
C ARG A 783 22.95 -17.56 -55.18
N LYS A 784 23.20 -16.23 -55.19
CA LYS A 784 23.97 -15.57 -56.28
C LYS A 784 25.22 -14.83 -55.79
N SER A 785 25.88 -14.19 -56.76
CA SER A 785 27.23 -13.63 -56.60
C SER A 785 27.44 -12.48 -57.57
N ARG A 786 28.47 -11.69 -57.28
CA ARG A 786 29.01 -10.63 -58.15
C ARG A 786 30.13 -9.85 -57.42
N ARG A 793 30.24 -3.48 -55.48
CA ARG A 793 28.99 -4.16 -55.17
C ARG A 793 28.80 -5.50 -55.82
N ALA A 794 27.78 -6.21 -55.35
CA ALA A 794 27.43 -7.53 -55.83
C ALA A 794 25.94 -7.59 -56.15
N ILE A 795 25.56 -8.57 -56.97
CA ILE A 795 24.18 -8.78 -57.37
C ILE A 795 23.65 -10.02 -56.66
N HIS A 796 22.37 -10.00 -56.28
CA HIS A 796 21.79 -11.04 -55.44
C HIS A 796 20.61 -11.74 -56.09
N THR A 797 20.64 -13.07 -56.11
CA THR A 797 19.46 -13.88 -56.31
C THR A 797 19.02 -14.36 -54.94
N MET A 798 17.85 -13.93 -54.53
CA MET A 798 17.37 -14.25 -53.19
C MET A 798 15.87 -14.35 -53.27
N ALA A 799 15.29 -15.25 -52.51
CA ALA A 799 13.84 -15.33 -52.47
C ALA A 799 13.38 -15.65 -51.06
N THR A 800 12.19 -15.15 -50.71
CA THR A 800 11.64 -15.50 -49.42
C THR A 800 11.20 -16.97 -49.42
N ASP A 801 10.76 -17.46 -48.28
CA ASP A 801 10.30 -18.85 -48.16
C ASP A 801 9.09 -19.14 -49.04
N ASP A 802 8.38 -18.11 -49.48
CA ASP A 802 7.22 -18.32 -50.32
C ASP A 802 7.56 -18.38 -51.81
N GLY A 803 8.84 -18.23 -52.17
CA GLY A 803 9.28 -18.36 -53.53
C GLY A 803 9.53 -17.05 -54.26
N ARG A 804 8.99 -15.95 -53.75
CA ARG A 804 9.07 -14.66 -54.45
C ARG A 804 10.48 -14.06 -54.40
N ARG A 805 10.90 -13.45 -55.51
CA ARG A 805 12.21 -12.83 -55.56
C ARG A 805 12.21 -11.52 -54.75
N VAL A 806 13.29 -11.30 -54.01
CA VAL A 806 13.48 -10.12 -53.17
C VAL A 806 14.94 -9.69 -53.25
N ASN A 807 15.18 -8.44 -52.84
CA ASN A 807 16.52 -7.93 -52.60
C ASN A 807 16.52 -7.12 -51.31
N PHE A 808 17.70 -6.94 -50.74
CA PHE A 808 17.82 -6.06 -49.58
C PHE A 808 17.54 -4.63 -50.04
N HIS A 809 16.71 -3.92 -49.28
CA HIS A 809 16.51 -2.52 -49.60
C HIS A 809 17.85 -1.82 -49.58
N PRO A 810 18.09 -0.90 -50.53
CA PRO A 810 19.43 -0.28 -50.63
C PRO A 810 19.89 0.40 -49.37
N SER A 811 18.97 0.76 -48.47
CA SER A 811 19.28 1.34 -47.18
C SER A 811 19.69 0.30 -46.14
N SER A 812 19.46 -0.99 -46.39
CA SER A 812 19.90 -2.04 -45.49
C SER A 812 21.40 -2.26 -45.65
N VAL A 813 22.08 -2.56 -44.54
CA VAL A 813 23.52 -2.77 -44.59
C VAL A 813 23.89 -3.97 -45.41
N ASN A 814 22.95 -4.84 -45.73
CA ASN A 814 23.30 -6.01 -46.52
C ASN A 814 23.21 -5.79 -48.03
N SER A 815 22.87 -4.58 -48.48
CA SER A 815 22.68 -4.37 -49.91
C SER A 815 24.03 -4.35 -50.59
N GLY A 816 24.19 -5.18 -51.62
CA GLY A 816 25.40 -5.19 -52.40
C GLY A 816 26.57 -5.87 -51.76
N GLU A 817 26.45 -6.30 -50.51
CA GLU A 817 27.52 -7.04 -49.85
C GLU A 817 27.66 -8.43 -50.46
N SER A 818 28.86 -8.98 -50.33
CA SER A 818 29.14 -10.35 -50.72
C SER A 818 30.00 -10.97 -49.63
N GLY A 819 30.15 -12.28 -49.68
CA GLY A 819 30.94 -12.94 -48.66
C GLY A 819 30.18 -13.13 -47.36
N PHE A 820 28.93 -13.54 -47.45
CA PHE A 820 28.14 -13.88 -46.27
C PHE A 820 28.49 -15.29 -45.79
N ASP A 821 28.67 -15.44 -44.48
CA ASP A 821 28.88 -16.78 -43.93
C ASP A 821 27.65 -17.67 -44.10
N SER A 822 26.47 -17.09 -44.25
CA SER A 822 25.27 -17.89 -44.36
C SER A 822 24.39 -17.35 -45.48
N ALA A 823 23.62 -18.25 -46.08
CA ALA A 823 22.74 -17.91 -47.17
C ALA A 823 21.34 -17.62 -46.70
N TYR A 824 21.13 -17.59 -45.39
CA TYR A 824 19.79 -17.41 -44.84
C TYR A 824 19.71 -16.11 -44.04
N PHE A 825 18.54 -15.47 -44.11
CA PHE A 825 18.28 -14.19 -43.48
C PHE A 825 16.85 -14.18 -42.94
N VAL A 826 16.65 -13.41 -41.87
CA VAL A 826 15.32 -13.09 -41.38
C VAL A 826 15.16 -11.58 -41.50
N TYR A 827 13.91 -11.13 -41.55
CA TYR A 827 13.60 -9.74 -41.83
C TYR A 827 12.32 -9.38 -41.09
N PHE A 828 12.20 -8.11 -40.69
CA PHE A 828 10.95 -7.65 -40.10
C PHE A 828 9.94 -7.25 -41.18
N GLN A 829 10.39 -6.52 -42.20
CA GLN A 829 9.44 -5.90 -43.11
C GLN A 829 9.85 -6.08 -44.57
N ARG A 830 8.90 -6.55 -45.40
CA ARG A 830 9.07 -6.66 -46.85
C ARG A 830 8.11 -5.71 -47.57
N GLN A 831 8.64 -4.94 -48.53
CA GLN A 831 7.87 -3.87 -49.13
C GLN A 831 8.19 -3.75 -50.60
N LYS A 832 7.14 -3.58 -51.42
CA LYS A 832 7.29 -3.46 -52.86
C LYS A 832 7.28 -1.99 -53.23
N SER A 833 8.33 -1.54 -53.91
CA SER A 833 8.25 -0.27 -54.61
C SER A 833 8.67 -0.44 -56.07
N THR A 834 9.97 -0.36 -56.35
CA THR A 834 10.53 -0.63 -57.66
C THR A 834 11.09 -2.04 -57.73
N ASP A 835 10.99 -2.76 -56.62
CA ASP A 835 11.38 -4.15 -56.51
C ASP A 835 10.76 -4.63 -55.21
N LEU A 836 10.87 -5.91 -54.96
CA LEU A 836 10.41 -6.45 -53.69
C LEU A 836 11.60 -6.43 -52.75
N PHE A 837 11.54 -5.58 -51.73
CA PHE A 837 12.68 -5.31 -50.86
C PHE A 837 12.43 -5.83 -49.45
N LEU A 838 13.51 -6.31 -48.82
CA LEU A 838 13.55 -6.55 -47.39
C LEU A 838 14.07 -5.26 -46.76
N LEU A 839 13.22 -4.57 -45.99
CA LEU A 839 13.63 -3.27 -45.48
C LEU A 839 14.73 -3.38 -44.42
N ASP A 840 14.79 -4.51 -43.72
CA ASP A 840 15.75 -4.74 -42.66
C ASP A 840 15.99 -6.25 -42.58
N SER A 841 17.21 -6.66 -42.24
CA SER A 841 17.51 -8.11 -42.23
C SER A 841 18.66 -8.46 -41.29
N THR A 842 18.65 -9.71 -40.84
CA THR A 842 19.75 -10.30 -40.11
C THR A 842 20.11 -11.64 -40.72
N MET A 843 21.41 -11.86 -40.95
CA MET A 843 21.89 -13.17 -41.36
C MET A 843 21.75 -14.15 -40.21
N VAL A 844 21.14 -15.30 -40.49
CA VAL A 844 20.85 -16.31 -39.48
C VAL A 844 21.48 -17.63 -39.91
N PHE A 845 21.56 -18.57 -38.96
CA PHE A 845 22.08 -19.89 -39.31
C PHE A 845 21.01 -20.96 -39.21
N PRO A 846 21.08 -21.96 -40.11
CA PRO A 846 20.07 -23.03 -40.10
C PRO A 846 19.88 -23.73 -38.77
N MET A 847 20.93 -23.93 -37.98
CA MET A 847 20.70 -24.61 -36.71
C MET A 847 19.83 -23.78 -35.76
N ALA A 848 19.91 -22.44 -35.83
CA ALA A 848 19.07 -21.63 -34.96
C ALA A 848 17.62 -21.63 -35.44
N LEU A 849 17.43 -21.54 -36.77
CA LEU A 849 16.09 -21.61 -37.34
C LEU A 849 15.39 -22.87 -36.89
N ILE A 850 16.08 -24.01 -37.00
CA ILE A 850 15.51 -25.29 -36.63
C ILE A 850 15.09 -25.31 -35.17
N ILE A 851 15.97 -24.85 -34.27
CA ILE A 851 15.67 -24.96 -32.83
C ILE A 851 14.47 -24.10 -32.47
N PHE A 852 14.44 -22.84 -32.90
CA PHE A 852 13.37 -21.98 -32.44
C PHE A 852 12.17 -21.95 -33.37
N GLY A 853 12.28 -22.50 -34.57
CA GLY A 853 11.20 -22.46 -35.54
C GLY A 853 10.20 -23.58 -35.30
N ASP A 854 9.46 -23.91 -36.35
CA ASP A 854 8.53 -25.04 -36.35
C ASP A 854 8.54 -25.64 -37.74
N GLY A 855 7.71 -26.67 -37.93
CA GLY A 855 7.77 -27.40 -39.19
C GLY A 855 9.05 -28.19 -39.31
N VAL A 856 9.51 -28.75 -38.20
CA VAL A 856 10.76 -29.49 -38.14
C VAL A 856 10.44 -30.96 -38.28
N GLU A 857 11.08 -31.63 -39.23
CA GLU A 857 11.05 -33.09 -39.24
C GLU A 857 12.36 -33.64 -39.79
N ALA A 858 12.68 -34.86 -39.37
CA ALA A 858 13.85 -35.58 -39.81
C ALA A 858 13.44 -36.68 -40.78
N GLY A 859 14.29 -36.95 -41.76
CA GLY A 859 13.92 -37.95 -42.74
C GLY A 859 15.04 -38.26 -43.72
N VAL A 860 14.65 -38.88 -44.82
CA VAL A 860 15.52 -39.19 -45.95
C VAL A 860 14.75 -38.86 -47.21
N THR A 861 15.30 -37.98 -48.06
CA THR A 861 14.59 -37.56 -49.27
C THR A 861 15.11 -38.29 -50.50
N GLN A 862 16.40 -38.15 -50.82
CA GLN A 862 16.84 -39.03 -51.89
C GLN A 862 17.50 -40.24 -51.28
N ASN A 863 18.81 -40.23 -51.11
CA ASN A 863 19.42 -41.18 -50.20
C ASN A 863 20.14 -40.49 -49.07
N THR A 864 19.88 -39.22 -48.91
CA THR A 864 20.43 -38.31 -47.92
C THR A 864 19.51 -38.22 -46.70
N PRO A 865 20.06 -38.32 -45.49
CA PRO A 865 19.29 -37.98 -44.30
C PRO A 865 19.22 -36.45 -44.14
N TYR A 866 18.05 -35.96 -43.74
CA TYR A 866 17.82 -34.52 -43.72
C TYR A 866 17.18 -34.08 -42.41
N LEU A 867 17.20 -32.76 -42.22
CA LEU A 867 16.42 -32.08 -41.20
C LEU A 867 15.90 -30.79 -41.81
N CYS A 868 14.62 -30.53 -41.64
CA CYS A 868 14.04 -29.36 -42.29
C CYS A 868 13.49 -28.38 -41.23
N VAL A 869 13.05 -27.23 -41.74
CA VAL A 869 12.35 -26.24 -40.95
C VAL A 869 11.32 -25.60 -41.86
N ALA A 870 10.14 -25.30 -41.31
CA ALA A 870 9.04 -24.71 -42.04
C ALA A 870 8.58 -25.57 -43.21
N LYS A 871 8.92 -26.86 -43.17
CA LYS A 871 8.67 -27.76 -44.30
C LYS A 871 9.07 -27.11 -45.62
N THR A 872 10.14 -26.32 -45.57
CA THR A 872 10.55 -25.54 -46.74
C THR A 872 12.02 -25.76 -47.01
N TYR A 873 12.86 -25.38 -46.05
CA TYR A 873 14.29 -25.45 -46.18
C TYR A 873 14.81 -26.77 -45.60
N TYR A 874 15.41 -27.61 -46.46
CA TYR A 874 15.88 -28.95 -46.08
C TYR A 874 17.41 -28.98 -46.02
N PHE A 875 17.94 -29.42 -44.87
CA PHE A 875 19.37 -29.41 -44.59
C PHE A 875 19.89 -30.81 -44.36
N LYS A 876 21.11 -31.08 -44.84
CA LYS A 876 21.72 -32.38 -44.63
C LYS A 876 22.04 -32.52 -43.16
N CYS A 877 21.49 -33.56 -42.53
CA CYS A 877 21.76 -33.80 -41.13
C CYS A 877 21.79 -35.29 -40.87
N ASN A 878 22.81 -35.75 -40.15
CA ASN A 878 22.85 -37.15 -39.82
C ASN A 878 21.81 -37.46 -38.73
N ARG A 879 21.65 -38.74 -38.40
CA ARG A 879 20.53 -39.11 -37.54
C ARG A 879 20.82 -38.80 -36.07
N GLU A 880 22.07 -38.91 -35.64
CA GLU A 880 22.36 -38.61 -34.24
C GLU A 880 22.01 -37.16 -33.92
N THR A 881 22.34 -36.23 -34.80
CA THR A 881 22.05 -34.82 -34.55
C THR A 881 20.55 -34.55 -34.61
N ALA A 882 19.87 -35.03 -35.66
CA ALA A 882 18.43 -34.88 -35.71
C ALA A 882 17.75 -35.38 -34.43
N ASP A 883 18.17 -36.54 -33.91
CA ASP A 883 17.45 -37.05 -32.74
C ASP A 883 17.73 -36.21 -31.51
N VAL A 884 18.88 -35.54 -31.45
CA VAL A 884 19.16 -34.64 -30.33
C VAL A 884 18.38 -33.34 -30.50
N VAL A 885 18.49 -32.72 -31.67
CA VAL A 885 17.82 -31.44 -31.89
C VAL A 885 16.33 -31.57 -31.62
N ILE A 886 15.72 -32.66 -32.06
CA ILE A 886 14.29 -32.86 -31.83
C ILE A 886 13.99 -33.06 -30.36
N GLN A 887 14.79 -33.88 -29.68
CA GLN A 887 14.64 -33.96 -28.23
C GLN A 887 14.85 -32.59 -27.59
N LEU A 888 15.76 -31.80 -28.15
CA LEU A 888 16.04 -30.47 -27.64
C LEU A 888 14.83 -29.55 -27.81
N ARG A 889 14.18 -29.58 -28.97
CA ARG A 889 13.03 -28.72 -29.20
C ARG A 889 11.87 -29.05 -28.24
N SER A 890 11.63 -30.35 -27.98
CA SER A 890 10.63 -30.73 -26.97
C SER A 890 10.93 -30.09 -25.63
N ASN A 891 12.17 -30.20 -25.15
CA ASN A 891 12.49 -29.64 -23.84
C ASN A 891 12.38 -28.13 -23.83
N LEU A 892 12.87 -27.46 -24.89
CA LEU A 892 12.68 -26.02 -24.97
C LEU A 892 11.20 -25.68 -24.90
N GLU A 893 10.35 -26.44 -25.57
CA GLU A 893 8.92 -26.13 -25.51
C GLU A 893 8.37 -26.24 -24.10
N LYS A 894 8.62 -27.38 -23.45
CA LYS A 894 8.26 -27.63 -22.06
C LYS A 894 8.80 -26.54 -21.14
N LEU A 895 9.99 -26.02 -21.43
CA LEU A 895 10.57 -24.99 -20.57
C LEU A 895 9.77 -23.69 -20.66
N LEU A 896 9.57 -23.21 -21.90
CA LEU A 896 8.84 -21.97 -22.15
C LEU A 896 7.44 -22.02 -21.53
N LEU A 897 6.72 -23.13 -21.75
CA LEU A 897 5.42 -23.32 -21.10
C LEU A 897 5.49 -23.16 -19.59
N LYS A 898 6.53 -23.71 -18.95
CA LYS A 898 6.71 -23.52 -17.52
C LYS A 898 6.95 -22.04 -17.17
N LYS A 899 7.92 -21.41 -17.86
CA LYS A 899 8.33 -20.05 -17.51
C LYS A 899 7.16 -19.08 -17.65
N ALA A 900 6.31 -19.28 -18.65
CA ALA A 900 5.15 -18.41 -18.78
C ALA A 900 4.16 -18.61 -17.64
N LEU A 901 3.88 -19.86 -17.27
CA LEU A 901 2.93 -20.12 -16.18
C LEU A 901 3.51 -19.77 -14.81
N TYR A 902 4.80 -20.01 -14.61
CA TYR A 902 5.43 -19.79 -13.32
C TYR A 902 6.63 -18.87 -13.48
N PRO A 903 6.38 -17.58 -13.72
CA PRO A 903 7.48 -16.66 -14.01
C PRO A 903 8.45 -16.60 -12.85
N ALA A 904 9.73 -16.66 -13.20
CA ALA A 904 10.82 -16.53 -12.24
C ALA A 904 12.09 -16.51 -13.07
N PRO A 905 13.06 -15.67 -12.73
CA PRO A 905 14.31 -15.64 -13.52
C PRO A 905 14.96 -17.01 -13.49
N ILE A 906 15.67 -17.35 -14.57
CA ILE A 906 16.37 -18.63 -14.60
C ILE A 906 17.53 -18.60 -13.61
N GLU A 907 17.51 -19.52 -12.65
CA GLU A 907 18.57 -19.58 -11.65
C GLU A 907 19.88 -19.93 -12.33
N GLU A 908 20.95 -19.25 -11.93
CA GLU A 908 22.20 -19.38 -12.67
C GLU A 908 22.78 -20.80 -12.61
N ASN A 909 22.68 -21.48 -11.48
CA ASN A 909 23.17 -22.86 -11.40
C ASN A 909 22.12 -23.97 -11.43
N GLY A 910 20.83 -23.67 -11.61
CA GLY A 910 19.79 -24.67 -11.52
C GLY A 910 19.63 -25.59 -12.73
N TYR A 911 18.51 -26.35 -12.71
CA TYR A 911 18.16 -27.31 -13.76
C TYR A 911 17.85 -26.62 -15.07
N GLU A 912 17.03 -25.55 -15.02
CA GLU A 912 16.67 -24.83 -16.23
C GLU A 912 17.89 -24.30 -16.94
N LYS A 913 18.88 -23.82 -16.18
CA LYS A 913 20.05 -23.26 -16.81
C LYS A 913 20.80 -24.31 -17.63
N GLN A 914 20.67 -25.58 -17.26
CA GLN A 914 21.32 -26.64 -18.04
C GLN A 914 20.80 -26.68 -19.47
N LEU A 915 19.48 -26.56 -19.64
CA LEU A 915 18.89 -26.60 -20.98
C LEU A 915 19.28 -25.38 -21.80
N ILE A 916 19.44 -24.23 -21.15
CA ILE A 916 19.94 -23.05 -21.84
C ILE A 916 21.36 -23.31 -22.32
N LYS A 917 22.21 -23.85 -21.44
CA LYS A 917 23.61 -24.12 -21.78
C LYS A 917 23.73 -25.16 -22.88
N ALA A 918 22.78 -26.11 -22.94
CA ALA A 918 22.76 -27.03 -24.08
C ALA A 918 22.57 -26.29 -25.39
N ILE A 919 21.69 -25.29 -25.43
CA ILE A 919 21.41 -24.56 -26.67
C ILE A 919 22.54 -23.59 -27.01
N GLU A 920 23.10 -22.93 -26.00
CA GLU A 920 24.27 -22.09 -26.22
C GLU A 920 25.35 -22.87 -26.98
N LEU A 921 25.62 -24.10 -26.52
CA LEU A 921 26.66 -24.93 -27.10
C LEU A 921 26.41 -25.22 -28.57
N LEU A 922 25.26 -25.82 -28.89
CA LEU A 922 24.91 -26.13 -30.29
C LEU A 922 24.98 -24.90 -31.20
N LEU A 923 24.53 -23.74 -30.71
CA LEU A 923 24.54 -22.55 -31.55
C LEU A 923 25.92 -21.99 -31.71
N SER A 924 26.80 -22.22 -30.74
CA SER A 924 28.15 -21.67 -30.78
C SER A 924 29.00 -22.31 -31.85
N LEU A 925 28.55 -23.42 -32.44
CA LEU A 925 29.30 -24.10 -33.50
C LEU A 925 29.41 -23.25 -34.76
N ASP A 926 28.52 -22.27 -34.92
CA ASP A 926 28.51 -21.43 -36.10
C ASP A 926 29.34 -20.16 -35.94
N GLU A 927 30.09 -20.06 -34.84
CA GLU A 927 30.93 -18.90 -34.60
C GLU A 927 31.97 -18.75 -35.71
N ARG A 928 32.37 -17.50 -35.94
CA ARG A 928 33.32 -17.19 -37.00
C ARG A 928 34.76 -17.46 -36.51
N LEU A 929 35.44 -18.39 -37.17
CA LEU A 929 36.82 -18.68 -36.79
C LEU A 929 37.73 -17.69 -37.52
N ILE B 52 32.26 -1.51 54.87
CA ILE B 52 32.22 -2.35 53.68
C ILE B 52 32.40 -3.83 54.03
N ARG B 53 31.50 -4.68 53.53
CA ARG B 53 31.56 -6.14 53.67
C ARG B 53 31.84 -6.78 52.31
N LEU B 54 32.75 -7.75 52.25
CA LEU B 54 33.18 -8.33 50.97
C LEU B 54 32.53 -9.67 50.71
N GLY B 55 31.99 -9.85 49.50
CA GLY B 55 31.32 -11.06 49.12
C GLY B 55 32.19 -12.00 48.30
N CYS B 56 31.53 -12.98 47.69
CA CYS B 56 32.20 -14.11 47.06
C CYS B 56 33.01 -13.68 45.85
N ASN B 57 33.93 -14.53 45.43
CA ASN B 57 34.86 -14.22 44.34
C ASN B 57 34.25 -14.43 42.97
N VAL B 58 34.24 -13.37 42.16
CA VAL B 58 33.75 -13.43 40.78
C VAL B 58 34.87 -13.55 39.76
N SER B 59 36.13 -13.68 40.18
CA SER B 59 37.23 -13.69 39.23
C SER B 59 37.11 -14.86 38.27
N ALA B 60 37.64 -14.70 37.10
CA ALA B 60 37.43 -15.66 36.05
C ALA B 60 38.72 -16.41 35.71
N PRO B 61 38.61 -17.64 35.18
CA PRO B 61 39.79 -18.37 34.70
C PRO B 61 40.51 -17.63 33.57
N SER B 62 41.85 -17.71 33.57
CA SER B 62 42.64 -17.01 32.56
C SER B 62 42.25 -17.42 31.15
N GLY B 63 41.99 -18.72 30.98
CA GLY B 63 41.64 -19.19 29.65
C GLY B 63 40.42 -18.50 29.11
N VAL B 64 39.47 -18.18 30.00
CA VAL B 64 38.23 -17.55 29.58
C VAL B 64 38.47 -16.08 29.25
N LEU B 65 39.12 -15.31 30.15
CA LEU B 65 39.43 -13.91 29.86
C LEU B 65 40.21 -13.75 28.55
N GLU B 66 41.07 -14.72 28.20
CA GLU B 66 41.77 -14.63 26.93
C GLU B 66 40.79 -14.63 25.75
N ARG B 67 39.75 -15.47 25.82
CA ARG B 67 38.76 -15.56 24.74
C ARG B 67 37.80 -14.37 24.78
N VAL B 68 37.39 -13.96 25.98
CA VAL B 68 36.63 -12.73 26.11
C VAL B 68 37.40 -11.59 25.47
N LYS B 69 38.72 -11.51 25.71
CA LYS B 69 39.49 -10.43 25.11
C LYS B 69 39.55 -10.54 23.59
N GLU B 70 39.72 -11.75 23.07
CA GLU B 70 39.75 -11.90 21.62
C GLU B 70 38.41 -11.48 20.99
N LEU B 71 37.30 -11.85 21.63
CA LEU B 71 35.99 -11.56 21.04
C LEU B 71 35.71 -10.06 21.06
N MET B 72 35.98 -9.40 22.18
CA MET B 72 35.86 -7.96 22.20
C MET B 72 36.71 -7.32 21.12
N GLU B 73 37.86 -7.90 20.79
CA GLU B 73 38.61 -7.26 19.72
C GLU B 73 38.09 -7.61 18.34
N ASP B 74 37.47 -8.78 18.15
CA ASP B 74 36.74 -8.99 16.90
C ASP B 74 35.62 -7.98 16.74
N TYR B 75 34.83 -7.77 17.81
CA TYR B 75 33.72 -6.81 17.75
C TYR B 75 34.24 -5.40 17.47
N SER B 76 35.33 -5.00 18.12
CA SER B 76 35.85 -3.65 18.03
C SER B 76 36.48 -3.34 16.66
N ARG B 77 36.67 -4.33 15.80
CA ARG B 77 37.27 -4.10 14.49
C ARG B 77 36.25 -3.79 13.40
N ALA B 78 34.96 -3.64 13.75
CA ALA B 78 33.93 -3.37 12.77
C ALA B 78 33.91 -1.89 12.34
N PRO B 79 33.53 -1.60 11.08
CA PRO B 79 33.36 -0.25 10.54
C PRO B 79 32.33 0.62 11.30
N ASP B 90 20.50 0.41 6.46
CA ASP B 90 19.79 1.68 6.24
C ASP B 90 18.77 1.95 7.35
N ALA B 91 18.71 3.20 7.82
CA ALA B 91 17.84 3.54 8.93
C ALA B 91 16.77 4.54 8.53
N LYS B 92 15.53 4.05 8.38
CA LYS B 92 14.38 4.93 8.41
C LYS B 92 14.14 5.40 9.83
N PHE B 93 14.50 4.57 10.83
CA PHE B 93 14.22 4.87 12.22
C PHE B 93 15.07 6.03 12.73
N GLN B 94 16.32 6.13 12.27
CA GLN B 94 17.15 7.26 12.66
C GLN B 94 16.53 8.56 12.16
N GLN B 95 15.99 8.54 10.95
CA GLN B 95 15.29 9.70 10.43
C GLN B 95 13.99 9.96 11.20
N GLN B 96 13.20 8.91 11.48
CA GLN B 96 12.00 9.09 12.32
C GLN B 96 12.34 9.68 13.67
N PHE B 97 13.40 9.19 14.32
CA PHE B 97 13.75 9.63 15.67
C PHE B 97 14.26 11.06 15.68
N ARG B 98 15.10 11.41 14.70
CA ARG B 98 15.58 12.79 14.63
C ARG B 98 14.42 13.72 14.31
N HIS B 99 13.49 13.28 13.44
CA HIS B 99 12.34 14.08 13.04
C HIS B 99 11.36 14.32 14.18
N LEU B 100 11.21 13.35 15.09
CA LEU B 100 10.35 13.60 16.23
C LEU B 100 10.89 14.74 17.09
N LEU B 101 12.21 14.75 17.29
CA LEU B 101 12.83 15.74 18.17
C LEU B 101 12.89 17.11 17.51
N SER B 102 12.84 17.16 16.18
CA SER B 102 12.97 18.40 15.43
C SER B 102 11.69 19.22 15.36
N VAL B 103 10.52 18.61 15.31
CA VAL B 103 9.29 19.38 15.15
C VAL B 103 8.86 19.95 16.51
N ASN B 104 8.31 21.16 16.49
CA ASN B 104 7.64 21.74 17.65
C ASN B 104 6.17 21.34 17.66
N PHE B 105 5.44 21.70 18.72
CA PHE B 105 4.08 21.19 18.84
C PHE B 105 3.21 21.70 17.70
N GLU B 106 3.45 22.93 17.26
CA GLU B 106 2.66 23.50 16.17
C GLU B 106 2.85 22.73 14.89
N GLU B 107 4.11 22.46 14.51
CA GLU B 107 4.38 21.67 13.32
C GLU B 107 3.89 20.25 13.48
N PHE B 108 3.95 19.73 14.70
CA PHE B 108 3.41 18.41 14.99
C PHE B 108 1.94 18.36 14.63
N VAL B 109 1.20 19.40 15.03
CA VAL B 109 -0.23 19.46 14.75
C VAL B 109 -0.49 19.53 13.25
N ALA B 110 0.28 20.35 12.54
CA ALA B 110 0.13 20.45 11.10
C ALA B 110 0.37 19.10 10.43
N GLU B 111 1.49 18.46 10.77
CA GLU B 111 1.92 17.27 10.05
C GLU B 111 0.95 16.11 10.24
N THR B 112 0.40 15.96 11.46
CA THR B 112 -0.58 14.90 11.69
C THR B 112 -1.92 15.18 10.97
N LYS B 113 -2.26 16.45 10.78
CA LYS B 113 -3.48 16.76 10.04
C LYS B 113 -3.44 16.15 8.64
N GLU B 114 -2.24 16.08 8.04
CA GLU B 114 -2.08 15.55 6.68
C GLU B 114 -2.18 14.04 6.63
N ARG B 115 -1.45 13.32 7.52
CA ARG B 115 -1.37 11.87 7.40
C ARG B 115 -2.66 11.15 7.78
N ASN B 116 -3.47 11.71 8.68
CA ASN B 116 -4.78 11.10 8.95
C ASN B 116 -5.81 12.04 8.36
N ALA B 117 -6.12 11.84 7.07
CA ALA B 117 -7.06 12.63 6.30
C ALA B 117 -8.33 11.90 5.86
N ASP B 118 -8.46 10.60 6.15
CA ASP B 118 -9.48 9.79 5.48
C ASP B 118 -10.88 10.35 5.61
N LEU B 119 -11.21 10.96 6.74
CA LEU B 119 -12.54 11.48 7.00
C LEU B 119 -12.79 12.85 6.36
N ASP B 120 -11.82 13.40 5.63
CA ASP B 120 -12.17 14.45 4.69
C ASP B 120 -12.98 13.89 3.51
N TRP B 121 -13.13 12.57 3.41
CA TRP B 121 -13.73 11.91 2.27
C TRP B 121 -14.99 11.19 2.66
N VAL B 122 -16.10 11.48 1.95
CA VAL B 122 -17.38 10.82 2.14
C VAL B 122 -17.85 10.22 0.82
N ASN B 123 -18.84 9.31 0.94
CA ASN B 123 -19.33 8.46 -0.15
C ASN B 123 -20.82 8.68 -0.39
N PRO B 124 -21.19 9.65 -1.25
CA PRO B 124 -22.63 9.99 -1.43
C PRO B 124 -23.48 8.85 -1.95
N LYS B 125 -22.92 7.95 -2.75
CA LYS B 125 -23.66 6.76 -3.14
C LYS B 125 -23.89 5.85 -1.95
N LEU B 126 -22.95 5.81 -1.00
CA LEU B 126 -23.13 5.02 0.22
C LEU B 126 -24.02 5.72 1.23
N ASP B 127 -23.82 7.05 1.39
CA ASP B 127 -24.73 7.84 2.19
C ASP B 127 -26.16 7.52 1.81
N GLU B 128 -26.46 7.67 0.53
CA GLU B 128 -27.81 7.50 0.02
C GLU B 128 -28.32 6.07 0.24
N ARG B 129 -27.49 5.06 -0.06
CA ARG B 129 -27.95 3.67 0.02
C ARG B 129 -28.32 3.29 1.44
N LEU B 130 -27.62 3.85 2.43
CA LEU B 130 -27.92 3.54 3.83
C LEU B 130 -29.09 4.34 4.34
N GLN B 131 -29.19 5.63 3.97
CA GLN B 131 -30.39 6.42 4.26
C GLN B 131 -31.64 5.68 3.82
N LEU B 132 -31.55 4.98 2.68
CA LEU B 132 -32.69 4.22 2.20
C LEU B 132 -32.95 2.99 3.05
N GLU B 133 -31.93 2.21 3.36
CA GLU B 133 -32.15 0.95 4.06
C GLU B 133 -32.54 1.13 5.52
N LEU B 134 -32.26 2.29 6.12
CA LEU B 134 -32.68 2.50 7.51
C LEU B 134 -34.18 2.71 7.56
N GLY B 135 -34.68 3.71 6.81
CA GLY B 135 -36.12 3.97 6.77
C GLY B 135 -36.92 2.76 6.30
N GLN B 136 -36.35 1.99 5.36
CA GLN B 136 -37.02 0.81 4.85
C GLN B 136 -37.07 -0.32 5.88
N ARG B 137 -35.95 -0.62 6.53
CA ARG B 137 -36.00 -1.75 7.43
C ARG B 137 -36.60 -1.41 8.80
N GLN B 138 -36.90 -0.14 9.06
CA GLN B 138 -37.65 0.19 10.27
C GLN B 138 -39.13 -0.18 10.15
N LEU B 139 -39.62 -0.48 8.93
CA LEU B 139 -40.99 -0.91 8.67
C LEU B 139 -41.15 -2.43 8.68
N GLU B 140 -40.06 -3.18 8.70
CA GLU B 140 -40.10 -4.62 8.83
C GLU B 140 -40.52 -4.99 10.24
N GLU B 141 -40.96 -6.23 10.42
CA GLU B 141 -41.18 -6.72 11.78
C GLU B 141 -40.08 -7.70 12.13
N ASN B 142 -38.97 -7.14 12.59
CA ASN B 142 -37.95 -7.67 13.49
C ASN B 142 -37.59 -6.43 14.30
N ALA B 143 -37.24 -5.37 13.58
CA ALA B 143 -37.27 -3.99 14.06
C ALA B 143 -38.73 -3.54 14.29
N LYS B 144 -38.84 -2.43 15.01
CA LYS B 144 -40.10 -1.80 15.39
C LYS B 144 -40.76 -2.55 16.56
N LYS B 145 -40.39 -3.82 16.83
CA LYS B 145 -40.51 -4.30 18.22
C LYS B 145 -39.27 -3.95 19.05
N ARG B 146 -38.08 -4.14 18.47
CA ARG B 146 -36.89 -3.71 19.18
C ARG B 146 -36.78 -2.21 19.17
N LEU B 147 -37.35 -1.52 18.18
CA LEU B 147 -37.49 -0.10 18.38
C LEU B 147 -38.43 0.15 19.54
N GLU B 148 -39.45 -0.71 19.70
CA GLU B 148 -40.43 -0.52 20.76
C GLU B 148 -39.85 -0.84 22.13
N ALA B 149 -39.08 -1.94 22.23
CA ALA B 149 -38.43 -2.27 23.50
C ALA B 149 -37.25 -1.34 23.79
N ARG B 150 -36.66 -0.72 22.77
CA ARG B 150 -35.67 0.31 23.00
C ARG B 150 -36.32 1.58 23.56
N LYS B 151 -37.51 1.93 23.05
CA LYS B 151 -38.17 3.16 23.50
C LYS B 151 -38.60 3.08 24.96
N LYS B 152 -38.63 1.88 25.56
CA LYS B 152 -38.89 1.77 26.99
C LYS B 152 -37.71 2.23 27.83
N LEU B 153 -36.48 2.17 27.29
CA LEU B 153 -35.33 2.59 28.08
C LEU B 153 -35.36 4.10 28.30
N PRO B 154 -35.09 4.58 29.52
CA PRO B 154 -35.17 6.01 29.79
C PRO B 154 -34.42 6.87 28.80
N THR B 155 -33.23 6.44 28.35
CA THR B 155 -32.40 7.29 27.50
C THR B 155 -33.17 7.73 26.26
N MET B 156 -34.01 6.84 25.72
CA MET B 156 -34.69 7.17 24.47
C MET B 156 -35.65 8.34 24.65
N LYS B 157 -36.15 8.54 25.89
CA LYS B 157 -36.94 9.74 26.19
C LYS B 157 -36.21 11.01 25.78
N TYR B 158 -34.89 11.01 25.86
CA TYR B 158 -34.09 12.20 25.61
C TYR B 158 -33.42 12.27 24.23
N ALA B 159 -33.67 11.30 23.35
CA ALA B 159 -32.88 11.21 22.13
C ALA B 159 -32.77 12.56 21.41
N ASP B 160 -33.92 13.21 21.13
CA ASP B 160 -33.84 14.42 20.31
C ASP B 160 -33.19 15.59 21.04
N ASP B 161 -33.27 15.63 22.37
CA ASP B 161 -32.53 16.65 23.10
C ASP B 161 -31.03 16.38 23.09
N ILE B 162 -30.63 15.10 23.10
CA ILE B 162 -29.22 14.75 23.03
C ILE B 162 -28.67 15.07 21.65
N ILE B 163 -29.41 14.74 20.58
CA ILE B 163 -29.00 15.13 19.24
C ILE B 163 -28.80 16.64 19.15
N GLN B 164 -29.75 17.42 19.64
CA GLN B 164 -29.60 18.86 19.54
C GLN B 164 -28.42 19.34 20.38
N ALA B 165 -28.21 18.73 21.55
CA ALA B 165 -27.14 19.18 22.44
C ALA B 165 -25.76 19.02 21.79
N VAL B 166 -25.56 17.92 21.05
CA VAL B 166 -24.31 17.66 20.34
C VAL B 166 -24.11 18.68 19.22
N ARG B 167 -25.14 18.93 18.42
CA ARG B 167 -25.01 19.94 17.36
C ARG B 167 -24.50 21.28 17.91
N GLU B 168 -25.01 21.68 19.08
CA GLU B 168 -24.70 22.98 19.69
C GLU B 168 -23.51 22.96 20.62
N ASN B 169 -22.95 21.80 20.97
CA ASN B 169 -21.79 21.78 21.86
C ASN B 169 -20.77 20.73 21.46
N GLN B 170 -19.50 21.10 21.59
CA GLN B 170 -18.41 20.16 21.33
C GLN B 170 -18.37 19.08 22.38
N VAL B 171 -18.49 19.46 23.65
CA VAL B 171 -18.52 18.54 24.78
C VAL B 171 -19.87 18.63 25.46
N ILE B 172 -20.45 17.48 25.79
CA ILE B 172 -21.61 17.40 26.67
C ILE B 172 -21.38 16.24 27.64
N LEU B 173 -22.19 16.22 28.69
CA LEU B 173 -22.07 15.22 29.74
C LEU B 173 -23.43 14.58 29.93
N ILE B 174 -23.45 13.25 29.95
CA ILE B 174 -24.68 12.51 30.19
C ILE B 174 -24.47 11.71 31.46
N VAL B 175 -25.29 11.99 32.45
CA VAL B 175 -25.19 11.39 33.78
C VAL B 175 -26.42 10.53 33.97
N GLY B 176 -26.23 9.25 34.23
CA GLY B 176 -27.37 8.38 34.44
C GLY B 176 -26.92 7.14 35.16
N SER B 177 -27.84 6.56 35.91
CA SER B 177 -27.55 5.46 36.80
C SER B 177 -27.89 4.13 36.14
N THR B 178 -27.70 3.05 36.90
CA THR B 178 -27.75 1.70 36.38
C THR B 178 -29.05 1.44 35.59
N GLY B 179 -28.92 0.79 34.43
CA GLY B 179 -30.11 0.48 33.68
C GLY B 179 -30.65 1.60 32.82
N CYS B 180 -30.04 2.80 32.87
CA CYS B 180 -30.59 3.90 32.09
C CYS B 180 -30.42 3.74 30.57
N GLY B 181 -29.58 2.81 30.11
CA GLY B 181 -29.39 2.61 28.68
C GLY B 181 -28.42 3.53 27.99
N LYS B 182 -27.73 4.41 28.72
CA LYS B 182 -26.89 5.43 28.07
C LYS B 182 -25.85 4.81 27.13
N THR B 183 -25.20 3.72 27.57
CA THR B 183 -24.12 3.13 26.80
C THR B 183 -24.62 2.47 25.51
N THR B 184 -25.65 1.64 25.60
CA THR B 184 -26.18 1.04 24.38
C THR B 184 -26.94 2.05 23.53
N GLN B 185 -27.67 2.99 24.15
CA GLN B 185 -28.56 3.82 23.35
C GLN B 185 -27.90 5.05 22.71
N VAL B 186 -27.03 5.78 23.43
CA VAL B 186 -26.55 7.07 22.92
C VAL B 186 -25.77 6.94 21.62
N PRO B 187 -24.92 5.92 21.41
CA PRO B 187 -24.27 5.78 20.10
C PRO B 187 -25.27 5.55 18.99
N GLN B 188 -26.23 4.65 19.21
CA GLN B 188 -27.23 4.38 18.22
C GLN B 188 -28.01 5.63 17.85
N ILE B 189 -28.31 6.47 18.83
CA ILE B 189 -29.06 7.68 18.54
C ILE B 189 -28.27 8.57 17.60
N LEU B 190 -27.00 8.84 17.93
CA LEU B 190 -26.20 9.72 17.09
C LEU B 190 -25.92 9.11 15.73
N LEU B 191 -25.79 7.78 15.63
CA LEU B 191 -25.52 7.15 14.35
C LEU B 191 -26.76 7.17 13.46
N ASP B 192 -27.89 6.65 13.98
CA ASP B 192 -29.13 6.65 13.20
C ASP B 192 -29.52 8.05 12.79
N ASP B 193 -29.13 9.06 13.57
CA ASP B 193 -29.38 10.45 13.17
C ASP B 193 -28.61 10.80 11.90
N ALA B 194 -27.29 10.53 11.90
CA ALA B 194 -26.48 10.86 10.73
C ALA B 194 -26.91 10.07 9.52
N ILE B 195 -27.27 8.79 9.71
CA ILE B 195 -27.81 8.00 8.59
C ILE B 195 -29.06 8.66 8.05
N SER B 196 -30.00 9.04 8.94
CA SER B 196 -31.26 9.65 8.52
C SER B 196 -31.04 10.90 7.69
N ARG B 197 -30.22 11.82 8.18
CA ARG B 197 -29.88 13.02 7.42
C ARG B 197 -29.07 12.73 6.14
N GLY B 198 -28.70 11.48 5.89
CA GLY B 198 -27.87 11.17 4.73
C GLY B 198 -26.43 11.61 4.89
N CYS B 199 -25.87 11.50 6.10
CA CYS B 199 -24.45 11.69 6.38
C CYS B 199 -23.66 10.40 6.65
N ALA B 200 -24.27 9.21 6.51
CA ALA B 200 -23.71 7.99 7.12
C ALA B 200 -22.20 7.82 6.96
N SER B 201 -21.67 8.16 5.79
CA SER B 201 -20.25 7.89 5.56
C SER B 201 -19.35 8.85 6.33
N SER B 202 -19.88 9.93 6.90
CA SER B 202 -19.05 10.83 7.71
C SER B 202 -19.04 10.43 9.18
N CYS B 203 -19.86 9.48 9.59
CA CYS B 203 -20.04 9.18 11.00
C CYS B 203 -19.26 7.94 11.40
N ARG B 204 -18.28 8.14 12.28
CA ARG B 204 -17.58 7.04 12.91
C ARG B 204 -17.55 7.33 14.40
N ILE B 205 -18.21 6.46 15.17
CA ILE B 205 -18.41 6.65 16.60
C ILE B 205 -17.52 5.64 17.33
N ILE B 206 -16.70 6.15 18.26
CA ILE B 206 -15.92 5.31 19.16
C ILE B 206 -16.43 5.51 20.59
N CYS B 207 -16.74 4.41 21.26
CA CYS B 207 -17.19 4.43 22.65
C CYS B 207 -16.23 3.62 23.50
N THR B 208 -15.53 4.29 24.41
CA THR B 208 -14.56 3.58 25.24
C THR B 208 -15.25 2.94 26.43
N GLN B 209 -14.69 1.82 26.89
CA GLN B 209 -15.16 1.09 28.04
C GLN B 209 -13.97 0.80 28.95
N PRO B 210 -14.18 0.75 30.26
CA PRO B 210 -13.04 0.48 31.15
C PRO B 210 -12.56 -0.95 31.07
N ARG B 211 -13.47 -1.90 30.83
CA ARG B 211 -13.23 -3.32 30.99
C ARG B 211 -13.41 -4.07 29.67
N ARG B 212 -12.62 -5.14 29.49
CA ARG B 212 -12.67 -5.88 28.23
C ARG B 212 -14.03 -6.53 28.02
N ILE B 213 -14.50 -7.30 29.01
CA ILE B 213 -15.79 -8.00 28.86
C ILE B 213 -16.93 -7.03 28.53
N SER B 214 -16.97 -5.86 29.16
CA SER B 214 -17.99 -4.86 28.86
C SER B 214 -17.95 -4.46 27.38
N ALA B 215 -16.75 -4.27 26.84
CA ALA B 215 -16.67 -3.82 25.45
C ALA B 215 -17.30 -4.84 24.52
N ILE B 216 -17.01 -6.12 24.76
CA ILE B 216 -17.56 -7.20 23.94
C ILE B 216 -19.07 -7.31 24.12
N ALA B 217 -19.51 -7.59 25.35
CA ALA B 217 -20.91 -7.89 25.59
C ALA B 217 -21.81 -6.75 25.13
N ILE B 218 -21.42 -5.52 25.44
CA ILE B 218 -22.20 -4.38 25.00
C ILE B 218 -22.25 -4.32 23.48
N ALA B 219 -21.14 -4.68 22.83
CA ALA B 219 -21.15 -4.61 21.37
C ALA B 219 -21.96 -5.75 20.79
N GLU B 220 -21.88 -6.94 21.39
CA GLU B 220 -22.79 -7.99 20.97
C GLU B 220 -24.23 -7.57 21.20
N TRP B 221 -24.51 -6.90 22.32
CA TRP B 221 -25.87 -6.47 22.56
C TRP B 221 -26.34 -5.45 21.52
N VAL B 222 -25.64 -4.32 21.39
CA VAL B 222 -26.08 -3.27 20.47
C VAL B 222 -26.21 -3.80 19.06
N SER B 223 -25.41 -4.82 18.72
CA SER B 223 -25.52 -5.38 17.39
C SER B 223 -26.81 -6.19 17.27
N TYR B 224 -27.09 -7.02 18.27
CA TYR B 224 -28.38 -7.70 18.38
C TYR B 224 -29.56 -6.75 18.21
N GLU B 225 -29.50 -5.60 18.88
CA GLU B 225 -30.55 -4.61 18.77
C GLU B 225 -30.69 -4.07 17.36
N ARG B 226 -29.70 -4.25 16.52
CA ARG B 226 -29.76 -3.82 15.12
C ARG B 226 -30.03 -4.97 14.14
N CYS B 227 -30.21 -6.19 14.65
CA CYS B 227 -30.51 -7.38 13.83
C CYS B 227 -29.36 -7.69 12.89
N GLU B 228 -28.14 -7.47 13.37
CA GLU B 228 -26.92 -7.68 12.60
C GLU B 228 -26.02 -8.64 13.35
N SER B 229 -25.15 -9.32 12.62
CA SER B 229 -24.07 -10.02 13.28
C SER B 229 -23.02 -8.99 13.69
N LEU B 230 -22.18 -9.37 14.63
CA LEU B 230 -21.07 -8.51 14.96
C LEU B 230 -20.22 -8.26 13.72
N GLY B 231 -19.73 -7.05 13.59
CA GLY B 231 -18.90 -6.69 12.47
C GLY B 231 -19.57 -5.82 11.43
N ASN B 232 -20.85 -5.44 11.62
CA ASN B 232 -21.38 -4.59 10.55
C ASN B 232 -21.49 -3.13 10.95
N SER B 233 -22.54 -2.73 11.66
CA SER B 233 -22.52 -1.34 12.12
C SER B 233 -21.97 -1.23 13.53
N VAL B 234 -21.91 -2.35 14.23
CA VAL B 234 -21.39 -2.42 15.59
C VAL B 234 -20.22 -3.37 15.57
N GLY B 235 -19.12 -2.97 16.21
CA GLY B 235 -18.00 -3.85 16.44
C GLY B 235 -17.28 -3.45 17.71
N TYR B 236 -16.38 -4.32 18.15
CA TYR B 236 -15.53 -4.05 19.30
C TYR B 236 -14.06 -4.30 19.02
N GLN B 237 -13.21 -3.55 19.69
CA GLN B 237 -11.77 -3.74 19.62
C GLN B 237 -11.17 -3.65 21.01
N ILE B 238 -10.47 -4.69 21.44
CA ILE B 238 -9.70 -4.67 22.68
C ILE B 238 -8.30 -5.19 22.36
N ARG B 239 -7.43 -5.27 23.36
CA ARG B 239 -6.07 -5.73 23.09
C ARG B 239 -6.07 -7.17 22.56
N LEU B 240 -5.48 -7.34 21.38
CA LEU B 240 -5.25 -8.64 20.75
C LEU B 240 -6.52 -9.42 20.47
N GLU B 241 -7.68 -8.79 20.46
CA GLU B 241 -8.90 -9.42 19.98
C GLU B 241 -9.76 -8.32 19.39
N SER B 242 -10.31 -8.54 18.20
CA SER B 242 -11.27 -7.58 17.69
C SER B 242 -12.22 -8.26 16.72
N ARG B 243 -13.45 -7.79 16.72
CA ARG B 243 -14.34 -7.93 15.58
C ARG B 243 -14.60 -6.51 15.10
N LYS B 244 -13.91 -6.08 14.05
CA LYS B 244 -14.03 -4.69 13.64
C LYS B 244 -15.36 -4.46 12.96
N ALA B 245 -15.88 -3.25 13.14
CA ALA B 245 -17.04 -2.87 12.38
C ALA B 245 -16.60 -2.44 10.99
N ARG B 246 -17.58 -2.17 10.15
CA ARG B 246 -17.30 -1.59 8.85
C ARG B 246 -16.67 -0.21 9.03
N GLU B 247 -16.04 0.27 7.98
CA GLU B 247 -15.18 1.45 8.09
C GLU B 247 -15.98 2.70 8.48
N ARG B 248 -17.10 2.92 7.82
CA ARG B 248 -17.90 4.13 7.95
C ARG B 248 -19.28 3.80 8.49
N ALA B 249 -19.97 4.84 8.99
CA ALA B 249 -21.33 4.70 9.51
C ALA B 249 -21.38 3.54 10.49
N SER B 250 -20.53 3.63 11.51
CA SER B 250 -20.30 2.50 12.41
C SER B 250 -20.08 2.98 13.84
N ILE B 251 -20.31 2.06 14.76
CA ILE B 251 -20.04 2.21 16.18
C ILE B 251 -19.02 1.15 16.61
N THR B 252 -17.99 1.59 17.32
CA THR B 252 -16.94 0.69 17.79
C THR B 252 -16.75 0.86 19.29
N TYR B 253 -16.96 -0.21 20.04
CA TYR B 253 -16.65 -0.22 21.47
C TYR B 253 -15.24 -0.72 21.68
N CYS B 254 -14.46 -0.02 22.49
CA CYS B 254 -13.11 -0.45 22.75
C CYS B 254 -12.69 -0.09 24.18
N THR B 255 -11.67 -0.78 24.68
CA THR B 255 -11.13 -0.42 25.98
C THR B 255 -10.42 0.93 25.87
N THR B 256 -10.38 1.67 27.00
CA THR B 256 -9.80 3.00 26.98
C THR B 256 -8.32 2.96 26.54
N GLY B 257 -7.61 1.92 26.95
CA GLY B 257 -6.21 1.83 26.59
C GLY B 257 -5.98 1.76 25.09
N VAL B 258 -6.84 1.02 24.37
CA VAL B 258 -6.69 0.90 22.92
C VAL B 258 -6.69 2.28 22.28
N LEU B 259 -7.61 3.15 22.67
CA LEU B 259 -7.68 4.48 22.08
C LEU B 259 -6.42 5.29 22.41
N LEU B 260 -5.87 5.11 23.62
CA LEU B 260 -4.64 5.79 23.98
C LEU B 260 -3.47 5.34 23.09
N GLN B 261 -3.31 4.03 22.87
CA GLN B 261 -2.22 3.61 21.99
C GLN B 261 -2.43 4.15 20.57
N GLN B 262 -3.67 4.14 20.08
CA GLN B 262 -3.94 4.64 18.74
C GLN B 262 -3.64 6.14 18.60
N LEU B 263 -3.44 6.84 19.71
CA LEU B 263 -3.07 8.25 19.64
C LEU B 263 -1.68 8.45 19.09
N GLN B 264 -0.81 7.44 19.20
CA GLN B 264 0.55 7.57 18.68
C GLN B 264 0.52 7.87 17.18
N SER B 265 -0.27 7.10 16.42
CA SER B 265 -0.43 7.30 14.99
C SER B 265 -1.39 8.44 14.64
N ASP B 266 -2.31 8.80 15.53
CA ASP B 266 -3.38 9.78 15.24
C ASP B 266 -3.61 10.62 16.49
N PRO B 267 -2.65 11.47 16.84
CA PRO B 267 -2.74 12.20 18.11
C PRO B 267 -3.85 13.24 18.20
N LEU B 268 -4.38 13.74 17.09
CA LEU B 268 -5.49 14.68 17.14
C LEU B 268 -6.85 14.05 16.82
N MET B 269 -6.92 12.72 16.78
CA MET B 269 -8.20 11.99 16.69
C MET B 269 -8.96 12.31 15.42
N HIS B 270 -8.24 12.36 14.29
CA HIS B 270 -8.89 12.60 13.01
C HIS B 270 -9.63 11.40 12.45
N ASN B 271 -9.45 10.21 13.00
CA ASN B 271 -10.05 9.02 12.44
C ASN B 271 -11.40 8.64 13.08
N LEU B 272 -11.97 9.53 13.90
CA LEU B 272 -13.29 9.37 14.53
C LEU B 272 -14.04 10.70 14.50
N SER B 273 -15.37 10.64 14.30
CA SER B 273 -16.18 11.84 14.37
C SER B 273 -16.85 12.09 15.72
N VAL B 274 -16.96 11.06 16.57
CA VAL B 274 -17.65 11.11 17.87
C VAL B 274 -16.81 10.28 18.83
N LEU B 275 -16.36 10.89 19.92
CA LEU B 275 -15.70 10.16 20.99
C LEU B 275 -16.67 10.06 22.15
N ILE B 276 -16.91 8.86 22.66
CA ILE B 276 -17.74 8.67 23.82
C ILE B 276 -16.91 8.02 24.92
N LEU B 277 -16.60 8.78 25.99
CA LEU B 277 -15.96 8.20 27.17
C LEU B 277 -17.02 7.75 28.17
N ASP B 278 -16.97 6.50 28.55
CA ASP B 278 -17.95 5.93 29.46
C ASP B 278 -17.26 5.64 30.79
N GLU B 279 -18.05 5.66 31.87
CA GLU B 279 -17.55 5.29 33.20
C GLU B 279 -16.39 6.17 33.65
N ILE B 280 -16.48 7.47 33.35
CA ILE B 280 -15.43 8.36 33.80
C ILE B 280 -15.47 8.58 35.30
N HIS B 281 -16.59 8.29 35.95
CA HIS B 281 -16.65 8.48 37.39
C HIS B 281 -15.73 7.52 38.11
N GLU B 282 -15.52 6.33 37.53
CA GLU B 282 -14.66 5.33 38.14
C GLU B 282 -13.21 5.80 38.22
N ARG B 283 -12.87 6.87 37.52
CA ARG B 283 -11.60 7.53 37.68
C ARG B 283 -10.40 6.62 37.40
N SER B 284 -10.53 5.76 36.39
CA SER B 284 -9.40 4.99 35.93
C SER B 284 -8.33 5.92 35.40
N VAL B 285 -7.07 5.46 35.45
CA VAL B 285 -5.96 6.28 34.96
C VAL B 285 -6.21 6.72 33.53
N GLU B 286 -6.70 5.80 32.70
CA GLU B 286 -6.85 6.09 31.28
C GLU B 286 -7.89 7.17 31.04
N THR B 287 -9.06 7.08 31.66
CA THR B 287 -10.06 8.10 31.36
C THR B 287 -9.65 9.45 31.94
N ASP B 288 -8.98 9.47 33.09
CA ASP B 288 -8.43 10.73 33.58
C ASP B 288 -7.43 11.29 32.57
N LEU B 289 -6.46 10.47 32.14
CA LEU B 289 -5.54 10.89 31.08
C LEU B 289 -6.25 11.42 29.85
N LEU B 290 -7.20 10.65 29.32
CA LEU B 290 -7.88 11.05 28.10
C LEU B 290 -8.48 12.44 28.22
N MET B 291 -9.07 12.75 29.38
CA MET B 291 -9.70 14.06 29.53
C MET B 291 -8.66 15.18 29.55
N GLY B 292 -7.54 14.94 30.21
CA GLY B 292 -6.44 15.87 30.06
C GLY B 292 -6.06 16.05 28.61
N LEU B 293 -5.86 14.95 27.88
CA LEU B 293 -5.44 15.04 26.47
C LEU B 293 -6.50 15.72 25.60
N LEU B 294 -7.79 15.53 25.91
CA LEU B 294 -8.83 16.25 25.16
C LEU B 294 -8.71 17.75 25.30
N LYS B 295 -8.21 18.23 26.44
CA LYS B 295 -7.99 19.65 26.57
C LYS B 295 -6.96 20.16 25.58
N VAL B 296 -5.97 19.31 25.22
CA VAL B 296 -4.96 19.66 24.23
C VAL B 296 -5.48 19.50 22.80
N ILE B 297 -6.27 18.46 22.57
CA ILE B 297 -6.75 18.14 21.22
C ILE B 297 -7.88 19.07 20.80
N LEU B 298 -8.85 19.30 21.66
CA LEU B 298 -10.09 19.93 21.19
C LEU B 298 -9.90 21.32 20.58
N PRO B 299 -8.96 22.16 21.01
CA PRO B 299 -8.74 23.44 20.28
C PRO B 299 -8.46 23.28 18.81
N HIS B 300 -7.74 22.23 18.44
CA HIS B 300 -7.37 21.93 17.06
C HIS B 300 -8.39 21.04 16.35
N ARG B 301 -9.52 20.71 16.96
CA ARG B 301 -10.49 19.77 16.41
C ARG B 301 -11.91 20.32 16.56
N PRO B 302 -12.24 21.37 15.82
CA PRO B 302 -13.58 21.99 15.96
C PRO B 302 -14.74 21.08 15.59
N ASP B 303 -14.56 20.20 14.63
CA ASP B 303 -15.62 19.29 14.20
C ASP B 303 -15.75 18.06 15.12
N LEU B 304 -14.81 17.88 16.04
CA LEU B 304 -14.84 16.69 16.88
C LEU B 304 -15.91 16.86 17.94
N LYS B 305 -16.73 15.83 18.11
CA LYS B 305 -17.78 15.81 19.11
C LYS B 305 -17.40 14.83 20.23
N VAL B 306 -17.41 15.30 21.49
CA VAL B 306 -17.18 14.46 22.66
C VAL B 306 -18.46 14.39 23.49
N ILE B 307 -18.86 13.17 23.85
CA ILE B 307 -19.91 12.91 24.84
C ILE B 307 -19.23 12.20 26.00
N LEU B 308 -19.17 12.85 27.16
CA LEU B 308 -18.73 12.20 28.40
C LEU B 308 -19.87 11.40 28.99
N MET B 309 -19.54 10.32 29.71
CA MET B 309 -20.59 9.52 30.32
C MET B 309 -20.20 9.04 31.71
N SER B 310 -21.16 9.11 32.64
CA SER B 310 -20.87 8.96 34.06
C SER B 310 -22.08 8.37 34.82
N ALA B 311 -21.79 7.63 35.88
CA ALA B 311 -22.78 7.37 36.92
C ALA B 311 -22.97 8.63 37.75
N THR B 312 -23.80 8.56 38.78
CA THR B 312 -23.89 9.75 39.63
C THR B 312 -22.92 9.51 40.78
N VAL B 313 -21.68 9.89 40.52
CA VAL B 313 -20.59 9.87 41.48
C VAL B 313 -19.78 11.13 41.18
N ARG B 314 -19.88 12.13 42.05
CA ARG B 314 -19.22 13.41 41.81
C ARG B 314 -19.32 13.83 40.35
N GLU B 315 -20.48 13.63 39.73
CA GLU B 315 -20.62 13.97 38.31
C GLU B 315 -20.26 15.42 38.03
N GLN B 316 -20.40 16.31 39.01
CA GLN B 316 -20.07 17.71 38.75
C GLN B 316 -18.59 17.88 38.45
N ASP B 317 -17.73 17.03 39.01
CA ASP B 317 -16.29 17.19 38.79
C ASP B 317 -15.97 17.31 37.31
N PHE B 318 -16.68 16.53 36.47
CA PHE B 318 -16.42 16.50 35.04
C PHE B 318 -17.11 17.65 34.35
N CYS B 319 -18.35 17.95 34.75
CA CYS B 319 -19.01 19.13 34.21
C CYS B 319 -18.19 20.40 34.47
N ASP B 320 -17.60 20.50 35.66
CA ASP B 320 -16.65 21.58 35.94
C ASP B 320 -15.44 21.49 35.03
N TYR B 321 -14.85 20.29 34.94
CA TYR B 321 -13.54 20.15 34.32
C TYR B 321 -13.56 20.61 32.88
N PHE B 322 -14.66 20.36 32.17
CA PHE B 322 -14.80 20.83 30.80
C PHE B 322 -15.71 22.04 30.83
N ASN B 323 -15.12 23.23 30.96
CA ASN B 323 -15.91 24.44 31.12
C ASN B 323 -17.10 24.19 32.03
N ASN B 324 -18.27 24.69 31.68
CA ASN B 324 -19.48 24.34 32.43
C ASN B 324 -20.51 23.54 31.64
N CYS B 325 -20.07 22.82 30.62
CA CYS B 325 -20.81 22.18 29.51
C CYS B 325 -22.13 21.49 29.87
N PRO B 326 -23.06 21.38 28.91
CA PRO B 326 -24.39 20.80 29.19
C PRO B 326 -24.31 19.48 29.92
N MET B 327 -25.28 19.24 30.80
CA MET B 327 -25.32 18.00 31.57
C MET B 327 -26.73 17.44 31.53
N PHE B 328 -26.88 16.24 30.96
CA PHE B 328 -28.12 15.47 30.99
C PHE B 328 -28.11 14.53 32.19
N ARG B 329 -29.20 14.49 32.93
CA ARG B 329 -29.40 13.43 33.92
C ARG B 329 -30.50 12.50 33.44
N ILE B 330 -30.24 11.20 33.44
CA ILE B 330 -31.20 10.22 32.94
C ILE B 330 -31.49 9.19 34.02
N GLU B 331 -32.77 9.01 34.32
CA GLU B 331 -33.22 8.13 35.38
C GLU B 331 -32.85 6.67 35.10
N GLY B 332 -32.56 5.95 36.17
CA GLY B 332 -32.22 4.55 36.06
C GLY B 332 -33.45 3.68 35.87
N VAL B 333 -33.20 2.38 35.74
CA VAL B 333 -34.25 1.38 35.87
C VAL B 333 -33.74 0.35 36.86
N MET B 334 -34.30 0.34 38.06
CA MET B 334 -33.92 -0.68 39.04
C MET B 334 -34.99 -0.71 40.10
N PHE B 335 -35.08 -1.85 40.76
CA PHE B 335 -36.03 -1.99 41.85
C PHE B 335 -35.44 -1.45 43.16
N PRO B 336 -36.25 -0.77 43.97
CA PRO B 336 -35.73 -0.15 45.19
C PRO B 336 -35.07 -1.15 46.13
N VAL B 337 -33.96 -0.75 46.75
CA VAL B 337 -33.25 -1.58 47.72
C VAL B 337 -33.11 -0.85 49.06
N LYS B 338 -33.75 -1.40 50.09
CA LYS B 338 -33.69 -0.85 51.44
C LYS B 338 -32.27 -0.83 51.97
N MET B 339 -31.83 0.32 52.47
CA MET B 339 -30.54 0.40 53.15
C MET B 339 -30.78 0.23 54.65
N LEU B 340 -30.13 -0.76 55.23
CA LEU B 340 -30.08 -0.94 56.68
C LEU B 340 -28.63 -0.77 57.12
N TYR B 341 -28.43 -0.35 58.36
CA TYR B 341 -27.09 -0.14 58.90
C TYR B 341 -26.88 -1.07 60.12
N LEU B 342 -25.75 -0.89 60.83
CA LEU B 342 -25.38 -1.82 61.89
C LEU B 342 -26.43 -1.91 63.01
N GLU B 343 -27.00 -0.76 63.39
CA GLU B 343 -28.05 -0.77 64.40
C GLU B 343 -29.24 -1.62 63.96
N ASP B 344 -29.72 -1.43 62.72
CA ASP B 344 -30.89 -2.16 62.24
C ASP B 344 -30.66 -3.66 62.18
N VAL B 345 -29.41 -4.07 61.96
CA VAL B 345 -29.09 -5.48 61.86
C VAL B 345 -29.19 -6.14 63.22
N LEU B 346 -28.52 -5.55 64.22
CA LEU B 346 -28.56 -6.07 65.58
C LEU B 346 -29.95 -5.94 66.20
N SER B 347 -30.76 -5.02 65.70
CA SER B 347 -32.17 -4.96 66.08
C SER B 347 -32.92 -6.17 65.55
N LYS B 348 -32.64 -6.60 64.32
CA LYS B 348 -33.28 -7.78 63.75
C LYS B 348 -32.64 -9.06 64.27
N THR B 349 -31.31 -9.17 64.22
CA THR B 349 -30.66 -10.44 64.48
C THR B 349 -30.32 -10.69 65.95
N ASN B 350 -30.32 -9.64 66.78
CA ASN B 350 -30.12 -9.75 68.24
C ASN B 350 -28.93 -10.65 68.57
N TYR B 351 -27.88 -10.58 67.73
CA TYR B 351 -26.70 -11.41 67.84
C TYR B 351 -25.87 -11.08 69.07
N GLU B 352 -25.26 -12.11 69.65
CA GLU B 352 -24.42 -12.00 70.85
C GLU B 352 -22.94 -12.17 70.51
N PHE B 353 -22.14 -11.15 70.82
CA PHE B 353 -20.69 -11.23 70.61
C PHE B 353 -20.03 -11.76 71.87
N GLN B 354 -19.24 -12.83 71.74
CA GLN B 354 -18.14 -13.12 72.66
C GLN B 354 -17.52 -14.44 72.21
N LYS B 355 -16.26 -14.65 72.59
CA LYS B 355 -15.48 -15.83 72.20
C LYS B 355 -14.82 -16.54 73.39
N ARG B 369 -8.15 0.86 68.63
CA ARG B 369 -8.18 1.87 69.67
C ARG B 369 -9.55 2.56 69.74
N MET B 370 -9.70 3.54 70.64
CA MET B 370 -10.86 4.43 70.62
C MET B 370 -10.45 5.90 70.82
N LYS B 371 -10.57 6.81 69.84
CA LYS B 371 -11.09 6.62 68.47
C LYS B 371 -12.54 6.13 68.47
N HIS B 372 -12.72 4.84 68.15
CA HIS B 372 -14.00 4.18 67.90
C HIS B 372 -15.10 4.60 68.88
N GLU B 373 -14.73 4.83 70.14
CA GLU B 373 -15.68 5.34 71.12
C GLU B 373 -16.05 6.80 70.88
N ALA B 374 -15.09 7.62 70.42
CA ALA B 374 -15.36 9.05 70.18
C ALA B 374 -16.38 9.26 69.07
N MET B 375 -16.40 8.37 68.07
CA MET B 375 -17.31 8.47 66.94
C MET B 375 -18.72 8.05 67.34
N ILE B 376 -18.84 6.92 68.05
CA ILE B 376 -20.11 6.23 68.24
C ILE B 376 -21.02 6.95 69.24
N GLU B 377 -20.45 7.47 70.34
CA GLU B 377 -21.29 7.98 71.43
C GLU B 377 -22.18 9.12 70.98
N PRO B 378 -21.69 10.16 70.27
CA PRO B 378 -22.60 11.23 69.85
C PRO B 378 -23.72 10.76 68.94
N TYR B 379 -23.50 9.68 68.18
CA TYR B 379 -24.55 9.10 67.36
C TYR B 379 -25.56 8.31 68.21
N LEU B 380 -25.06 7.53 69.17
CA LEU B 380 -25.94 6.83 70.11
C LEU B 380 -26.91 7.81 70.77
N ARG B 381 -26.47 9.05 70.98
CA ARG B 381 -27.30 10.06 71.61
C ARG B 381 -28.45 10.47 70.68
N ARG B 382 -28.14 10.77 69.41
CA ARG B 382 -29.20 11.20 68.50
C ARG B 382 -30.31 10.15 68.42
N ILE B 383 -29.95 8.87 68.40
CA ILE B 383 -30.89 7.78 68.10
C ILE B 383 -31.43 7.06 69.34
N ARG B 384 -31.09 7.53 70.56
CA ARG B 384 -31.39 6.76 71.78
C ARG B 384 -32.86 6.33 71.86
N ASN B 385 -33.77 7.08 71.22
CA ASN B 385 -35.21 6.80 71.30
C ASN B 385 -35.74 5.96 70.15
N SER B 386 -34.94 5.69 69.12
CA SER B 386 -35.38 4.81 68.04
C SER B 386 -34.93 3.36 68.17
N TYR B 387 -34.01 3.06 69.08
CA TYR B 387 -33.45 1.71 69.15
C TYR B 387 -33.30 1.27 70.60
N ASP B 388 -33.36 -0.04 70.78
CA ASP B 388 -33.20 -0.67 72.08
C ASP B 388 -31.87 -0.25 72.70
N SER B 389 -31.86 -0.15 74.03
CA SER B 389 -30.66 0.28 74.76
C SER B 389 -29.57 -0.80 74.79
N ARG B 390 -29.96 -2.08 74.66
CA ARG B 390 -28.97 -3.15 74.56
C ARG B 390 -28.42 -3.26 73.15
N VAL B 391 -29.22 -2.90 72.14
CA VAL B 391 -28.70 -2.77 70.78
C VAL B 391 -27.60 -1.71 70.75
N LEU B 392 -27.94 -0.50 71.16
CA LEU B 392 -27.03 0.64 71.11
C LEU B 392 -25.75 0.38 71.91
N ASP B 393 -25.78 -0.52 72.90
CA ASP B 393 -24.58 -0.84 73.66
C ASP B 393 -23.60 -1.73 72.91
N LYS B 394 -24.08 -2.57 71.99
CA LYS B 394 -23.16 -3.38 71.20
C LYS B 394 -22.36 -2.53 70.22
N LEU B 395 -22.97 -1.48 69.68
CA LEU B 395 -22.30 -0.55 68.78
C LEU B 395 -21.03 0.04 69.39
N ARG B 396 -20.89 -0.02 70.71
CA ARG B 396 -19.68 0.45 71.37
C ARG B 396 -18.50 -0.52 71.22
N LEU B 397 -18.75 -1.78 70.87
CA LEU B 397 -17.65 -2.74 70.67
C LEU B 397 -16.89 -2.47 69.37
N PRO B 398 -15.56 -2.46 69.40
CA PRO B 398 -14.80 -2.29 68.14
C PRO B 398 -15.04 -3.41 67.14
N GLU B 399 -15.29 -4.63 67.61
CA GLU B 399 -15.40 -5.78 66.74
C GLU B 399 -16.79 -5.95 66.13
N SER B 400 -17.75 -5.07 66.44
CA SER B 400 -19.08 -5.16 65.84
C SER B 400 -19.13 -4.64 64.40
N GLU B 401 -18.22 -3.77 64.00
CA GLU B 401 -18.21 -3.19 62.66
C GLU B 401 -17.10 -3.84 61.82
N GLY B 402 -17.35 -3.96 60.52
CA GLY B 402 -16.43 -4.61 59.62
C GLY B 402 -16.69 -6.10 59.58
N CYS B 403 -15.67 -6.88 59.25
CA CYS B 403 -15.76 -8.33 59.23
C CYS B 403 -15.12 -8.99 60.45
N GLU B 404 -14.77 -8.22 61.50
CA GLU B 404 -13.93 -8.78 62.56
C GLU B 404 -14.52 -10.04 63.19
N ASP B 405 -15.84 -10.11 63.33
CA ASP B 405 -16.50 -11.32 63.85
C ASP B 405 -17.16 -12.05 62.69
N ILE B 406 -16.59 -13.18 62.27
CA ILE B 406 -17.17 -13.87 61.11
C ILE B 406 -18.50 -14.51 61.46
N ASP B 407 -18.60 -15.09 62.65
CA ASP B 407 -19.87 -15.69 63.07
C ASP B 407 -20.99 -14.66 63.05
N PHE B 408 -20.67 -13.39 63.32
CA PHE B 408 -21.69 -12.36 63.18
C PHE B 408 -22.23 -12.33 61.76
N ILE B 409 -21.33 -12.33 60.78
CA ILE B 409 -21.77 -12.34 59.37
C ILE B 409 -22.43 -13.66 59.04
N ALA B 410 -21.82 -14.77 59.49
CA ALA B 410 -22.42 -16.09 59.31
C ALA B 410 -23.82 -16.12 59.92
N ASP B 411 -23.97 -15.54 61.11
CA ASP B 411 -25.29 -15.47 61.73
C ASP B 411 -26.25 -14.68 60.87
N LEU B 412 -25.78 -13.60 60.24
CA LEU B 412 -26.64 -12.80 59.38
C LEU B 412 -27.06 -13.59 58.15
N VAL B 413 -26.18 -14.42 57.61
CA VAL B 413 -26.58 -15.26 56.47
C VAL B 413 -27.66 -16.24 56.90
N TYR B 414 -27.47 -16.87 58.06
CA TYR B 414 -28.47 -17.77 58.64
C TYR B 414 -29.81 -17.06 58.86
N TYR B 415 -29.78 -15.86 59.45
CA TYR B 415 -31.03 -15.12 59.66
C TYR B 415 -31.78 -14.90 58.35
N ILE B 416 -31.08 -14.48 57.30
CA ILE B 416 -31.74 -14.21 56.03
C ILE B 416 -32.25 -15.51 55.39
N CYS B 417 -31.59 -16.65 55.66
CA CYS B 417 -32.09 -17.93 55.15
C CYS B 417 -33.45 -18.27 55.75
N GLU B 418 -33.65 -17.97 57.05
CA GLU B 418 -34.92 -18.28 57.72
C GLU B 418 -36.07 -17.34 57.33
N ASN B 419 -36.00 -16.08 57.76
CA ASN B 419 -36.98 -15.10 57.31
C ASN B 419 -36.67 -14.77 55.86
N GLU B 420 -37.38 -13.79 55.30
CA GLU B 420 -37.12 -13.20 53.99
C GLU B 420 -37.43 -14.16 52.84
N PRO B 421 -37.88 -13.64 51.70
CA PRO B 421 -38.20 -14.50 50.55
C PRO B 421 -36.96 -15.10 49.86
N GLU B 422 -37.20 -16.06 48.96
CA GLU B 422 -36.09 -16.63 48.20
C GLU B 422 -35.36 -15.53 47.41
N GLY B 423 -34.04 -15.64 47.39
CA GLY B 423 -33.17 -14.73 46.68
C GLY B 423 -31.74 -15.00 47.08
N ALA B 424 -30.78 -14.54 46.30
CA ALA B 424 -29.38 -14.84 46.60
C ALA B 424 -28.82 -13.88 47.64
N ILE B 425 -27.87 -14.37 48.42
CA ILE B 425 -27.09 -13.53 49.33
C ILE B 425 -25.70 -13.33 48.73
N LEU B 426 -25.33 -12.08 48.53
CA LEU B 426 -24.01 -11.68 48.08
C LEU B 426 -23.30 -11.00 49.25
N VAL B 427 -22.22 -11.60 49.73
CA VAL B 427 -21.51 -11.08 50.91
C VAL B 427 -20.19 -10.48 50.46
N PHE B 428 -20.04 -9.18 50.71
CA PHE B 428 -18.83 -8.44 50.35
C PHE B 428 -17.85 -8.45 51.52
N LEU B 429 -16.70 -9.10 51.34
CA LEU B 429 -15.64 -9.14 52.32
C LEU B 429 -14.36 -8.53 51.75
N PRO B 430 -13.41 -8.12 52.61
CA PRO B 430 -12.19 -7.49 52.08
C PRO B 430 -11.25 -8.41 51.31
N GLY B 431 -11.01 -9.65 51.74
CA GLY B 431 -9.90 -10.35 51.14
C GLY B 431 -10.06 -11.85 51.08
N TYR B 432 -9.02 -12.52 50.59
CA TYR B 432 -9.00 -13.98 50.51
C TYR B 432 -9.20 -14.60 51.87
N ASP B 433 -8.39 -14.17 52.84
CA ASP B 433 -8.40 -14.74 54.17
C ASP B 433 -9.79 -14.67 54.80
N LYS B 434 -10.41 -13.50 54.76
CA LYS B 434 -11.74 -13.36 55.34
C LYS B 434 -12.77 -14.15 54.55
N ILE B 435 -12.56 -14.33 53.24
CA ILE B 435 -13.49 -15.15 52.45
C ILE B 435 -13.32 -16.61 52.81
N SER B 436 -12.08 -17.05 53.01
CA SER B 436 -11.85 -18.42 53.44
C SER B 436 -12.56 -18.70 54.75
N GLN B 437 -12.55 -17.73 55.66
CA GLN B 437 -13.15 -17.91 56.97
C GLN B 437 -14.67 -18.14 56.89
N LEU B 438 -15.38 -17.19 56.29
CA LEU B 438 -16.84 -17.35 56.18
C LEU B 438 -17.20 -18.61 55.40
N TYR B 439 -16.43 -18.93 54.37
CA TYR B 439 -16.70 -20.17 53.65
C TYR B 439 -16.59 -21.38 54.57
N ASN B 440 -15.55 -21.42 55.40
CA ASN B 440 -15.36 -22.57 56.28
C ASN B 440 -16.47 -22.66 57.32
N ILE B 441 -16.90 -21.52 57.87
CA ILE B 441 -17.99 -21.55 58.83
C ILE B 441 -19.28 -22.04 58.18
N LEU B 442 -19.59 -21.55 56.98
CA LEU B 442 -20.80 -22.01 56.32
C LEU B 442 -20.69 -23.47 55.88
N ASP B 443 -19.48 -23.93 55.53
CA ASP B 443 -19.32 -25.28 55.00
C ASP B 443 -19.21 -26.33 56.10
N LYS B 444 -18.48 -26.02 57.18
CA LYS B 444 -18.24 -26.94 58.30
C LYS B 444 -18.72 -26.29 59.59
N PRO B 445 -20.03 -26.06 59.72
CA PRO B 445 -20.53 -25.25 60.84
C PRO B 445 -20.35 -25.97 62.17
N LYS B 446 -19.84 -25.24 63.17
CA LYS B 446 -19.73 -25.81 64.51
C LYS B 446 -21.02 -25.67 65.31
N THR B 447 -21.71 -24.54 65.19
CA THR B 447 -22.98 -24.36 65.88
C THR B 447 -24.08 -25.20 65.23
N SER B 448 -25.18 -25.38 65.97
CA SER B 448 -26.29 -26.19 65.48
C SER B 448 -27.05 -25.47 64.36
N LYS B 449 -27.29 -24.16 64.52
CA LYS B 449 -28.00 -23.42 63.48
C LYS B 449 -27.29 -23.52 62.14
N GLY B 450 -25.96 -23.53 62.15
CA GLY B 450 -25.22 -23.69 60.91
C GLY B 450 -25.36 -25.08 60.32
N GLN B 451 -25.32 -26.11 61.18
CA GLN B 451 -25.53 -27.50 60.74
C GLN B 451 -26.94 -27.71 60.19
N ARG B 452 -27.92 -26.96 60.72
CA ARG B 452 -29.25 -27.01 60.14
C ARG B 452 -29.21 -26.60 58.68
N TRP B 453 -28.53 -25.49 58.39
CA TRP B 453 -28.58 -24.83 57.10
C TRP B 453 -27.55 -25.33 56.10
N ARG B 454 -26.53 -26.09 56.53
CA ARG B 454 -25.37 -26.35 55.68
C ARG B 454 -25.78 -26.85 54.29
N ASP B 455 -26.57 -27.92 54.24
CA ASP B 455 -26.95 -28.52 52.97
C ASP B 455 -28.03 -27.73 52.25
N HIS B 456 -28.56 -26.69 52.86
CA HIS B 456 -29.59 -25.87 52.22
C HIS B 456 -29.04 -24.59 51.60
N MET B 457 -27.72 -24.38 51.63
CA MET B 457 -27.07 -23.26 50.99
C MET B 457 -26.15 -23.77 49.88
N ALA B 458 -26.14 -23.05 48.75
CA ALA B 458 -25.12 -23.22 47.73
C ALA B 458 -24.13 -22.08 47.90
N VAL B 459 -22.93 -22.38 48.43
CA VAL B 459 -21.97 -21.38 48.92
C VAL B 459 -20.78 -21.28 47.98
N PHE B 460 -20.64 -20.11 47.32
CA PHE B 460 -19.60 -19.79 46.34
C PHE B 460 -18.65 -18.72 46.86
N PRO B 461 -17.36 -18.99 47.01
CA PRO B 461 -16.37 -17.90 47.14
C PRO B 461 -16.05 -17.26 45.79
N LEU B 462 -15.93 -15.93 45.79
CA LEU B 462 -15.70 -15.16 44.56
C LEU B 462 -14.48 -14.26 44.77
N HIS B 463 -13.38 -14.59 44.09
CA HIS B 463 -12.09 -13.91 44.23
C HIS B 463 -11.35 -14.10 42.93
N SER B 464 -10.56 -13.10 42.55
CA SER B 464 -9.87 -13.14 41.27
C SER B 464 -8.93 -14.34 41.12
N LEU B 465 -8.46 -14.90 42.22
CA LEU B 465 -7.52 -16.02 42.21
C LEU B 465 -8.23 -17.37 42.28
N MET B 466 -9.56 -17.36 42.36
CA MET B 466 -10.37 -18.56 42.51
C MET B 466 -11.13 -18.78 41.22
N GLN B 467 -11.41 -20.04 40.92
CA GLN B 467 -11.91 -20.36 39.59
C GLN B 467 -13.37 -19.96 39.40
N SER B 468 -14.13 -19.81 40.48
CA SER B 468 -15.58 -19.70 40.41
C SER B 468 -16.05 -18.67 39.39
N GLY B 469 -15.37 -17.53 39.30
CA GLY B 469 -15.76 -16.53 38.32
C GLY B 469 -15.73 -17.03 36.90
N GLU B 470 -14.85 -18.01 36.61
CA GLU B 470 -14.59 -18.51 35.28
C GLU B 470 -15.41 -19.75 34.92
N GLN B 471 -16.26 -20.22 35.82
CA GLN B 471 -17.16 -21.33 35.56
C GLN B 471 -18.58 -20.82 35.53
N GLN B 472 -19.49 -21.71 35.15
CA GLN B 472 -20.84 -21.23 34.86
C GLN B 472 -21.75 -21.28 36.08
N ALA B 473 -21.29 -21.89 37.19
CA ALA B 473 -22.20 -22.24 38.29
C ALA B 473 -22.77 -21.02 38.99
N VAL B 474 -21.90 -20.12 39.47
CA VAL B 474 -22.32 -19.04 40.34
C VAL B 474 -23.33 -18.13 39.66
N PHE B 475 -23.35 -18.08 38.34
CA PHE B 475 -24.30 -17.22 37.65
C PHE B 475 -25.68 -17.86 37.53
N ARG B 476 -25.74 -19.18 37.45
CA ARG B 476 -27.00 -19.89 37.28
C ARG B 476 -27.74 -19.99 38.63
N ARG B 477 -29.07 -20.14 38.56
CA ARG B 477 -29.89 -20.26 39.76
C ARG B 477 -29.67 -21.61 40.44
N PRO B 478 -29.69 -21.66 41.77
CA PRO B 478 -29.25 -22.86 42.50
C PRO B 478 -30.26 -23.99 42.40
N PRO B 479 -29.86 -25.23 42.75
CA PRO B 479 -30.83 -26.32 42.83
C PRO B 479 -31.98 -25.96 43.77
N ALA B 480 -33.19 -26.39 43.41
CA ALA B 480 -34.38 -26.05 44.19
C ALA B 480 -34.23 -26.53 45.64
N GLY B 481 -34.67 -25.69 46.58
CA GLY B 481 -34.47 -25.92 47.99
C GLY B 481 -33.14 -25.49 48.56
N GLN B 482 -32.25 -24.92 47.74
CA GLN B 482 -30.99 -24.34 48.18
C GLN B 482 -30.99 -22.85 47.88
N ARG B 483 -30.49 -22.06 48.83
CA ARG B 483 -30.35 -20.62 48.63
C ARG B 483 -28.91 -20.29 48.30
N LYS B 484 -28.70 -19.57 47.18
CA LYS B 484 -27.36 -19.25 46.69
C LYS B 484 -26.73 -18.13 47.53
N VAL B 485 -25.59 -18.43 48.13
CA VAL B 485 -24.82 -17.52 48.99
C VAL B 485 -23.44 -17.32 48.36
N ILE B 486 -23.16 -16.11 47.90
CA ILE B 486 -21.88 -15.76 47.29
C ILE B 486 -21.05 -14.99 48.30
N ILE B 487 -19.83 -15.46 48.56
CA ILE B 487 -18.87 -14.80 49.45
C ILE B 487 -17.78 -14.21 48.57
N SER B 488 -17.74 -12.89 48.44
CA SER B 488 -17.02 -12.24 47.37
C SER B 488 -16.10 -11.14 47.89
N THR B 489 -15.17 -10.69 47.03
CA THR B 489 -14.45 -9.42 47.15
C THR B 489 -15.11 -8.35 46.28
N ILE B 490 -14.45 -7.19 46.17
CA ILE B 490 -14.99 -6.06 45.41
C ILE B 490 -15.18 -6.39 43.95
N ILE B 491 -14.75 -7.58 43.53
CA ILE B 491 -14.93 -8.02 42.17
C ILE B 491 -16.42 -8.04 41.79
N ALA B 492 -17.31 -8.34 42.75
CA ALA B 492 -18.74 -8.41 42.46
C ALA B 492 -19.41 -7.05 42.45
N GLU B 493 -18.65 -5.97 42.62
CA GLU B 493 -19.21 -4.63 42.64
C GLU B 493 -19.56 -4.14 41.24
N THR B 494 -18.66 -4.32 40.29
CA THR B 494 -18.89 -4.01 38.88
C THR B 494 -18.44 -5.17 38.00
N SER B 495 -17.16 -5.54 38.09
CA SER B 495 -16.54 -6.44 37.12
C SER B 495 -17.34 -7.74 36.92
N VAL B 496 -17.93 -8.30 37.98
CA VAL B 496 -18.71 -9.54 37.91
C VAL B 496 -20.10 -9.28 38.46
N THR B 497 -21.15 -9.56 37.68
CA THR B 497 -22.52 -9.34 38.18
C THR B 497 -23.30 -10.65 38.17
N ILE B 498 -23.96 -10.94 39.29
CA ILE B 498 -24.81 -12.11 39.44
C ILE B 498 -26.24 -11.60 39.54
N ASP B 499 -27.10 -12.09 38.63
CA ASP B 499 -28.38 -11.41 38.38
C ASP B 499 -29.47 -11.73 39.41
N ASP B 500 -29.39 -12.86 40.09
CA ASP B 500 -30.44 -13.28 41.03
C ASP B 500 -30.20 -12.83 42.46
N VAL B 501 -29.22 -11.95 42.72
CA VAL B 501 -28.98 -11.50 44.08
C VAL B 501 -30.10 -10.56 44.51
N VAL B 502 -30.82 -10.94 45.59
CA VAL B 502 -31.76 -10.07 46.28
C VAL B 502 -31.21 -9.46 47.57
N TYR B 503 -30.12 -9.98 48.11
CA TYR B 503 -29.65 -9.57 49.43
C TYR B 503 -28.14 -9.34 49.41
N VAL B 504 -27.71 -8.17 49.85
CA VAL B 504 -26.31 -7.76 49.84
C VAL B 504 -25.88 -7.51 51.26
N ILE B 505 -24.90 -8.28 51.74
CA ILE B 505 -24.27 -8.02 53.03
C ILE B 505 -23.01 -7.24 52.75
N ASN B 506 -22.97 -5.99 53.16
CA ASN B 506 -21.83 -5.12 52.89
C ASN B 506 -21.00 -5.01 54.15
N SER B 507 -19.86 -5.69 54.19
CA SER B 507 -18.99 -5.53 55.36
C SER B 507 -18.41 -4.13 55.45
N GLY B 508 -18.36 -3.41 54.34
CA GLY B 508 -17.78 -2.08 54.35
C GLY B 508 -16.28 -2.05 54.41
N ARG B 509 -15.61 -3.20 54.44
CA ARG B 509 -14.16 -3.30 54.46
C ARG B 509 -13.67 -3.85 53.14
N THR B 510 -12.66 -3.20 52.57
CA THR B 510 -12.01 -3.62 51.35
C THR B 510 -10.50 -3.60 51.61
N LYS B 511 -9.72 -3.94 50.61
CA LYS B 511 -8.29 -3.76 50.67
C LYS B 511 -7.85 -2.72 49.63
N ALA B 512 -6.75 -2.04 49.91
CA ALA B 512 -6.19 -1.04 49.01
C ALA B 512 -4.68 -1.24 48.98
N THR B 513 -4.05 -1.03 47.83
CA THR B 513 -2.61 -0.86 47.78
C THR B 513 -2.28 0.62 47.75
N ASN B 514 -1.48 1.03 48.72
CA ASN B 514 -1.02 2.38 48.82
C ASN B 514 0.49 2.36 48.63
N TYR B 515 1.02 3.43 48.07
CA TYR B 515 2.46 3.58 47.92
C TYR B 515 2.92 4.81 48.68
N ASP B 516 3.82 4.59 49.63
CA ASP B 516 4.43 5.67 50.40
C ASP B 516 5.71 6.06 49.67
N ILE B 517 5.70 7.26 49.10
CA ILE B 517 6.81 7.74 48.28
C ILE B 517 8.08 7.93 49.10
N GLU B 518 7.95 8.28 50.38
CA GLU B 518 9.11 8.68 51.16
C GLU B 518 9.96 7.48 51.54
N THR B 519 9.33 6.41 52.04
CA THR B 519 10.02 5.19 52.46
C THR B 519 10.10 4.14 51.36
N ASN B 520 9.53 4.43 50.18
CA ASN B 520 9.57 3.52 49.02
C ASN B 520 8.99 2.15 49.35
N ILE B 521 7.88 2.13 50.07
CA ILE B 521 7.21 0.88 50.42
C ILE B 521 5.79 0.89 49.86
N GLN B 522 5.44 -0.15 49.10
CA GLN B 522 4.05 -0.40 48.74
C GLN B 522 3.45 -1.36 49.77
N SER B 523 2.25 -1.05 50.24
CA SER B 523 1.59 -1.85 51.25
C SER B 523 0.20 -2.25 50.78
N LEU B 524 -0.28 -3.36 51.33
CA LEU B 524 -1.63 -3.87 51.08
C LEU B 524 -2.36 -3.86 52.42
N ASP B 525 -3.33 -2.95 52.56
CA ASP B 525 -3.96 -2.69 53.84
C ASP B 525 -5.47 -2.83 53.75
N GLU B 526 -6.07 -3.32 54.81
CA GLU B 526 -7.52 -3.36 54.92
C GLU B 526 -8.04 -1.96 55.27
N VAL B 527 -9.03 -1.48 54.53
CA VAL B 527 -9.51 -0.11 54.71
C VAL B 527 -11.03 -0.06 54.59
N TRP B 528 -11.59 1.09 54.99
CA TRP B 528 -13.03 1.27 54.79
C TRP B 528 -13.32 1.59 53.33
N VAL B 529 -14.49 1.18 52.89
CA VAL B 529 -14.92 1.51 51.55
C VAL B 529 -15.26 2.99 51.53
N THR B 530 -15.70 3.48 50.39
CA THR B 530 -16.17 4.85 50.30
C THR B 530 -17.68 4.86 50.19
N LYS B 531 -18.24 6.07 50.19
CA LYS B 531 -19.68 6.17 50.06
C LYS B 531 -20.11 5.61 48.72
N ALA B 532 -19.30 5.83 47.69
CA ALA B 532 -19.62 5.35 46.34
C ALA B 532 -19.59 3.83 46.29
N ASN B 533 -18.65 3.21 46.99
CA ASN B 533 -18.65 1.75 47.04
C ASN B 533 -19.97 1.25 47.59
N THR B 534 -20.40 1.81 48.73
CA THR B 534 -21.66 1.38 49.35
C THR B 534 -22.84 1.63 48.40
N GLN B 535 -22.89 2.82 47.79
CA GLN B 535 -23.93 3.13 46.82
C GLN B 535 -23.99 2.06 45.72
N GLN B 536 -22.82 1.66 45.22
CA GLN B 536 -22.75 0.69 44.13
C GLN B 536 -23.22 -0.68 44.58
N ARG B 537 -22.70 -1.15 45.72
CA ARG B 537 -23.02 -2.47 46.22
C ARG B 537 -24.51 -2.59 46.54
N ARG B 538 -25.14 -1.46 46.87
CA ARG B 538 -26.56 -1.46 47.16
C ARG B 538 -27.35 -1.87 45.93
N GLY B 539 -27.02 -1.29 44.77
CA GLY B 539 -27.72 -1.62 43.54
C GLY B 539 -27.57 -3.07 43.10
N ARG B 540 -26.56 -3.76 43.58
CA ARG B 540 -26.37 -5.14 43.17
C ARG B 540 -27.49 -6.06 43.66
N ALA B 541 -28.33 -5.57 44.57
CA ALA B 541 -29.51 -6.28 45.03
C ALA B 541 -30.78 -5.96 44.24
N GLY B 542 -30.78 -4.88 43.44
CA GLY B 542 -32.00 -4.40 42.85
C GLY B 542 -32.20 -4.68 41.37
N ARG B 543 -31.53 -5.72 40.86
CA ARG B 543 -31.57 -5.99 39.43
C ARG B 543 -32.88 -6.65 38.98
N VAL B 544 -33.41 -7.57 39.78
CA VAL B 544 -34.53 -8.42 39.39
C VAL B 544 -35.80 -8.01 40.12
N ARG B 545 -35.79 -8.07 41.44
CA ARG B 545 -36.90 -7.62 42.27
C ARG B 545 -36.35 -6.72 43.37
N PRO B 546 -37.21 -6.08 44.14
CA PRO B 546 -36.73 -5.22 45.23
C PRO B 546 -36.00 -6.03 46.30
N GLY B 547 -34.79 -5.59 46.63
CA GLY B 547 -33.93 -6.24 47.59
C GLY B 547 -33.67 -5.45 48.86
N ILE B 548 -32.73 -5.96 49.65
CA ILE B 548 -32.25 -5.34 50.87
C ILE B 548 -30.72 -5.34 50.87
N CYS B 549 -30.14 -4.25 51.34
CA CYS B 549 -28.69 -4.10 51.54
C CYS B 549 -28.39 -3.93 53.02
N TYR B 550 -27.68 -4.90 53.61
CA TYR B 550 -27.33 -4.86 55.04
C TYR B 550 -25.90 -4.35 55.21
N ASN B 551 -25.76 -3.15 55.76
CA ASN B 551 -24.45 -2.55 55.99
C ASN B 551 -24.01 -2.80 57.42
N LEU B 552 -22.84 -3.42 57.58
CA LEU B 552 -22.28 -3.83 58.86
C LEU B 552 -21.52 -2.71 59.55
N PHE B 553 -21.81 -1.46 59.21
CA PHE B 553 -21.31 -0.31 59.95
C PHE B 553 -22.47 0.63 60.29
N SER B 554 -22.25 1.46 61.30
CA SER B 554 -23.21 2.46 61.77
C SER B 554 -23.37 3.59 60.76
N ARG B 555 -24.47 4.34 60.90
CA ARG B 555 -24.56 5.56 60.12
C ARG B 555 -23.52 6.58 60.57
N ALA B 556 -22.91 6.34 61.73
CA ALA B 556 -21.86 7.24 62.19
C ALA B 556 -20.59 7.04 61.37
N ARG B 557 -20.31 5.78 61.02
CA ARG B 557 -19.16 5.46 60.18
C ARG B 557 -19.32 5.98 58.77
N GLU B 558 -20.49 5.75 58.15
CA GLU B 558 -20.75 6.28 56.81
C GLU B 558 -20.41 7.75 56.69
N ASP B 559 -20.78 8.56 57.69
CA ASP B 559 -20.52 9.99 57.60
C ASP B 559 -19.03 10.31 57.64
N ARG B 560 -18.20 9.40 58.14
CA ARG B 560 -16.76 9.55 58.14
C ARG B 560 -16.06 9.05 56.87
N MET B 561 -16.75 8.27 56.03
CA MET B 561 -16.14 7.71 54.83
C MET B 561 -15.97 8.77 53.74
N ASP B 562 -14.95 8.58 52.90
CA ASP B 562 -14.68 9.49 51.80
C ASP B 562 -15.75 9.36 50.72
N ASP B 563 -15.87 10.40 49.87
CA ASP B 563 -16.87 10.37 48.80
C ASP B 563 -16.61 9.20 47.84
N ILE B 564 -15.43 9.19 47.24
CA ILE B 564 -15.05 8.23 46.21
C ILE B 564 -13.68 7.73 46.61
N PRO B 565 -13.22 6.61 46.06
CA PRO B 565 -11.86 6.17 46.36
C PRO B 565 -10.87 7.12 45.72
N THR B 566 -9.64 7.04 46.21
CA THR B 566 -8.57 7.87 45.67
C THR B 566 -8.46 7.67 44.16
N PRO B 567 -8.52 8.74 43.37
CA PRO B 567 -8.33 8.59 41.92
C PRO B 567 -7.06 7.79 41.65
N GLU B 568 -7.15 6.81 40.75
CA GLU B 568 -6.10 5.80 40.62
C GLU B 568 -4.76 6.41 40.28
N ILE B 569 -4.74 7.47 39.47
CA ILE B 569 -3.48 8.05 39.01
C ILE B 569 -2.65 8.58 40.16
N LEU B 570 -3.28 8.94 41.26
CA LEU B 570 -2.52 9.39 42.42
C LEU B 570 -1.76 8.23 43.07
N ARG B 571 -2.14 6.98 42.78
CA ARG B 571 -1.49 5.84 43.41
C ARG B 571 -0.48 5.12 42.51
N SER B 572 -0.30 5.57 41.27
CA SER B 572 0.32 4.76 40.23
C SER B 572 1.73 5.22 39.85
N LYS B 573 2.57 4.25 39.46
CA LYS B 573 3.88 4.52 38.88
C LYS B 573 3.76 5.27 37.55
N LEU B 574 4.49 6.37 37.42
CA LEU B 574 4.34 7.28 36.29
C LEU B 574 5.37 7.12 35.16
N GLU B 575 6.30 6.15 35.23
CA GLU B 575 7.21 5.96 34.10
C GLU B 575 6.44 5.81 32.81
N SER B 576 5.50 4.87 32.80
CA SER B 576 4.94 4.48 31.52
C SER B 576 4.23 5.65 30.85
N ILE B 577 3.49 6.45 31.62
CA ILE B 577 2.77 7.60 31.06
C ILE B 577 3.74 8.67 30.59
N ILE B 578 4.71 9.04 31.43
CA ILE B 578 5.65 10.08 31.05
C ILE B 578 6.27 9.75 29.73
N LEU B 579 6.74 8.50 29.59
CA LEU B 579 7.37 8.05 28.36
C LEU B 579 6.38 8.11 27.20
N SER B 580 5.13 7.68 27.43
CA SER B 580 4.15 7.68 26.34
C SER B 580 3.83 9.09 25.86
N LEU B 581 3.78 10.05 26.78
CA LEU B 581 3.53 11.44 26.40
C LEU B 581 4.56 11.95 25.41
N LYS B 582 5.82 11.53 25.50
CA LYS B 582 6.80 12.03 24.55
C LYS B 582 6.38 11.75 23.12
N LEU B 583 5.81 10.56 22.87
CA LEU B 583 5.35 10.26 21.52
C LEU B 583 4.17 11.11 21.08
N LEU B 584 3.45 11.75 22.00
CA LEU B 584 2.39 12.68 21.64
C LEU B 584 2.89 14.12 21.56
N HIS B 585 4.19 14.32 21.71
CA HIS B 585 4.83 15.64 21.72
C HIS B 585 4.36 16.47 22.89
N ILE B 586 4.07 15.82 23.99
CA ILE B 586 3.96 16.46 25.28
C ILE B 586 5.29 16.16 25.99
N ASP B 587 6.19 17.13 25.98
CA ASP B 587 7.55 16.92 26.48
C ASP B 587 7.73 17.36 27.92
N ASP B 588 6.76 18.07 28.52
CA ASP B 588 6.95 18.43 29.91
C ASP B 588 5.92 17.69 30.74
N PRO B 589 6.30 16.59 31.40
CA PRO B 589 5.29 15.82 32.15
C PRO B 589 4.75 16.55 33.34
N TYR B 590 5.59 17.34 34.01
CA TYR B 590 5.13 18.13 35.13
C TYR B 590 4.04 19.12 34.68
N ARG B 591 4.29 19.85 33.60
CA ARG B 591 3.32 20.84 33.15
C ARG B 591 2.00 20.20 32.73
N PHE B 592 2.05 19.09 32.00
CA PHE B 592 0.82 18.47 31.51
C PHE B 592 0.07 17.78 32.64
N LEU B 593 0.76 16.90 33.39
CA LEU B 593 0.04 16.12 34.39
C LEU B 593 -0.63 17.02 35.43
N GLN B 594 -0.11 18.23 35.61
CA GLN B 594 -0.70 19.17 36.52
C GLN B 594 -2.10 19.60 36.06
N THR B 595 -2.46 19.36 34.79
CA THR B 595 -3.75 19.80 34.30
C THR B 595 -4.85 18.75 34.39
N LEU B 596 -4.56 17.57 34.93
CA LEU B 596 -5.61 16.58 35.12
C LEU B 596 -6.60 17.05 36.18
N ILE B 597 -7.78 16.42 36.21
CA ILE B 597 -8.71 16.67 37.31
C ILE B 597 -8.00 16.56 38.66
N ASN B 598 -7.23 15.50 38.87
CA ASN B 598 -6.38 15.41 40.05
C ASN B 598 -4.95 15.26 39.57
N ALA B 599 -4.14 16.30 39.81
CA ALA B 599 -2.74 16.26 39.42
C ALA B 599 -1.96 15.33 40.33
N PRO B 600 -1.14 14.45 39.78
CA PRO B 600 -0.30 13.60 40.63
C PRO B 600 0.72 14.42 41.40
N ASN B 601 1.19 13.85 42.50
CA ASN B 601 2.29 14.46 43.24
C ASN B 601 3.48 14.70 42.34
N PRO B 602 3.95 15.94 42.19
CA PRO B 602 5.14 16.16 41.36
C PRO B 602 6.31 15.34 41.81
N GLU B 603 6.35 14.93 43.07
CA GLU B 603 7.43 14.05 43.49
C GLU B 603 7.33 12.69 42.80
N ALA B 604 6.11 12.23 42.51
CA ALA B 604 5.93 10.97 41.78
C ALA B 604 6.30 11.12 40.30
N ILE B 605 6.04 12.29 39.73
CA ILE B 605 6.52 12.56 38.38
C ILE B 605 8.05 12.48 38.34
N LYS B 606 8.72 13.18 39.26
CA LYS B 606 10.18 13.17 39.32
C LYS B 606 10.72 11.74 39.41
N MET B 607 10.17 10.95 40.32
CA MET B 607 10.68 9.61 40.53
C MET B 607 10.51 8.76 39.28
N GLY B 608 9.49 9.07 38.48
CA GLY B 608 9.32 8.37 37.23
C GLY B 608 10.36 8.73 36.20
N VAL B 609 10.67 10.02 36.07
CA VAL B 609 11.70 10.44 35.11
C VAL B 609 13.05 9.83 35.48
N GLU B 610 13.39 9.82 36.78
CA GLU B 610 14.71 9.32 37.18
C GLU B 610 14.88 7.84 36.84
N LEU B 611 13.80 7.06 36.99
CA LEU B 611 13.80 5.68 36.54
C LEU B 611 14.07 5.60 35.03
N LEU B 612 13.44 6.49 34.25
CA LEU B 612 13.60 6.43 32.81
C LEU B 612 15.01 6.84 32.41
N LYS B 613 15.61 7.76 33.17
CA LYS B 613 17.01 8.10 32.93
C LYS B 613 17.89 6.92 33.30
N ARG B 614 17.52 6.20 34.35
CA ARG B 614 18.38 5.13 34.83
C ARG B 614 18.51 4.01 33.82
N ILE B 615 17.39 3.60 33.19
CA ILE B 615 17.39 2.59 32.13
C ILE B 615 17.66 3.20 30.75
N GLU B 616 17.97 4.49 30.71
CA GLU B 616 18.46 5.21 29.53
C GLU B 616 17.42 5.25 28.42
N ALA B 617 16.15 5.39 28.81
CA ALA B 617 15.08 5.78 27.89
C ALA B 617 15.03 7.29 27.67
N LEU B 618 15.48 8.07 28.64
CA LEU B 618 15.69 9.51 28.49
C LEU B 618 17.12 9.85 28.83
N ASP B 619 17.68 10.83 28.13
CA ASP B 619 19.04 11.27 28.42
C ASP B 619 19.04 12.26 29.58
N GLN B 620 20.22 12.80 29.94
CA GLN B 620 20.30 13.61 31.16
C GLN B 620 19.41 14.84 31.10
N THR B 621 19.25 15.44 29.93
CA THR B 621 18.39 16.60 29.81
C THR B 621 16.93 16.21 29.78
N GLY B 622 16.65 14.91 29.87
CA GLY B 622 15.31 14.37 29.91
C GLY B 622 14.66 14.12 28.57
N THR B 623 15.38 14.36 27.47
CA THR B 623 14.82 14.14 26.13
C THR B 623 14.80 12.66 25.79
N LEU B 624 13.88 12.29 24.91
CA LEU B 624 13.74 10.90 24.53
C LEU B 624 15.03 10.40 23.89
N THR B 625 15.47 9.23 24.31
CA THR B 625 16.55 8.58 23.58
C THR B 625 15.97 7.63 22.54
N PRO B 626 16.75 7.22 21.53
CA PRO B 626 16.21 6.19 20.63
C PRO B 626 15.76 4.93 21.35
N LEU B 627 16.52 4.40 22.31
CA LEU B 627 16.00 3.26 23.06
C LEU B 627 14.61 3.59 23.61
N GLY B 628 14.48 4.79 24.19
CA GLY B 628 13.23 5.20 24.79
C GLY B 628 12.10 5.32 23.79
N MET B 629 12.39 5.67 22.53
CA MET B 629 11.31 5.70 21.56
C MET B 629 10.82 4.29 21.27
N HIS B 630 11.74 3.32 21.20
CA HIS B 630 11.31 1.93 21.06
C HIS B 630 10.44 1.51 22.23
N LEU B 631 10.90 1.76 23.45
CA LEU B 631 10.15 1.34 24.61
C LEU B 631 8.74 1.93 24.61
N ALA B 632 8.62 3.22 24.26
CA ALA B 632 7.32 3.92 24.24
C ALA B 632 6.31 3.27 23.32
N LYS B 633 6.79 2.52 22.34
CA LYS B 633 6.03 1.80 21.33
C LYS B 633 5.75 0.33 21.71
N LEU B 634 6.01 -0.10 22.97
CA LEU B 634 5.65 -1.46 23.33
C LEU B 634 4.60 -1.42 24.44
N PRO B 635 3.59 -2.27 24.38
CA PRO B 635 2.49 -2.21 25.35
C PRO B 635 2.87 -2.84 26.68
N ILE B 636 3.94 -2.34 27.27
CA ILE B 636 4.45 -2.90 28.50
C ILE B 636 5.28 -1.83 29.16
N ASP B 637 5.45 -1.94 30.48
CA ASP B 637 6.27 -1.01 31.24
C ASP B 637 7.70 -0.98 30.70
N PRO B 638 8.37 0.17 30.74
CA PRO B 638 9.65 0.29 30.02
C PRO B 638 10.74 -0.63 30.55
N GLN B 639 10.75 -0.93 31.83
CA GLN B 639 11.71 -1.90 32.31
C GLN B 639 11.50 -3.25 31.63
N MET B 640 10.27 -3.69 31.55
CA MET B 640 10.10 -5.01 30.96
C MET B 640 10.20 -4.97 29.45
N GLY B 641 9.79 -3.89 28.81
CA GLY B 641 10.09 -3.74 27.40
C GLY B 641 11.57 -3.79 27.12
N LYS B 642 12.38 -3.17 27.98
CA LYS B 642 13.82 -3.23 27.74
C LYS B 642 14.31 -4.67 27.82
N MET B 643 13.83 -5.42 28.81
CA MET B 643 14.13 -6.83 28.97
C MET B 643 13.86 -7.60 27.69
N ILE B 644 12.65 -7.41 27.15
CA ILE B 644 12.21 -8.11 25.95
C ILE B 644 13.13 -7.80 24.78
N LEU B 645 13.54 -6.53 24.63
CA LEU B 645 14.51 -6.21 23.58
C LEU B 645 15.79 -7.00 23.77
N MET B 646 16.33 -6.97 24.99
CA MET B 646 17.57 -7.68 25.26
C MET B 646 17.42 -9.11 24.77
N SER B 647 16.28 -9.72 25.08
CA SER B 647 16.08 -11.12 24.75
C SER B 647 16.12 -11.37 23.26
N ALA B 648 15.74 -10.38 22.45
CA ALA B 648 15.92 -10.48 21.00
C ALA B 648 17.40 -10.45 20.66
N LEU B 649 18.16 -9.56 21.27
CA LEU B 649 19.59 -9.47 20.97
C LEU B 649 20.34 -10.67 21.50
N PHE B 650 19.93 -11.21 22.64
CA PHE B 650 20.60 -12.33 23.29
C PHE B 650 19.96 -13.67 23.01
N CYS B 651 18.94 -13.70 22.14
CA CYS B 651 18.40 -14.94 21.58
C CYS B 651 17.74 -15.85 22.61
N CYS B 652 17.16 -15.29 23.66
CA CYS B 652 16.29 -16.01 24.59
C CYS B 652 14.81 -15.62 24.49
N LEU B 653 14.36 -15.10 23.33
CA LEU B 653 13.05 -14.48 23.19
C LEU B 653 11.88 -15.22 23.85
N ASP B 654 11.79 -16.55 23.73
CA ASP B 654 10.61 -17.24 24.26
C ASP B 654 10.54 -17.22 25.79
N PRO B 655 11.56 -17.65 26.54
CA PRO B 655 11.42 -17.61 28.00
C PRO B 655 11.23 -16.19 28.51
N ILE B 656 11.90 -15.22 27.91
CA ILE B 656 11.91 -13.87 28.46
C ILE B 656 10.56 -13.22 28.29
N THR B 657 9.96 -13.29 27.08
CA THR B 657 8.64 -12.73 26.85
C THR B 657 7.58 -13.41 27.71
N SER B 658 7.82 -14.68 28.07
CA SER B 658 6.97 -15.34 29.05
C SER B 658 7.03 -14.64 30.41
N ALA B 659 8.25 -14.45 30.93
CA ALA B 659 8.39 -13.68 32.16
C ALA B 659 7.79 -12.30 32.02
N ALA B 660 8.04 -11.65 30.88
CA ALA B 660 7.53 -10.29 30.69
C ALA B 660 6.02 -10.28 30.76
N ALA B 661 5.36 -11.18 30.02
CA ALA B 661 3.90 -11.18 29.98
C ALA B 661 3.31 -11.54 31.33
N ALA B 662 3.94 -12.44 32.06
CA ALA B 662 3.32 -12.86 33.32
C ALA B 662 3.38 -11.76 34.36
N LEU B 663 4.45 -10.95 34.32
CA LEU B 663 4.58 -9.82 35.23
C LEU B 663 3.66 -8.69 34.83
N SER B 664 3.44 -8.52 33.53
CA SER B 664 2.55 -7.47 33.10
C SER B 664 1.10 -7.84 33.38
N PHE B 665 0.71 -9.08 33.08
CA PHE B 665 -0.69 -9.45 33.24
C PHE B 665 -0.94 -10.18 34.55
N LYS B 666 -0.83 -11.50 34.62
CA LYS B 666 -0.92 -12.21 35.90
C LYS B 666 -0.41 -13.63 35.72
N SER B 667 -0.19 -14.31 36.85
CA SER B 667 0.14 -15.73 36.85
C SER B 667 -1.07 -16.56 36.46
N PRO B 668 -0.87 -17.65 35.72
CA PRO B 668 -1.96 -18.57 35.37
C PRO B 668 -2.50 -19.44 36.52
N PHE B 669 -1.79 -19.52 37.65
CA PHE B 669 -2.22 -20.38 38.76
C PHE B 669 -3.36 -19.75 39.57
N TYR B 670 -4.44 -20.51 39.72
CA TYR B 670 -5.46 -20.29 40.76
C TYR B 670 -4.88 -20.54 42.14
N SER B 671 -5.59 -20.06 43.17
CA SER B 671 -5.35 -20.47 44.55
C SER B 671 -6.67 -20.87 45.20
N PRO B 672 -7.22 -22.03 44.82
CA PRO B 672 -8.54 -22.41 45.33
C PRO B 672 -8.49 -22.72 46.81
N LEU B 673 -9.66 -22.68 47.44
CA LEU B 673 -9.74 -22.78 48.90
C LEU B 673 -9.27 -24.14 49.39
N GLY B 674 -8.42 -24.11 50.42
CA GLY B 674 -7.93 -25.30 51.06
C GLY B 674 -6.84 -26.02 50.30
N LYS B 675 -6.66 -25.73 49.03
CA LYS B 675 -5.67 -26.39 48.20
C LYS B 675 -4.31 -25.71 48.23
N GLU B 676 -4.11 -24.73 49.12
CA GLU B 676 -2.90 -23.90 49.11
C GLU B 676 -1.64 -24.74 48.96
N SER B 677 -1.45 -25.70 49.88
CA SER B 677 -0.22 -26.49 49.87
C SER B 677 -0.15 -27.43 48.67
N ARG B 678 -1.30 -27.89 48.17
CA ARG B 678 -1.29 -28.65 46.91
C ARG B 678 -0.79 -27.77 45.77
N VAL B 679 -1.21 -26.51 45.75
CA VAL B 679 -0.78 -25.58 44.71
C VAL B 679 0.68 -25.19 44.91
N ASP B 680 1.11 -24.99 46.18
CA ASP B 680 2.54 -24.79 46.45
C ASP B 680 3.38 -25.94 45.92
N GLU B 681 2.82 -27.15 45.88
CA GLU B 681 3.55 -28.26 45.30
C GLU B 681 3.60 -28.16 43.78
N ILE B 682 2.47 -27.86 43.14
CA ILE B 682 2.45 -27.80 41.67
C ILE B 682 3.45 -26.77 41.18
N LYS B 683 3.52 -25.64 41.88
CA LYS B 683 4.48 -24.60 41.51
C LYS B 683 5.91 -25.08 41.68
N ARG B 684 6.25 -25.63 42.85
CA ARG B 684 7.60 -26.13 43.05
C ARG B 684 7.99 -27.09 41.93
N ARG B 685 7.04 -27.93 41.52
CA ARG B 685 7.31 -28.93 40.48
C ARG B 685 7.51 -28.27 39.13
N MET B 686 6.59 -27.38 38.74
CA MET B 686 6.75 -26.65 37.47
C MET B 686 8.00 -25.78 37.48
N ALA B 687 8.40 -25.29 38.66
CA ALA B 687 9.58 -24.43 38.74
C ALA B 687 10.84 -25.16 38.29
N ARG B 688 10.83 -26.51 38.36
CA ARG B 688 11.95 -27.33 37.93
C ARG B 688 13.24 -26.90 38.62
N ASN B 689 13.10 -26.54 39.89
CA ASN B 689 14.23 -26.32 40.77
C ASN B 689 15.14 -25.20 40.25
N MET B 690 14.61 -24.35 39.37
CA MET B 690 15.36 -23.25 38.78
C MET B 690 15.35 -22.02 39.66
N ARG B 691 14.69 -22.09 40.82
CA ARG B 691 14.65 -21.03 41.83
C ARG B 691 14.14 -19.69 41.28
N SER B 692 13.25 -19.72 40.30
CA SER B 692 12.64 -18.50 39.76
C SER B 692 11.15 -18.65 39.58
N ASP B 693 10.38 -17.72 40.16
CA ASP B 693 8.96 -17.65 39.83
C ASP B 693 8.76 -17.41 38.34
N HIS B 694 9.65 -16.63 37.73
CA HIS B 694 9.43 -16.18 36.37
C HIS B 694 9.69 -17.30 35.36
N LEU B 695 10.83 -17.97 35.47
CA LEU B 695 11.03 -19.12 34.60
C LEU B 695 9.94 -20.18 34.83
N MET B 696 9.48 -20.29 36.09
CA MET B 696 8.40 -21.21 36.44
C MET B 696 7.16 -21.00 35.58
N VAL B 697 6.81 -19.74 35.31
CA VAL B 697 5.68 -19.45 34.43
C VAL B 697 5.97 -19.97 33.03
N HIS B 698 7.17 -19.72 32.51
CA HIS B 698 7.51 -20.19 31.17
C HIS B 698 7.41 -21.71 31.06
N ASN B 699 8.00 -22.44 32.01
CA ASN B 699 7.89 -23.89 32.01
C ASN B 699 6.44 -24.30 31.95
N THR B 700 5.58 -23.56 32.67
CA THR B 700 4.15 -23.83 32.64
C THR B 700 3.60 -23.61 31.23
N ILE B 701 4.06 -22.58 30.53
CA ILE B 701 3.58 -22.35 29.17
C ILE B 701 4.11 -23.41 28.22
N ILE B 702 5.37 -23.83 28.40
CA ILE B 702 5.89 -24.99 27.66
C ILE B 702 5.03 -26.22 27.93
N ALA B 703 4.72 -26.47 29.21
CA ALA B 703 3.82 -27.57 29.56
C ALA B 703 2.42 -27.38 28.96
N TYR B 704 1.91 -26.15 28.93
CA TYR B 704 0.58 -25.92 28.39
C TYR B 704 0.52 -26.24 26.90
N ARG B 705 1.51 -25.77 26.14
CA ARG B 705 1.55 -26.07 24.71
C ARG B 705 1.57 -27.57 24.46
N ASP B 706 2.40 -28.31 25.21
CA ASP B 706 2.50 -29.76 25.03
C ASP B 706 1.16 -30.43 25.28
N SER B 707 0.42 -29.96 26.28
CA SER B 707 -0.90 -30.51 26.55
C SER B 707 -1.89 -30.17 25.45
N ARG B 708 -1.69 -29.08 24.73
CA ARG B 708 -2.58 -28.84 23.60
C ARG B 708 -2.22 -29.75 22.43
N TYR B 709 -0.93 -29.92 22.17
CA TYR B 709 -0.48 -30.88 21.18
C TYR B 709 -0.98 -32.30 21.48
N SER B 710 -1.14 -32.65 22.76
CA SER B 710 -1.54 -33.99 23.18
C SER B 710 -3.04 -34.13 23.38
N HIS B 711 -3.81 -33.09 23.09
CA HIS B 711 -5.25 -33.02 23.32
C HIS B 711 -5.62 -33.40 24.77
N ALA B 712 -4.66 -33.26 25.68
CA ALA B 712 -4.81 -33.45 27.12
C ALA B 712 -5.06 -32.13 27.85
N GLU B 713 -5.33 -31.06 27.10
CA GLU B 713 -5.30 -29.69 27.62
C GLU B 713 -6.14 -29.53 28.88
N ARG B 714 -7.41 -29.94 28.82
CA ARG B 714 -8.30 -29.75 29.96
C ARG B 714 -7.83 -30.55 31.16
N ASP B 715 -7.47 -31.82 30.95
CA ASP B 715 -6.85 -32.63 31.99
C ASP B 715 -5.64 -31.93 32.59
N PHE B 716 -4.71 -31.49 31.73
CA PHE B 716 -3.53 -30.78 32.19
C PHE B 716 -3.90 -29.55 33.04
N CYS B 717 -4.83 -28.74 32.56
CA CYS B 717 -5.19 -27.55 33.32
C CYS B 717 -5.89 -27.88 34.63
N TYR B 718 -6.59 -29.01 34.68
CA TYR B 718 -7.23 -29.40 35.93
C TYR B 718 -6.19 -29.86 36.96
N LYS B 719 -5.32 -30.80 36.57
CA LYS B 719 -4.34 -31.34 37.51
C LYS B 719 -3.51 -30.23 38.15
N ASN B 720 -3.17 -29.21 37.37
CA ASN B 720 -2.23 -28.19 37.82
C ASN B 720 -2.86 -26.89 38.30
N PHE B 721 -4.19 -26.81 38.38
CA PHE B 721 -4.87 -25.63 38.91
C PHE B 721 -4.50 -24.38 38.11
N LEU B 722 -4.59 -24.50 36.79
CA LEU B 722 -4.16 -23.45 35.87
C LEU B 722 -5.36 -22.97 35.06
N SER B 723 -5.44 -21.66 34.84
CA SER B 723 -6.49 -21.09 34.02
C SER B 723 -6.03 -21.13 32.58
N SER B 724 -6.72 -21.91 31.72
CA SER B 724 -6.32 -21.87 30.32
C SER B 724 -6.68 -20.53 29.67
N MET B 725 -7.66 -19.81 30.23
CA MET B 725 -7.98 -18.47 29.74
C MET B 725 -6.80 -17.53 29.93
N THR B 726 -6.17 -17.59 31.09
CA THR B 726 -4.96 -16.79 31.33
C THR B 726 -3.85 -17.23 30.40
N LEU B 727 -3.64 -18.55 30.29
CA LEU B 727 -2.54 -19.08 29.50
C LEU B 727 -2.68 -18.69 28.05
N GLN B 728 -3.89 -18.77 27.49
CA GLN B 728 -4.06 -18.37 26.09
C GLN B 728 -3.78 -16.89 25.92
N GLN B 729 -4.06 -16.08 26.95
CA GLN B 729 -3.80 -14.66 26.86
C GLN B 729 -2.31 -14.33 26.97
N LEU B 730 -1.61 -14.95 27.92
CA LEU B 730 -0.15 -14.84 27.95
C LEU B 730 0.45 -15.21 26.58
N GLU B 731 -0.01 -16.33 26.03
CA GLU B 731 0.47 -16.72 24.71
C GLU B 731 0.16 -15.65 23.66
N ARG B 732 -1.00 -14.99 23.75
CA ARG B 732 -1.30 -13.94 22.78
C ARG B 732 -0.40 -12.73 22.96
N MET B 733 -0.17 -12.33 24.21
CA MET B 733 0.75 -11.24 24.48
C MET B 733 2.15 -11.54 23.95
N LYS B 734 2.64 -12.77 24.16
CA LYS B 734 3.97 -13.13 23.66
C LYS B 734 4.07 -12.98 22.15
N ASN B 735 3.07 -13.47 21.42
CA ASN B 735 3.10 -13.31 19.97
C ASN B 735 3.01 -11.85 19.56
N GLN B 736 2.38 -11.01 20.39
CA GLN B 736 2.32 -9.57 20.11
C GLN B 736 3.68 -8.91 20.30
N PHE B 737 4.39 -9.24 21.38
CA PHE B 737 5.75 -8.75 21.53
C PHE B 737 6.64 -9.25 20.39
N SER B 738 6.41 -10.48 19.94
CA SER B 738 7.16 -11.06 18.83
C SER B 738 7.02 -10.20 17.59
N GLU B 739 5.76 -9.93 17.20
CA GLU B 739 5.48 -9.22 15.97
C GLU B 739 5.97 -7.79 16.03
N LEU B 740 5.73 -7.11 17.17
CA LEU B 740 6.20 -5.73 17.29
C LEU B 740 7.71 -5.66 17.12
N LEU B 741 8.43 -6.56 17.78
CA LEU B 741 9.88 -6.61 17.65
C LEU B 741 10.30 -6.96 16.22
N TYR B 742 9.64 -7.96 15.60
CA TYR B 742 9.90 -8.22 14.19
C TYR B 742 9.59 -7.00 13.33
N ASN B 743 8.48 -6.31 13.60
CA ASN B 743 8.16 -5.10 12.83
C ASN B 743 9.18 -3.98 13.04
N TYR B 744 9.79 -3.87 14.22
CA TYR B 744 10.78 -2.84 14.49
C TYR B 744 12.18 -3.20 14.00
N LYS B 745 12.33 -4.36 13.35
CA LYS B 745 13.56 -4.92 12.80
C LYS B 745 14.54 -5.42 13.88
N PHE B 746 14.06 -5.78 15.08
CA PHE B 746 14.89 -6.45 16.08
C PHE B 746 14.91 -7.98 15.96
N LEU B 747 13.99 -8.58 15.21
CA LEU B 747 13.93 -10.02 15.03
C LEU B 747 13.82 -10.33 13.55
N ALA B 748 14.38 -11.47 13.15
CA ALA B 748 14.28 -11.92 11.77
C ALA B 748 12.96 -12.65 11.49
N SER B 749 12.21 -13.02 12.53
CA SER B 749 10.95 -13.73 12.44
C SER B 749 10.04 -13.23 13.56
N SER B 750 8.74 -13.14 13.26
CA SER B 750 7.73 -12.72 14.23
C SER B 750 7.23 -13.86 15.11
N ASN B 751 7.78 -15.05 15.00
CA ASN B 751 7.38 -16.18 15.84
C ASN B 751 8.24 -16.20 17.12
N CYS B 752 7.60 -16.16 18.29
CA CYS B 752 8.50 -16.20 19.44
C CYS B 752 9.07 -17.57 19.65
N LYS B 753 8.53 -18.57 18.98
CA LYS B 753 9.10 -19.90 19.08
C LYS B 753 10.17 -20.14 18.04
N ASP B 754 10.39 -19.17 17.14
CA ASP B 754 11.34 -19.34 16.07
C ASP B 754 12.71 -19.77 16.59
N ALA B 755 13.32 -20.72 15.88
CA ALA B 755 14.55 -21.34 16.35
C ALA B 755 15.69 -20.35 16.45
N ALA B 756 15.77 -19.41 15.50
CA ALA B 756 16.84 -18.41 15.53
C ALA B 756 16.75 -17.54 16.78
N SER B 757 15.55 -17.07 17.11
CA SER B 757 15.39 -16.20 18.28
C SER B 757 15.68 -16.91 19.59
N ASN B 758 15.69 -18.24 19.58
CA ASN B 758 15.81 -19.03 20.81
C ASN B 758 17.10 -19.83 21.03
N LYS B 759 18.14 -19.64 20.22
CA LYS B 759 19.36 -20.43 20.40
C LYS B 759 19.87 -20.46 21.83
N ASN B 760 19.69 -19.39 22.58
CA ASN B 760 20.16 -19.40 23.97
C ASN B 760 19.09 -19.79 24.97
N SER B 761 17.85 -19.98 24.53
CA SER B 761 16.73 -20.06 25.46
C SER B 761 16.87 -21.19 26.45
N GLU B 762 17.79 -22.13 26.18
CA GLU B 762 18.06 -23.25 27.04
C GLU B 762 19.13 -22.94 28.07
N LYS B 763 19.86 -21.84 27.94
CA LYS B 763 21.02 -21.60 28.79
C LYS B 763 20.57 -20.80 30.01
N ILE B 764 20.42 -21.48 31.15
CA ILE B 764 19.69 -20.86 32.25
C ILE B 764 20.44 -19.66 32.82
N PRO B 765 21.77 -19.71 32.96
CA PRO B 765 22.44 -18.51 33.49
C PRO B 765 22.27 -17.27 32.60
N LEU B 766 22.20 -17.44 31.27
CA LEU B 766 21.88 -16.31 30.40
C LEU B 766 20.47 -15.80 30.62
N LEU B 767 19.52 -16.72 30.84
CA LEU B 767 18.14 -16.31 31.12
C LEU B 767 18.08 -15.45 32.37
N ARG B 768 18.78 -15.88 33.42
CA ARG B 768 18.79 -15.09 34.64
C ARG B 768 19.38 -13.71 34.41
N ALA B 769 20.36 -13.62 33.51
CA ALA B 769 21.01 -12.34 33.20
C ALA B 769 20.05 -11.36 32.53
N ILE B 770 19.29 -11.83 31.53
CA ILE B 770 18.35 -10.92 30.86
C ILE B 770 17.23 -10.55 31.81
N ILE B 771 16.72 -11.52 32.60
CA ILE B 771 15.70 -11.19 33.60
C ILE B 771 16.19 -10.13 34.57
N GLY B 772 17.43 -10.26 35.06
CA GLY B 772 17.97 -9.24 35.93
C GLY B 772 18.06 -7.89 35.24
N ALA B 773 18.39 -7.91 33.95
CA ALA B 773 18.45 -6.67 33.19
C ALA B 773 17.09 -5.97 33.23
N GLY B 774 16.02 -6.73 33.33
CA GLY B 774 14.69 -6.15 33.44
C GLY B 774 14.33 -5.66 34.83
N LEU B 775 14.61 -6.46 35.87
CA LEU B 775 14.17 -6.17 37.22
C LEU B 775 15.15 -5.32 38.05
N TYR B 776 16.39 -5.14 37.57
CA TYR B 776 17.37 -4.28 38.20
C TYR B 776 16.83 -2.82 38.17
N PRO B 777 17.09 -2.04 39.23
CA PRO B 777 17.90 -2.41 40.38
C PRO B 777 17.19 -3.02 41.59
N ASN B 778 16.27 -3.97 41.45
CA ASN B 778 15.67 -4.56 42.64
C ASN B 778 16.47 -5.78 43.02
N MET B 779 17.22 -5.69 44.10
CA MET B 779 18.09 -6.79 44.47
C MET B 779 17.88 -7.14 45.93
N ALA B 780 18.11 -8.40 46.25
CA ALA B 780 18.01 -8.89 47.61
C ALA B 780 19.14 -9.88 47.84
N HIS B 781 19.59 -9.96 49.08
CA HIS B 781 20.72 -10.80 49.46
C HIS B 781 20.30 -11.67 50.63
N LEU B 782 20.63 -12.95 50.57
CA LEU B 782 20.20 -13.93 51.57
C LEU B 782 21.41 -14.32 52.39
N ARG B 783 21.36 -14.07 53.72
CA ARG B 783 22.44 -14.39 54.66
C ARG B 783 22.21 -15.63 55.53
N LYS B 784 21.07 -16.32 55.45
CA LYS B 784 20.68 -17.29 56.49
C LYS B 784 20.47 -18.73 55.99
N SER B 785 20.08 -19.57 56.94
CA SER B 785 20.02 -21.02 56.84
C SER B 785 18.99 -21.55 57.83
N ARG B 786 18.58 -22.80 57.61
CA ARG B 786 17.74 -23.58 58.52
C ARG B 786 17.41 -24.96 57.91
N ARG B 793 10.64 -26.67 55.94
CA ARG B 793 11.00 -25.30 55.62
C ARG B 793 12.29 -24.85 56.26
N ALA B 794 12.72 -23.67 55.82
CA ALA B 794 13.87 -22.96 56.34
C ALA B 794 13.46 -21.52 56.64
N ILE B 795 14.26 -20.85 57.49
CA ILE B 795 14.04 -19.46 57.87
C ILE B 795 15.05 -18.58 57.15
N HIS B 796 14.65 -17.39 56.71
CA HIS B 796 15.49 -16.56 55.87
C HIS B 796 15.77 -15.21 56.52
N THR B 797 17.05 -14.87 56.61
CA THR B 797 17.49 -13.50 56.82
C THR B 797 17.89 -12.98 55.45
N MET B 798 17.14 -12.01 54.96
CA MET B 798 17.38 -11.50 53.63
C MET B 798 16.98 -10.04 53.68
N ALA B 799 17.72 -9.20 52.98
CA ALA B 799 17.39 -7.79 52.93
C ALA B 799 17.54 -7.28 51.51
N THR B 800 16.73 -6.29 51.15
CA THR B 800 16.83 -5.67 49.86
C THR B 800 18.12 -4.86 49.77
N ASP B 801 18.36 -4.25 48.59
CA ASP B 801 19.53 -3.41 48.40
C ASP B 801 19.52 -2.19 49.33
N ASP B 802 18.36 -1.83 49.86
CA ASP B 802 18.21 -0.69 50.76
C ASP B 802 18.39 -1.05 52.22
N GLY B 803 18.61 -2.33 52.53
CA GLY B 803 18.88 -2.79 53.87
C GLY B 803 17.70 -3.38 54.60
N ARG B 804 16.48 -3.07 54.18
CA ARG B 804 15.28 -3.47 54.89
C ARG B 804 15.05 -4.98 54.86
N ARG B 805 14.50 -5.51 55.94
CA ARG B 805 14.24 -6.94 56.00
C ARG B 805 13.07 -7.33 55.10
N VAL B 806 13.25 -8.45 54.36
CA VAL B 806 12.24 -9.00 53.46
C VAL B 806 12.25 -10.53 53.53
N ASN B 807 11.13 -11.12 53.12
CA ASN B 807 11.03 -12.55 52.88
C ASN B 807 10.31 -12.81 51.57
N PHE B 808 10.52 -14.01 51.04
CA PHE B 808 9.74 -14.45 49.91
C PHE B 808 8.28 -14.61 50.33
N HIS B 809 7.38 -14.02 49.57
CA HIS B 809 5.96 -14.22 49.85
C HIS B 809 5.66 -15.71 49.80
N PRO B 810 4.80 -16.22 50.68
CA PRO B 810 4.48 -17.65 50.67
C PRO B 810 3.97 -18.18 49.34
N SER B 811 3.46 -17.32 48.45
CA SER B 811 3.06 -17.78 47.14
C SER B 811 4.24 -17.91 46.18
N SER B 812 5.39 -17.30 46.49
CA SER B 812 6.58 -17.40 45.66
C SER B 812 7.23 -18.74 45.83
N VAL B 813 7.77 -19.30 44.73
CA VAL B 813 8.41 -20.61 44.81
C VAL B 813 9.67 -20.62 45.66
N ASN B 814 10.20 -19.46 46.03
CA ASN B 814 11.40 -19.46 46.83
C ASN B 814 11.13 -19.44 48.34
N SER B 815 9.88 -19.43 48.79
CA SER B 815 9.61 -19.26 50.22
C SER B 815 9.98 -20.53 50.96
N GLY B 816 10.80 -20.39 51.99
CA GLY B 816 11.17 -21.54 52.80
C GLY B 816 12.17 -22.48 52.16
N GLU B 817 12.57 -22.24 50.92
CA GLU B 817 13.54 -23.11 50.26
C GLU B 817 14.92 -22.97 50.90
N SER B 818 15.74 -23.99 50.70
CA SER B 818 17.11 -23.98 51.17
C SER B 818 18.03 -24.54 50.08
N GLY B 819 19.32 -24.30 50.23
CA GLY B 819 20.27 -24.79 49.25
C GLY B 819 20.34 -24.01 47.96
N PHE B 820 20.32 -22.68 48.03
CA PHE B 820 20.45 -21.88 46.81
C PHE B 820 21.90 -21.79 46.34
N ASP B 821 22.09 -21.98 45.03
CA ASP B 821 23.41 -21.87 44.40
C ASP B 821 23.98 -20.47 44.50
N SER B 822 23.14 -19.47 44.68
CA SER B 822 23.52 -18.06 44.79
C SER B 822 22.71 -17.40 45.89
N ALA B 823 23.29 -16.36 46.48
CA ALA B 823 22.64 -15.65 47.57
C ALA B 823 21.88 -14.43 47.12
N TYR B 824 21.80 -14.17 45.82
CA TYR B 824 21.19 -12.93 45.37
C TYR B 824 19.94 -13.22 44.54
N PHE B 825 19.00 -12.27 44.60
CA PHE B 825 17.69 -12.38 43.95
C PHE B 825 17.29 -11.03 43.41
N VAL B 826 16.53 -11.04 42.31
CA VAL B 826 15.88 -9.85 41.79
C VAL B 826 14.37 -10.08 41.83
N TYR B 827 13.62 -8.98 41.86
CA TYR B 827 12.19 -9.05 42.09
C TYR B 827 11.48 -7.91 41.37
N PHE B 828 10.24 -8.17 40.94
CA PHE B 828 9.42 -7.14 40.32
C PHE B 828 8.67 -6.28 41.34
N GLN B 829 8.11 -6.90 42.36
CA GLN B 829 7.21 -6.21 43.29
C GLN B 829 7.55 -6.55 44.74
N ARG B 830 7.71 -5.53 45.57
CA ARG B 830 7.93 -5.71 47.00
C ARG B 830 6.73 -5.13 47.75
N GLN B 831 6.16 -5.91 48.67
CA GLN B 831 4.90 -5.49 49.26
C GLN B 831 4.78 -5.87 50.74
N LYS B 832 4.25 -4.92 51.51
CA LYS B 832 4.06 -5.08 52.96
C LYS B 832 2.63 -5.46 53.26
N SER B 833 2.45 -6.60 53.93
CA SER B 833 1.18 -6.85 54.62
C SER B 833 1.43 -7.20 56.08
N THR B 834 1.74 -8.47 56.33
CA THR B 834 2.12 -8.96 57.65
C THR B 834 3.63 -9.05 57.79
N ASP B 835 4.35 -8.67 56.74
CA ASP B 835 5.80 -8.58 56.68
C ASP B 835 6.12 -7.84 55.39
N LEU B 836 7.39 -7.56 55.16
CA LEU B 836 7.81 -7.01 53.88
C LEU B 836 8.17 -8.19 52.99
N PHE B 837 7.36 -8.44 51.97
CA PHE B 837 7.46 -9.64 51.15
C PHE B 837 7.92 -9.30 49.75
N LEU B 838 8.69 -10.23 49.17
CA LEU B 838 8.96 -10.25 47.72
C LEU B 838 7.94 -11.16 47.06
N LEU B 839 7.03 -10.58 46.26
CA LEU B 839 5.93 -11.33 45.66
C LEU B 839 6.39 -12.32 44.60
N ASP B 840 7.55 -12.07 44.00
CA ASP B 840 8.13 -12.88 42.93
C ASP B 840 9.64 -12.71 43.03
N SER B 841 10.40 -13.72 42.64
CA SER B 841 11.85 -13.58 42.72
C SER B 841 12.52 -14.46 41.67
N THR B 842 13.75 -14.08 41.33
CA THR B 842 14.63 -14.93 40.54
C THR B 842 16.02 -14.94 41.14
N MET B 843 16.59 -16.13 41.34
CA MET B 843 17.98 -16.24 41.80
C MET B 843 18.95 -15.83 40.68
N VAL B 844 19.85 -14.88 40.99
CA VAL B 844 20.76 -14.30 39.99
C VAL B 844 22.19 -14.51 40.44
N PHE B 845 23.13 -14.33 39.50
CA PHE B 845 24.52 -14.47 39.90
C PHE B 845 25.24 -13.13 39.78
N PRO B 846 26.22 -12.85 40.66
CA PRO B 846 26.86 -11.52 40.66
C PRO B 846 27.48 -11.09 39.32
N MET B 847 28.08 -12.01 38.58
CA MET B 847 28.69 -11.60 37.32
C MET B 847 27.63 -11.07 36.35
N ALA B 848 26.40 -11.55 36.44
CA ALA B 848 25.32 -11.03 35.59
C ALA B 848 24.89 -9.64 36.03
N LEU B 849 24.72 -9.44 37.35
CA LEU B 849 24.39 -8.11 37.84
C LEU B 849 25.45 -7.10 37.42
N ILE B 850 26.73 -7.45 37.60
CA ILE B 850 27.79 -6.51 37.27
C ILE B 850 27.74 -6.09 35.80
N ILE B 851 27.55 -7.05 34.89
CA ILE B 851 27.56 -6.73 33.46
C ILE B 851 26.39 -5.84 33.09
N PHE B 852 25.17 -6.21 33.54
CA PHE B 852 23.94 -5.56 33.12
C PHE B 852 23.46 -4.45 34.06
N GLY B 853 24.12 -4.28 35.19
CA GLY B 853 23.76 -3.24 36.15
C GLY B 853 24.49 -1.94 35.88
N ASP B 854 24.51 -1.10 36.90
CA ASP B 854 25.29 0.14 36.92
C ASP B 854 25.82 0.35 38.33
N GLY B 855 26.51 1.47 38.56
CA GLY B 855 27.21 1.63 39.82
C GLY B 855 28.34 0.63 39.96
N VAL B 856 29.02 0.33 38.88
CA VAL B 856 30.10 -0.64 38.86
C VAL B 856 31.42 0.09 38.89
N GLU B 857 32.27 -0.27 39.86
CA GLU B 857 33.65 0.18 39.88
C GLU B 857 34.51 -0.95 40.44
N ALA B 858 35.80 -0.90 40.11
CA ALA B 858 36.80 -1.82 40.63
C ALA B 858 37.73 -1.09 41.59
N GLY B 859 38.23 -1.80 42.60
CA GLY B 859 39.08 -1.18 43.59
C GLY B 859 39.71 -2.15 44.57
N VAL B 860 40.22 -1.59 45.68
CA VAL B 860 40.79 -2.33 46.81
C VAL B 860 40.26 -1.70 48.09
N THR B 861 39.58 -2.48 48.92
CA THR B 861 38.99 -1.92 50.14
C THR B 861 39.85 -2.22 51.36
N GLN B 862 40.09 -3.50 51.69
CA GLN B 862 41.08 -3.63 52.75
C GLN B 862 42.43 -3.90 52.13
N ASN B 863 42.80 -5.16 52.01
CA ASN B 863 43.90 -5.53 51.15
C ASN B 863 43.48 -6.46 50.03
N THR B 864 42.16 -6.63 49.83
CA THR B 864 41.48 -7.42 48.81
C THR B 864 41.08 -6.54 47.63
N PRO B 865 41.35 -6.95 46.38
CA PRO B 865 40.76 -6.27 45.23
C PRO B 865 39.30 -6.69 45.02
N TYR B 866 38.47 -5.72 44.64
CA TYR B 866 37.03 -5.93 44.59
C TYR B 866 36.45 -5.49 43.24
N LEU B 867 35.20 -5.91 43.03
CA LEU B 867 34.35 -5.40 41.96
C LEU B 867 32.94 -5.27 42.54
N CYS B 868 32.33 -4.12 42.34
CA CYS B 868 31.05 -3.89 42.98
C CYS B 868 29.93 -3.70 41.97
N VAL B 869 28.72 -3.60 42.49
CA VAL B 869 27.57 -3.24 41.67
C VAL B 869 26.64 -2.42 42.54
N ALA B 870 25.99 -1.42 41.93
CA ALA B 870 25.09 -0.49 42.62
C ALA B 870 25.78 0.27 43.73
N LYS B 871 27.13 0.34 43.69
CA LYS B 871 27.92 0.89 44.79
C LYS B 871 27.37 0.38 46.11
N THR B 872 26.94 -0.89 46.10
CA THR B 872 26.30 -1.52 47.24
C THR B 872 26.91 -2.88 47.52
N TYR B 873 26.82 -3.80 46.56
CA TYR B 873 27.31 -5.17 46.73
C TYR B 873 28.74 -5.28 46.19
N TYR B 874 29.70 -5.59 47.07
CA TYR B 874 31.12 -5.66 46.72
C TYR B 874 31.59 -7.11 46.70
N PHE B 875 32.21 -7.53 45.59
CA PHE B 875 32.64 -8.91 45.35
C PHE B 875 34.15 -8.97 45.13
N LYS B 876 34.79 -10.03 45.64
CA LYS B 876 36.22 -10.18 45.45
C LYS B 876 36.49 -10.46 43.99
N CYS B 877 37.30 -9.63 43.36
CA CYS B 877 37.61 -9.84 41.95
C CYS B 877 39.05 -9.42 41.70
N ASN B 878 39.78 -10.25 40.95
CA ASN B 878 41.15 -9.88 40.67
C ASN B 878 41.15 -8.76 39.62
N ARG B 879 42.33 -8.22 39.34
CA ARG B 879 42.32 -7.05 38.49
C ARG B 879 42.16 -7.45 37.03
N GLU B 880 42.71 -8.60 36.60
CA GLU B 880 42.57 -8.96 35.19
C GLU B 880 41.10 -9.08 34.82
N THR B 881 40.30 -9.71 35.68
CA THR B 881 38.88 -9.87 35.40
C THR B 881 38.17 -8.53 35.44
N ALA B 882 38.41 -7.75 36.50
CA ALA B 882 37.84 -6.41 36.60
C ALA B 882 38.11 -5.59 35.34
N ASP B 883 39.34 -5.59 34.85
CA ASP B 883 39.64 -4.73 33.71
C ASP B 883 38.96 -5.23 32.45
N VAL B 884 38.69 -6.54 32.38
CA VAL B 884 37.98 -7.09 31.23
C VAL B 884 36.49 -6.84 31.32
N VAL B 885 35.89 -7.14 32.49
CA VAL B 885 34.45 -6.96 32.69
C VAL B 885 34.05 -5.52 32.34
N ILE B 886 34.88 -4.55 32.73
CA ILE B 886 34.62 -3.14 32.45
C ILE B 886 34.76 -2.84 30.95
N GLN B 887 35.81 -3.36 30.31
CA GLN B 887 35.93 -3.23 28.86
C GLN B 887 34.70 -3.85 28.18
N LEU B 888 34.18 -4.92 28.78
CA LEU B 888 32.98 -5.57 28.27
C LEU B 888 31.76 -4.67 28.37
N ARG B 889 31.59 -3.99 29.51
CA ARG B 889 30.41 -3.14 29.70
C ARG B 889 30.40 -1.95 28.74
N SER B 890 31.58 -1.32 28.51
CA SER B 890 31.68 -0.29 27.49
C SER B 890 31.17 -0.81 26.16
N ASN B 891 31.68 -1.96 25.73
CA ASN B 891 31.27 -2.49 24.44
C ASN B 891 29.80 -2.85 24.42
N LEU B 892 29.27 -3.39 25.52
CA LEU B 892 27.84 -3.66 25.58
C LEU B 892 27.05 -2.36 25.42
N GLU B 893 27.52 -1.27 26.04
CA GLU B 893 26.81 0.00 25.89
C GLU B 893 26.83 0.50 24.44
N LYS B 894 28.03 0.54 23.85
CA LYS B 894 28.17 0.95 22.45
C LYS B 894 27.28 0.11 21.52
N LEU B 895 27.11 -1.18 21.82
CA LEU B 895 26.23 -2.00 20.98
C LEU B 895 24.78 -1.56 21.08
N LEU B 896 24.28 -1.47 22.31
CA LEU B 896 22.89 -1.12 22.57
C LEU B 896 22.53 0.22 21.94
N LEU B 897 23.35 1.25 22.18
CA LEU B 897 23.13 2.53 21.51
C LEU B 897 23.04 2.37 20.00
N LYS B 898 23.96 1.60 19.41
CA LYS B 898 23.89 1.34 17.98
C LYS B 898 22.62 0.57 17.62
N LYS B 899 22.32 -0.51 18.35
CA LYS B 899 21.15 -1.30 17.97
C LYS B 899 19.88 -0.47 18.02
N ALA B 900 19.75 0.40 19.02
CA ALA B 900 18.53 1.20 19.11
C ALA B 900 18.43 2.20 17.97
N LEU B 901 19.54 2.84 17.56
CA LEU B 901 19.45 3.84 16.49
C LEU B 901 19.24 3.19 15.13
N TYR B 902 19.90 2.07 14.90
CA TYR B 902 19.89 1.39 13.62
C TYR B 902 19.42 -0.04 13.86
N PRO B 903 18.13 -0.20 14.12
CA PRO B 903 17.60 -1.53 14.41
C PRO B 903 17.86 -2.45 13.24
N ALA B 904 18.31 -3.65 13.57
CA ALA B 904 18.57 -4.70 12.64
C ALA B 904 18.90 -5.93 13.45
N PRO B 905 18.43 -7.12 13.06
CA PRO B 905 18.75 -8.33 13.82
C PRO B 905 20.24 -8.54 13.89
N ILE B 906 20.71 -9.10 15.00
CA ILE B 906 22.13 -9.44 15.13
C ILE B 906 22.44 -10.63 14.24
N GLU B 907 23.39 -10.45 13.31
CA GLU B 907 23.80 -11.51 12.37
C GLU B 907 24.52 -12.64 13.09
N GLU B 908 24.22 -13.88 12.70
CA GLU B 908 24.79 -15.03 13.42
C GLU B 908 26.31 -15.11 13.29
N ASN B 909 26.88 -14.75 12.14
CA ASN B 909 28.34 -14.77 12.01
C ASN B 909 29.04 -13.41 12.08
N GLY B 910 28.31 -12.31 12.30
CA GLY B 910 28.90 -10.98 12.16
C GLY B 910 29.74 -10.51 13.33
N TYR B 911 30.09 -9.21 13.27
CA TYR B 911 30.89 -8.57 14.31
C TYR B 911 30.13 -8.46 15.62
N GLU B 912 28.88 -8.02 15.57
CA GLU B 912 28.11 -7.82 16.80
C GLU B 912 27.98 -9.12 17.58
N LYS B 913 27.80 -10.24 16.87
CA LYS B 913 27.57 -11.51 17.56
C LYS B 913 28.77 -11.91 18.41
N GLN B 914 29.98 -11.51 18.02
CA GLN B 914 31.16 -11.84 18.81
C GLN B 914 31.05 -11.23 20.20
N LEU B 915 30.58 -10.00 20.29
CA LEU B 915 30.38 -9.39 21.60
C LEU B 915 29.27 -10.11 22.37
N ILE B 916 28.27 -10.64 21.67
CA ILE B 916 27.27 -11.45 22.36
C ILE B 916 27.92 -12.69 22.95
N LYS B 917 28.73 -13.39 22.14
CA LYS B 917 29.36 -14.63 22.59
C LYS B 917 30.34 -14.39 23.74
N ALA B 918 30.96 -13.21 23.78
CA ALA B 918 31.78 -12.86 24.93
C ALA B 918 30.95 -12.86 26.20
N ILE B 919 29.73 -12.35 26.12
CA ILE B 919 28.89 -12.28 27.31
C ILE B 919 28.29 -13.65 27.65
N GLU B 920 27.88 -14.40 26.62
CA GLU B 920 27.41 -15.76 26.82
C GLU B 920 28.41 -16.58 27.63
N LEU B 921 29.69 -16.50 27.24
CA LEU B 921 30.76 -17.28 27.86
C LEU B 921 30.90 -16.97 29.33
N LEU B 922 31.17 -15.69 29.66
CA LEU B 922 31.31 -15.26 31.04
C LEU B 922 30.13 -15.65 31.90
N LEU B 923 28.90 -15.55 31.36
CA LEU B 923 27.73 -15.85 32.17
C LEU B 923 27.59 -17.34 32.44
N SER B 924 28.09 -18.18 31.53
CA SER B 924 27.98 -19.63 31.67
C SER B 924 28.91 -20.20 32.72
N LEU B 925 29.88 -19.44 33.20
CA LEU B 925 30.77 -19.97 34.22
C LEU B 925 30.01 -20.35 35.48
N ASP B 926 28.80 -19.82 35.67
CA ASP B 926 27.94 -20.06 36.83
C ASP B 926 26.98 -21.23 36.65
N GLU B 927 27.12 -22.03 35.59
CA GLU B 927 26.19 -23.14 35.39
C GLU B 927 26.22 -24.10 36.57
N ARG B 928 25.07 -24.74 36.80
CA ARG B 928 24.92 -25.71 37.89
C ARG B 928 25.54 -27.04 37.44
N LEU B 929 26.58 -27.46 38.13
CA LEU B 929 27.28 -28.69 37.78
C LEU B 929 26.61 -29.89 38.45
#